data_3KFY
# 
_entry.id   3KFY 
# 
_audit_conform.dict_name       mmcif_pdbx.dic 
_audit_conform.dict_version    5.378 
_audit_conform.dict_location   http://mmcif.pdb.org/dictionaries/ascii/mmcif_pdbx.dic 
# 
loop_
_database_2.database_id 
_database_2.database_code 
_database_2.pdbx_database_accession 
_database_2.pdbx_DOI 
PDB   3KFY         pdb_00003kfy 10.2210/pdb3kfy/pdb 
RCSB  RCSB055943   ?            ?                   
WWPDB D_1000055943 ?            ?                   
# 
loop_
_pdbx_database_related.db_name 
_pdbx_database_related.db_id 
_pdbx_database_related.details 
_pdbx_database_related.content_type 
PDB 1DHF . unspecified 
PDB 3K45 . unspecified 
# 
_pdbx_database_status.status_code                     REL 
_pdbx_database_status.entry_id                        3KFY 
_pdbx_database_status.recvd_initial_deposition_date   2009-10-28 
_pdbx_database_status.deposit_site                    RCSB 
_pdbx_database_status.process_site                    RCSB 
_pdbx_database_status.status_code_sf                  REL 
_pdbx_database_status.status_code_mr                  ? 
_pdbx_database_status.SG_entry                        ? 
_pdbx_database_status.status_code_cs                  ? 
_pdbx_database_status.pdb_format_compatible           Y 
_pdbx_database_status.status_code_nmr_data            ? 
_pdbx_database_status.methods_development_category    ? 
# 
loop_
_audit_author.name 
_audit_author.pdbx_ordinal 
'Collins, E.J.'   1 
'Lee, A.L.'       2 
'Carroll, M.J.'   3 
'Gromova, A.V.'   4 
'Miller, K.R.'    5 
'Singleton, S.F.' 6 
# 
_citation.id                        primary 
_citation.title                     'Dynamic switching and partial occupancies of a small molecule inhibitor complex of DHFR' 
_citation.journal_abbrev            'To be Published' 
_citation.journal_volume            ? 
_citation.page_first                ? 
_citation.page_last                 ? 
_citation.year                      ? 
_citation.journal_id_ASTM           ? 
_citation.country                   ? 
_citation.journal_id_ISSN           ? 
_citation.journal_id_CSD            0353 
_citation.book_publisher            ? 
_citation.pdbx_database_id_PubMed   ? 
_citation.pdbx_database_id_DOI      ? 
# 
loop_
_citation_author.citation_id 
_citation_author.name 
_citation_author.ordinal 
_citation_author.identifier_ORCID 
primary 'Collins, E.J.'   1 ? 
primary 'Lee, A.L.'       2 ? 
primary 'Carroll, M.J.'   3 ? 
primary 'Gromova, A.V.'   4 ? 
primary 'Miller, K.R.'    5 ? 
primary 'Singleton, S.F.' 6 ? 
# 
_cell.entry_id           3KFY 
_cell.length_a           34.230 
_cell.length_b           44.890 
_cell.length_c           98.010 
_cell.angle_alpha        90.00 
_cell.angle_beta         90.00 
_cell.angle_gamma        90.00 
_cell.Z_PDB              4 
_cell.pdbx_unique_axis   ? 
_cell.length_a_esd       ? 
_cell.length_b_esd       ? 
_cell.length_c_esd       ? 
_cell.angle_alpha_esd    ? 
_cell.angle_beta_esd     ? 
_cell.angle_gamma_esd    ? 
# 
_symmetry.entry_id                         3KFY 
_symmetry.space_group_name_H-M             'P 21 21 21' 
_symmetry.pdbx_full_space_group_name_H-M   ? 
_symmetry.cell_setting                     ? 
_symmetry.Int_Tables_number                19 
_symmetry.space_group_name_Hall            ? 
# 
loop_
_entity.id 
_entity.type 
_entity.src_method 
_entity.pdbx_description 
_entity.formula_weight 
_entity.pdbx_number_of_molecules 
_entity.pdbx_ec 
_entity.pdbx_mutation 
_entity.pdbx_fragment 
_entity.details 
1 polymer     nat 'Dihydrofolate reductase'                                   18020.326 1   1.5.1.3 ? ? ? 
2 non-polymer syn 'NADPH DIHYDRO-NICOTINAMIDE-ADENINE-DINUCLEOTIDE PHOSPHATE' 745.421   1   ?       ? ? ? 
3 non-polymer syn '5-[(4-chlorophenyl)sulfanyl]quinazoline-2,4-diamine'       302.782   1   ?       ? ? ? 
4 non-polymer syn 'CALCIUM ION'                                               40.078    3   ?       ? ? ? 
5 water       nat water                                                       18.015    136 ?       ? ? ? 
# 
_entity_poly.entity_id                      1 
_entity_poly.type                           'polypeptide(L)' 
_entity_poly.nstd_linkage                   no 
_entity_poly.nstd_monomer                   no 
_entity_poly.pdbx_seq_one_letter_code       
;MISLIAALAVDRVIGMENAMPWNLPADLAWFKRNTLDKPVIMGRHTWESIGRPLPGRKNIILSSQPGTDDRVTWVKSVDE
AIAACGDVPEIMVIGGGRVYEQFLPKAQKLYLTHIDAEVEGDTHFPDYEPDDWESVFSEFHDADAQNSHSYCFEILERR
;
_entity_poly.pdbx_seq_one_letter_code_can   
;MISLIAALAVDRVIGMENAMPWNLPADLAWFKRNTLDKPVIMGRHTWESIGRPLPGRKNIILSSQPGTDDRVTWVKSVDE
AIAACGDVPEIMVIGGGRVYEQFLPKAQKLYLTHIDAEVEGDTHFPDYEPDDWESVFSEFHDADAQNSHSYCFEILERR
;
_entity_poly.pdbx_strand_id                 A 
_entity_poly.pdbx_target_identifier         ? 
# 
loop_
_entity_poly_seq.entity_id 
_entity_poly_seq.num 
_entity_poly_seq.mon_id 
_entity_poly_seq.hetero 
1 1   MET n 
1 2   ILE n 
1 3   SER n 
1 4   LEU n 
1 5   ILE n 
1 6   ALA n 
1 7   ALA n 
1 8   LEU n 
1 9   ALA n 
1 10  VAL n 
1 11  ASP n 
1 12  ARG n 
1 13  VAL n 
1 14  ILE n 
1 15  GLY n 
1 16  MET n 
1 17  GLU n 
1 18  ASN n 
1 19  ALA n 
1 20  MET n 
1 21  PRO n 
1 22  TRP n 
1 23  ASN n 
1 24  LEU n 
1 25  PRO n 
1 26  ALA n 
1 27  ASP n 
1 28  LEU n 
1 29  ALA n 
1 30  TRP n 
1 31  PHE n 
1 32  LYS n 
1 33  ARG n 
1 34  ASN n 
1 35  THR n 
1 36  LEU n 
1 37  ASP n 
1 38  LYS n 
1 39  PRO n 
1 40  VAL n 
1 41  ILE n 
1 42  MET n 
1 43  GLY n 
1 44  ARG n 
1 45  HIS n 
1 46  THR n 
1 47  TRP n 
1 48  GLU n 
1 49  SER n 
1 50  ILE n 
1 51  GLY n 
1 52  ARG n 
1 53  PRO n 
1 54  LEU n 
1 55  PRO n 
1 56  GLY n 
1 57  ARG n 
1 58  LYS n 
1 59  ASN n 
1 60  ILE n 
1 61  ILE n 
1 62  LEU n 
1 63  SER n 
1 64  SER n 
1 65  GLN n 
1 66  PRO n 
1 67  GLY n 
1 68  THR n 
1 69  ASP n 
1 70  ASP n 
1 71  ARG n 
1 72  VAL n 
1 73  THR n 
1 74  TRP n 
1 75  VAL n 
1 76  LYS n 
1 77  SER n 
1 78  VAL n 
1 79  ASP n 
1 80  GLU n 
1 81  ALA n 
1 82  ILE n 
1 83  ALA n 
1 84  ALA n 
1 85  CYS n 
1 86  GLY n 
1 87  ASP n 
1 88  VAL n 
1 89  PRO n 
1 90  GLU n 
1 91  ILE n 
1 92  MET n 
1 93  VAL n 
1 94  ILE n 
1 95  GLY n 
1 96  GLY n 
1 97  GLY n 
1 98  ARG n 
1 99  VAL n 
1 100 TYR n 
1 101 GLU n 
1 102 GLN n 
1 103 PHE n 
1 104 LEU n 
1 105 PRO n 
1 106 LYS n 
1 107 ALA n 
1 108 GLN n 
1 109 LYS n 
1 110 LEU n 
1 111 TYR n 
1 112 LEU n 
1 113 THR n 
1 114 HIS n 
1 115 ILE n 
1 116 ASP n 
1 117 ALA n 
1 118 GLU n 
1 119 VAL n 
1 120 GLU n 
1 121 GLY n 
1 122 ASP n 
1 123 THR n 
1 124 HIS n 
1 125 PHE n 
1 126 PRO n 
1 127 ASP n 
1 128 TYR n 
1 129 GLU n 
1 130 PRO n 
1 131 ASP n 
1 132 ASP n 
1 133 TRP n 
1 134 GLU n 
1 135 SER n 
1 136 VAL n 
1 137 PHE n 
1 138 SER n 
1 139 GLU n 
1 140 PHE n 
1 141 HIS n 
1 142 ASP n 
1 143 ALA n 
1 144 ASP n 
1 145 ALA n 
1 146 GLN n 
1 147 ASN n 
1 148 SER n 
1 149 HIS n 
1 150 SER n 
1 151 TYR n 
1 152 CYS n 
1 153 PHE n 
1 154 GLU n 
1 155 ILE n 
1 156 LEU n 
1 157 GLU n 
1 158 ARG n 
1 159 ARG n 
# 
_entity_src_nat.entity_id                  1 
_entity_src_nat.pdbx_src_id                1 
_entity_src_nat.pdbx_alt_source_flag       sample 
_entity_src_nat.pdbx_beg_seq_num           ? 
_entity_src_nat.pdbx_end_seq_num           ? 
_entity_src_nat.common_name                ? 
_entity_src_nat.pdbx_organism_scientific   'Escherichia coli' 
_entity_src_nat.pdbx_ncbi_taxonomy_id      83333 
_entity_src_nat.genus                      ? 
_entity_src_nat.species                    ? 
_entity_src_nat.strain                     K12 
_entity_src_nat.tissue                     ? 
_entity_src_nat.tissue_fraction            ? 
_entity_src_nat.pdbx_secretion             ? 
_entity_src_nat.pdbx_fragment              ? 
_entity_src_nat.pdbx_variant               ? 
_entity_src_nat.pdbx_cell_line             ? 
_entity_src_nat.pdbx_atcc                  ? 
_entity_src_nat.pdbx_cellular_location     ? 
_entity_src_nat.pdbx_organ                 ? 
_entity_src_nat.pdbx_organelle             ? 
_entity_src_nat.pdbx_cell                  ? 
_entity_src_nat.pdbx_plasmid_name          ? 
_entity_src_nat.pdbx_plasmid_details       ? 
_entity_src_nat.details                    ? 
# 
_struct_ref.id                         1 
_struct_ref.db_name                    UNP 
_struct_ref.db_code                    DYR_ECOLI 
_struct_ref.pdbx_db_accession          P0ABQ4 
_struct_ref.entity_id                  1 
_struct_ref.pdbx_seq_one_letter_code   
;MISLIAALAVDRVIGMENAMPWNLPADLAWFKRNTLNKPVIMGRHTWESIGRPLPGRKNIILSSQPGTDDRVTWVKSVDE
AIAACGDVPEIMVIGGGRVYEQFLPKAQKLYLTHIDAEVEGDTHFPDYEPDDWESVFSEFHDADAQNSHSYCFEILERR
;
_struct_ref.pdbx_align_begin           1 
_struct_ref.pdbx_db_isoform            ? 
# 
_struct_ref_seq.align_id                      1 
_struct_ref_seq.ref_id                        1 
_struct_ref_seq.pdbx_PDB_id_code              3KFY 
_struct_ref_seq.pdbx_strand_id                A 
_struct_ref_seq.seq_align_beg                 1 
_struct_ref_seq.pdbx_seq_align_beg_ins_code   ? 
_struct_ref_seq.seq_align_end                 159 
_struct_ref_seq.pdbx_seq_align_end_ins_code   ? 
_struct_ref_seq.pdbx_db_accession             P0ABQ4 
_struct_ref_seq.db_align_beg                  1 
_struct_ref_seq.pdbx_db_align_beg_ins_code    ? 
_struct_ref_seq.db_align_end                  159 
_struct_ref_seq.pdbx_db_align_end_ins_code    ? 
_struct_ref_seq.pdbx_auth_seq_align_beg       1 
_struct_ref_seq.pdbx_auth_seq_align_end       159 
# 
_struct_ref_seq_dif.align_id                     1 
_struct_ref_seq_dif.pdbx_pdb_id_code             3KFY 
_struct_ref_seq_dif.mon_id                       ASP 
_struct_ref_seq_dif.pdbx_pdb_strand_id           A 
_struct_ref_seq_dif.seq_num                      37 
_struct_ref_seq_dif.pdbx_pdb_ins_code            ? 
_struct_ref_seq_dif.pdbx_seq_db_name             UNP 
_struct_ref_seq_dif.pdbx_seq_db_accession_code   P0ABQ4 
_struct_ref_seq_dif.db_mon_id                    ASN 
_struct_ref_seq_dif.pdbx_seq_db_seq_num          37 
_struct_ref_seq_dif.details                      variant 
_struct_ref_seq_dif.pdbx_auth_seq_num            37 
_struct_ref_seq_dif.pdbx_ordinal                 1 
# 
loop_
_chem_comp.id 
_chem_comp.type 
_chem_comp.mon_nstd_flag 
_chem_comp.name 
_chem_comp.pdbx_synonyms 
_chem_comp.formula 
_chem_comp.formula_weight 
ALA 'L-peptide linking' y ALANINE                                                     ? 'C3 H7 N O2'        89.093  
ARG 'L-peptide linking' y ARGININE                                                    ? 'C6 H15 N4 O2 1'    175.209 
ASN 'L-peptide linking' y ASPARAGINE                                                  ? 'C4 H8 N2 O3'       132.118 
ASP 'L-peptide linking' y 'ASPARTIC ACID'                                             ? 'C4 H7 N O4'        133.103 
CA  non-polymer         . 'CALCIUM ION'                                               ? 'Ca 2'              40.078  
CYS 'L-peptide linking' y CYSTEINE                                                    ? 'C3 H7 N O2 S'      121.158 
GLN 'L-peptide linking' y GLUTAMINE                                                   ? 'C5 H10 N2 O3'      146.144 
GLU 'L-peptide linking' y 'GLUTAMIC ACID'                                             ? 'C5 H9 N O4'        147.129 
GLY 'peptide linking'   y GLYCINE                                                     ? 'C2 H5 N O2'        75.067  
HIS 'L-peptide linking' y HISTIDINE                                                   ? 'C6 H10 N3 O2 1'    156.162 
HOH non-polymer         . WATER                                                       ? 'H2 O'              18.015  
ILE 'L-peptide linking' y ISOLEUCINE                                                  ? 'C6 H13 N O2'       131.173 
JZM non-polymer         . '5-[(4-chlorophenyl)sulfanyl]quinazoline-2,4-diamine'       ? 'C14 H11 Cl N4 S'   302.782 
LEU 'L-peptide linking' y LEUCINE                                                     ? 'C6 H13 N O2'       131.173 
LYS 'L-peptide linking' y LYSINE                                                      ? 'C6 H15 N2 O2 1'    147.195 
MET 'L-peptide linking' y METHIONINE                                                  ? 'C5 H11 N O2 S'     149.211 
NDP non-polymer         . 'NADPH DIHYDRO-NICOTINAMIDE-ADENINE-DINUCLEOTIDE PHOSPHATE' ? 'C21 H30 N7 O17 P3' 745.421 
PHE 'L-peptide linking' y PHENYLALANINE                                               ? 'C9 H11 N O2'       165.189 
PRO 'L-peptide linking' y PROLINE                                                     ? 'C5 H9 N O2'        115.130 
SER 'L-peptide linking' y SERINE                                                      ? 'C3 H7 N O3'        105.093 
THR 'L-peptide linking' y THREONINE                                                   ? 'C4 H9 N O3'        119.119 
TRP 'L-peptide linking' y TRYPTOPHAN                                                  ? 'C11 H12 N2 O2'     204.225 
TYR 'L-peptide linking' y TYROSINE                                                    ? 'C9 H11 N O3'       181.189 
VAL 'L-peptide linking' y VALINE                                                      ? 'C5 H11 N O2'       117.146 
# 
_exptl.entry_id          3KFY 
_exptl.method            'X-RAY DIFFRACTION' 
_exptl.crystals_number   1 
# 
_exptl_crystal.id                    1 
_exptl_crystal.density_meas          ? 
_exptl_crystal.density_Matthews      2.09 
_exptl_crystal.density_percent_sol   41.09 
_exptl_crystal.description           ? 
_exptl_crystal.F_000                 ? 
_exptl_crystal.preparation           ? 
# 
_exptl_crystal_grow.crystal_id      1 
_exptl_crystal_grow.method          'VAPOR DIFFUSION, HANGING DROP' 
_exptl_crystal_grow.temp            298 
_exptl_crystal_grow.temp_details    ? 
_exptl_crystal_grow.pH              8.0 
_exptl_crystal_grow.pdbx_pH_range   ? 
_exptl_crystal_grow.pdbx_details    
;30 mg/mL DHFR, 20 mM imidazole at pH 8, 350 mM CaCl2, and 29% PEG-6000, with microseeding.  Concentration to 30mg/ml in the presence of inhibitor., VAPOR DIFFUSION, HANGING DROP, temperature 298K
;
# 
_diffrn.id                     1 
_diffrn.ambient_temp           100 
_diffrn.ambient_temp_details   ? 
_diffrn.crystal_id             1 
# 
_diffrn_detector.diffrn_id              1 
_diffrn_detector.detector               CCD 
_diffrn_detector.type                   'RIGAKU SATURN 944' 
_diffrn_detector.pdbx_collection_date   2009-06-01 
_diffrn_detector.details                'confocal blue' 
# 
_diffrn_radiation.diffrn_id                        1 
_diffrn_radiation.wavelength_id                    1 
_diffrn_radiation.pdbx_monochromatic_or_laue_m_l   M 
_diffrn_radiation.monochromator                    ? 
_diffrn_radiation.pdbx_diffrn_protocol             'SINGLE WAVELENGTH' 
_diffrn_radiation.pdbx_scattering_type             x-ray 
# 
_diffrn_radiation_wavelength.id           1 
_diffrn_radiation_wavelength.wavelength   1.5418 
_diffrn_radiation_wavelength.wt           1.0 
# 
_diffrn_source.diffrn_id                   1 
_diffrn_source.source                      'ROTATING ANODE' 
_diffrn_source.type                        'RIGAKU MICROMAX-007 HF' 
_diffrn_source.pdbx_synchrotron_site       ? 
_diffrn_source.pdbx_synchrotron_beamline   ? 
_diffrn_source.pdbx_wavelength             ? 
_diffrn_source.pdbx_wavelength_list        1.5418 
# 
_reflns.entry_id                     3KFY 
_reflns.observed_criterion_sigma_I   22.8 
_reflns.observed_criterion_sigma_F   32.6 
_reflns.d_resolution_low             33 
_reflns.d_resolution_high            1.76 
_reflns.number_obs                   12164 
_reflns.number_all                   15555 
_reflns.percent_possible_obs         78.2 
_reflns.pdbx_Rmerge_I_obs            .036 
_reflns.pdbx_Rsym_value              ? 
_reflns.pdbx_netI_over_sigmaI        ? 
_reflns.B_iso_Wilson_estimate        21.58 
_reflns.pdbx_redundancy              3.2 
_reflns.R_free_details               ? 
_reflns.limit_h_max                  ? 
_reflns.limit_h_min                  ? 
_reflns.limit_k_max                  ? 
_reflns.limit_k_min                  ? 
_reflns.limit_l_max                  ? 
_reflns.limit_l_min                  ? 
_reflns.observed_criterion_F_max     ? 
_reflns.observed_criterion_F_min     ? 
_reflns.pdbx_chi_squared             ? 
_reflns.pdbx_scaling_rejects         ? 
_reflns.pdbx_diffrn_id               1 
_reflns.pdbx_ordinal                 1 
# 
_reflns_shell.d_res_high             1.76 
_reflns_shell.d_res_low              1.83 
_reflns_shell.percent_possible_all   12.2 
_reflns_shell.Rmerge_I_obs           .095 
_reflns_shell.pdbx_Rsym_value        ? 
_reflns_shell.meanI_over_sigI_obs    3.8 
_reflns_shell.pdbx_redundancy        1.2 
_reflns_shell.percent_possible_obs   ? 
_reflns_shell.number_unique_all      ? 
_reflns_shell.number_measured_all    ? 
_reflns_shell.number_measured_obs    ? 
_reflns_shell.number_unique_obs      ? 
_reflns_shell.pdbx_chi_squared       ? 
_reflns_shell.pdbx_diffrn_id         ? 
_reflns_shell.pdbx_ordinal           1 
# 
_refine.pdbx_refine_id                           'X-RAY DIFFRACTION' 
_refine.entry_id                                 3KFY 
_refine.ls_number_reflns_obs                     8993 
_refine.ls_number_reflns_all                     15555 
_refine.pdbx_ls_sigma_I                          ? 
_refine.pdbx_ls_sigma_F                          0.0 
_refine.pdbx_data_cutoff_high_absF               ? 
_refine.pdbx_data_cutoff_low_absF                ? 
_refine.pdbx_data_cutoff_high_rms_absF           ? 
_refine.ls_d_res_low                             23.63 
_refine.ls_d_res_high                            2.08 
_refine.ls_percent_reflns_obs                    ? 
_refine.ls_R_factor_obs                          0.1968 
_refine.ls_R_factor_all                          ? 
_refine.ls_R_factor_R_work                       0.1944 
_refine.ls_R_factor_R_free                       0.2426 
_refine.ls_R_factor_R_free_error                 ? 
_refine.ls_R_factor_R_free_error_details         ? 
_refine.ls_percent_reflns_R_free                 4.99 
_refine.ls_number_reflns_R_free                  449 
_refine.ls_number_parameters                     ? 
_refine.ls_number_restraints                     ? 
_refine.occupancy_min                            ? 
_refine.occupancy_max                            ? 
_refine.correlation_coeff_Fo_to_Fc               0.9287 
_refine.correlation_coeff_Fo_to_Fc_free          0.8997 
_refine.B_iso_mean                               19.77 
_refine.aniso_B[1][1]                            0.2525 
_refine.aniso_B[2][2]                            -2.6686 
_refine.aniso_B[3][3]                            2.4162 
_refine.aniso_B[1][2]                            0.0000 
_refine.aniso_B[1][3]                            0.0000 
_refine.aniso_B[2][3]                            0.0000 
_refine.solvent_model_details                    ? 
_refine.solvent_model_param_ksol                 ? 
_refine.solvent_model_param_bsol                 ? 
_refine.pdbx_solvent_vdw_probe_radii             ? 
_refine.pdbx_solvent_ion_probe_radii             ? 
_refine.pdbx_solvent_shrinkage_radii             ? 
_refine.pdbx_ls_cross_valid_method               THROUGHOUT 
_refine.details                                  ? 
_refine.pdbx_starting_model                      'PDB ENTRY 1RX5' 
_refine.pdbx_method_to_determine_struct          'MOLECULAR REPLACEMENT' 
_refine.pdbx_isotropic_thermal_model             ? 
_refine.pdbx_stereochemistry_target_values       'Engh & Huber' 
_refine.pdbx_stereochem_target_val_spec_case     ? 
_refine.pdbx_R_Free_selection_details            RANDOM 
_refine.pdbx_overall_ESU_R_Free                  ? 
_refine.overall_SU_ML                            ? 
_refine.pdbx_overall_phase_error                 ? 
_refine.overall_SU_B                             ? 
_refine.overall_SU_R_Cruickshank_DPI             ? 
_refine.pdbx_overall_SU_R_free_Cruickshank_DPI   ? 
_refine.pdbx_overall_SU_R_Blow_DPI               ? 
_refine.pdbx_overall_SU_R_free_Blow_DPI          ? 
_refine.ls_redundancy_reflns_obs                 ? 
_refine.B_iso_min                                ? 
_refine.B_iso_max                                ? 
_refine.overall_SU_R_free                        ? 
_refine.ls_wR_factor_R_free                      ? 
_refine.ls_wR_factor_R_work                      ? 
_refine.overall_FOM_free_R_set                   ? 
_refine.overall_FOM_work_R_set                   ? 
_refine.pdbx_overall_ESU_R                       ? 
_refine.pdbx_diffrn_id                           1 
_refine.pdbx_TLS_residual_ADP_flag               ? 
# 
_refine_analyze.pdbx_refine_id                  'X-RAY DIFFRACTION' 
_refine_analyze.entry_id                        3KFY 
_refine_analyze.Luzzati_coordinate_error_obs    0.230 
_refine_analyze.Luzzati_sigma_a_obs             ? 
_refine_analyze.Luzzati_d_res_low_obs           ? 
_refine_analyze.Luzzati_coordinate_error_free   ? 
_refine_analyze.Luzzati_sigma_a_free            ? 
_refine_analyze.Luzzati_d_res_low_free          ? 
_refine_analyze.number_disordered_residues      ? 
_refine_analyze.occupancy_sum_hydrogen          ? 
_refine_analyze.occupancy_sum_non_hydrogen      ? 
_refine_analyze.pdbx_Luzzati_d_res_high_obs     ? 
# 
_refine_hist.pdbx_refine_id                   'X-RAY DIFFRACTION' 
_refine_hist.cycle_id                         LAST 
_refine_hist.pdbx_number_atoms_protein        1268 
_refine_hist.pdbx_number_atoms_nucleic_acid   0 
_refine_hist.pdbx_number_atoms_ligand         54 
_refine_hist.number_atoms_solvent             136 
_refine_hist.number_atoms_total               1458 
_refine_hist.d_res_high                       2.08 
_refine_hist.d_res_low                        23.63 
# 
loop_
_refine_ls_restr.type 
_refine_ls_restr.dev_ideal 
_refine_ls_restr.dev_ideal_target 
_refine_ls_restr.weight 
_refine_ls_restr.number 
_refine_ls_restr.pdbx_refine_id 
_refine_ls_restr.pdbx_restraint_function 
t_bond_d                  0.010 ? 2.00  1378 'X-RAY DIFFRACTION' HARMONIC     
t_angle_deg               1.10  ? 2.00  1889 'X-RAY DIFFRACTION' HARMONIC     
t_dihedral_angle_d        ?     ? 2.00  455  'X-RAY DIFFRACTION' SINUSOIDAL   
t_incorr_chiral_ct        ?     ? ?     ?    'X-RAY DIFFRACTION' ?            
t_pseud_angle             ?     ? ?     ?    'X-RAY DIFFRACTION' ?            
t_trig_c_planes           ?     ? 2.00  43   'X-RAY DIFFRACTION' HARMONIC     
t_gen_planes              ?     ? 5.00  196  'X-RAY DIFFRACTION' HARMONIC     
t_it                      ?     ? 20.00 1345 'X-RAY DIFFRACTION' HARMONIC     
t_nbd                     ?     ? 5.00  0    'X-RAY DIFFRACTION' SEMIHARMONIC 
t_omega_torsion           ?     ? ?     ?    'X-RAY DIFFRACTION' ?            
t_other_torsion           ?     ? ?     ?    'X-RAY DIFFRACTION' ?            
t_improper_torsion        ?     ? ?     ?    'X-RAY DIFFRACTION' ?            
t_chiral_improper_torsion ?     ? ?     ?    'X-RAY DIFFRACTION' ?            
t_sum_occupancies         ?     ? ?     ?    'X-RAY DIFFRACTION' ?            
t_utility_distance        ?     ? ?     ?    'X-RAY DIFFRACTION' ?            
t_utility_angle           ?     ? ?     ?    'X-RAY DIFFRACTION' ?            
t_utility_torsion         ?     ? ?     ?    'X-RAY DIFFRACTION' ?            
t_ideal_dist_contact      ?     ? ?     ?    'X-RAY DIFFRACTION' ?            
# 
_refine_ls_shell.pdbx_refine_id                   'X-RAY DIFFRACTION' 
_refine_ls_shell.pdbx_total_number_of_bins_used   5 
_refine_ls_shell.d_res_high                       2.08 
_refine_ls_shell.d_res_low                        2.33 
_refine_ls_shell.number_reflns_R_work             2374 
_refine_ls_shell.R_factor_R_work                  0.1927 
_refine_ls_shell.percent_reflns_obs               ? 
_refine_ls_shell.R_factor_R_free                  0.2551 
_refine_ls_shell.R_factor_R_free_error            ? 
_refine_ls_shell.percent_reflns_R_free            5.15 
_refine_ls_shell.number_reflns_R_free             129 
_refine_ls_shell.number_reflns_all                2503 
_refine_ls_shell.R_factor_all                     0.1959 
_refine_ls_shell.redundancy_reflns_obs            ? 
_refine_ls_shell.number_reflns_obs                ? 
# 
_struct.entry_id                  3KFY 
_struct.title                     'Dynamic switching and partial occupancies of a small molecule inhibitor complex of DHFR' 
_struct.pdbx_model_details        ? 
_struct.pdbx_CASP_flag            ? 
_struct.pdbx_model_type_details   ? 
# 
_struct_keywords.entry_id        3KFY 
_struct_keywords.pdbx_keywords   OXIDOREDUCTASE 
_struct_keywords.text            
;small molecule inhibitor, dynamics, Antibiotic resistance, Methotrexate resistance, NADP, One-carbon metabolism, Oxidoreductase, Trimethoprim resistance
;
# 
loop_
_struct_asym.id 
_struct_asym.pdbx_blank_PDB_chainid_flag 
_struct_asym.pdbx_modified 
_struct_asym.entity_id 
_struct_asym.details 
A N N 1 ? 
B N N 2 ? 
C N N 3 ? 
D N N 4 ? 
E N N 4 ? 
F N N 4 ? 
G N N 5 ? 
# 
_struct_biol.id        1 
_struct_biol.details   ? 
# 
loop_
_struct_conf.conf_type_id 
_struct_conf.id 
_struct_conf.pdbx_PDB_helix_id 
_struct_conf.beg_label_comp_id 
_struct_conf.beg_label_asym_id 
_struct_conf.beg_label_seq_id 
_struct_conf.pdbx_beg_PDB_ins_code 
_struct_conf.end_label_comp_id 
_struct_conf.end_label_asym_id 
_struct_conf.end_label_seq_id 
_struct_conf.pdbx_end_PDB_ins_code 
_struct_conf.beg_auth_comp_id 
_struct_conf.beg_auth_asym_id 
_struct_conf.beg_auth_seq_id 
_struct_conf.end_auth_comp_id 
_struct_conf.end_auth_asym_id 
_struct_conf.end_auth_seq_id 
_struct_conf.pdbx_PDB_helix_class 
_struct_conf.details 
_struct_conf.pdbx_PDB_helix_length 
HELX_P HELX_P1 1 ALA A 9   ? ASP A 11  ? ALA A 9   ASP A 11  5 ? 3  
HELX_P HELX_P2 2 LEU A 24  ? LEU A 36  ? LEU A 24  LEU A 36  1 ? 13 
HELX_P HELX_P3 3 ARG A 44  ? GLY A 51  ? ARG A 44  GLY A 51  1 ? 8  
HELX_P HELX_P4 4 SER A 77  ? ALA A 84  ? SER A 77  ALA A 84  1 ? 8  
HELX_P HELX_P5 5 GLY A 96  ? LEU A 104 ? GLY A 96  LEU A 104 1 ? 9  
HELX_P HELX_P6 6 PRO A 105 ? ALA A 107 ? PRO A 105 ALA A 107 5 ? 3  
HELX_P HELX_P7 7 GLU A 129 ? ASP A 131 ? GLU A 129 ASP A 131 5 ? 3  
# 
_struct_conf_type.id          HELX_P 
_struct_conf_type.criteria    ? 
_struct_conf_type.reference   ? 
# 
_struct_mon_prot_cis.pdbx_id                1 
_struct_mon_prot_cis.label_comp_id          GLY 
_struct_mon_prot_cis.label_seq_id           95 
_struct_mon_prot_cis.label_asym_id          A 
_struct_mon_prot_cis.label_alt_id           . 
_struct_mon_prot_cis.pdbx_PDB_ins_code      ? 
_struct_mon_prot_cis.auth_comp_id           GLY 
_struct_mon_prot_cis.auth_seq_id            95 
_struct_mon_prot_cis.auth_asym_id           A 
_struct_mon_prot_cis.pdbx_label_comp_id_2   GLY 
_struct_mon_prot_cis.pdbx_label_seq_id_2    96 
_struct_mon_prot_cis.pdbx_label_asym_id_2   A 
_struct_mon_prot_cis.pdbx_PDB_ins_code_2    ? 
_struct_mon_prot_cis.pdbx_auth_comp_id_2    GLY 
_struct_mon_prot_cis.pdbx_auth_seq_id_2     96 
_struct_mon_prot_cis.pdbx_auth_asym_id_2    A 
_struct_mon_prot_cis.pdbx_PDB_model_num     1 
_struct_mon_prot_cis.pdbx_omega_angle       2.79 
# 
loop_
_struct_sheet.id 
_struct_sheet.type 
_struct_sheet.number_strands 
_struct_sheet.details 
A ? 8 ? 
B ? 2 ? 
# 
loop_
_struct_sheet_order.sheet_id 
_struct_sheet_order.range_id_1 
_struct_sheet_order.range_id_2 
_struct_sheet_order.offset 
_struct_sheet_order.sense 
A 1 2 ? parallel      
A 2 3 ? parallel      
A 3 4 ? parallel      
A 4 5 ? parallel      
A 5 6 ? parallel      
A 6 7 ? anti-parallel 
A 7 8 ? anti-parallel 
B 1 2 ? anti-parallel 
# 
loop_
_struct_sheet_range.sheet_id 
_struct_sheet_range.id 
_struct_sheet_range.beg_label_comp_id 
_struct_sheet_range.beg_label_asym_id 
_struct_sheet_range.beg_label_seq_id 
_struct_sheet_range.pdbx_beg_PDB_ins_code 
_struct_sheet_range.end_label_comp_id 
_struct_sheet_range.end_label_asym_id 
_struct_sheet_range.end_label_seq_id 
_struct_sheet_range.pdbx_end_PDB_ins_code 
_struct_sheet_range.beg_auth_comp_id 
_struct_sheet_range.beg_auth_asym_id 
_struct_sheet_range.beg_auth_seq_id 
_struct_sheet_range.end_auth_comp_id 
_struct_sheet_range.end_auth_asym_id 
_struct_sheet_range.end_auth_seq_id 
A 1 THR A 73  ? VAL A 75  ? THR A 73  VAL A 75  
A 2 ASN A 59  ? LEU A 62  ? ASN A 59  LEU A 62  
A 3 VAL A 40  ? GLY A 43  ? VAL A 40  GLY A 43  
A 4 ILE A 91  ? GLY A 95  ? ILE A 91  GLY A 95  
A 5 ILE A 2   ? LEU A 8   ? ILE A 2   LEU A 8   
A 6 LYS A 109 ? ILE A 115 ? LYS A 109 ILE A 115 
A 7 TYR A 151 ? ARG A 158 ? TYR A 151 ARG A 158 
A 8 TRP A 133 ? HIS A 141 ? TRP A 133 HIS A 141 
B 1 VAL A 13  ? GLY A 15  ? VAL A 13  GLY A 15  
B 2 THR A 123 ? HIS A 124 ? THR A 123 HIS A 124 
# 
loop_
_pdbx_struct_sheet_hbond.sheet_id 
_pdbx_struct_sheet_hbond.range_id_1 
_pdbx_struct_sheet_hbond.range_id_2 
_pdbx_struct_sheet_hbond.range_1_label_atom_id 
_pdbx_struct_sheet_hbond.range_1_label_comp_id 
_pdbx_struct_sheet_hbond.range_1_label_asym_id 
_pdbx_struct_sheet_hbond.range_1_label_seq_id 
_pdbx_struct_sheet_hbond.range_1_PDB_ins_code 
_pdbx_struct_sheet_hbond.range_1_auth_atom_id 
_pdbx_struct_sheet_hbond.range_1_auth_comp_id 
_pdbx_struct_sheet_hbond.range_1_auth_asym_id 
_pdbx_struct_sheet_hbond.range_1_auth_seq_id 
_pdbx_struct_sheet_hbond.range_2_label_atom_id 
_pdbx_struct_sheet_hbond.range_2_label_comp_id 
_pdbx_struct_sheet_hbond.range_2_label_asym_id 
_pdbx_struct_sheet_hbond.range_2_label_seq_id 
_pdbx_struct_sheet_hbond.range_2_PDB_ins_code 
_pdbx_struct_sheet_hbond.range_2_auth_atom_id 
_pdbx_struct_sheet_hbond.range_2_auth_comp_id 
_pdbx_struct_sheet_hbond.range_2_auth_asym_id 
_pdbx_struct_sheet_hbond.range_2_auth_seq_id 
A 1 2 O THR A 73  ? O THR A 73  N ILE A 61  ? N ILE A 61  
A 2 3 O ILE A 60  ? O ILE A 60  N VAL A 40  ? N VAL A 40  
A 3 4 N ILE A 41  ? N ILE A 41  O ILE A 94  ? O ILE A 94  
A 4 5 O VAL A 93  ? O VAL A 93  N SER A 3   ? N SER A 3   
A 5 6 N LEU A 8   ? N LEU A 8   O ILE A 115 ? O ILE A 115 
A 6 7 N LEU A 112 ? N LEU A 112 O GLU A 154 ? O GLU A 154 
A 7 8 O ILE A 155 ? O ILE A 155 N VAL A 136 ? N VAL A 136 
B 1 2 N ILE A 14  ? N ILE A 14  O THR A 123 ? O THR A 123 
# 
loop_
_struct_site.id 
_struct_site.pdbx_evidence_code 
_struct_site.pdbx_auth_asym_id 
_struct_site.pdbx_auth_comp_id 
_struct_site.pdbx_auth_seq_id 
_struct_site.pdbx_auth_ins_code 
_struct_site.pdbx_num_residues 
_struct_site.details 
AC1 Software A NDP 1160 ? 17 'BINDING SITE FOR RESIDUE NDP A 1160' 
AC2 Software A JZM 1162 ? 11 'BINDING SITE FOR RESIDUE JZM A 1162' 
AC3 Software A CA  1163 ? 6  'BINDING SITE FOR RESIDUE CA A 1163'  
AC4 Software A CA  1164 ? 2  'BINDING SITE FOR RESIDUE CA A 1164'  
AC5 Software A CA  1165 ? 5  'BINDING SITE FOR RESIDUE CA A 1165'  
# 
loop_
_struct_site_gen.id 
_struct_site_gen.site_id 
_struct_site_gen.pdbx_num_res 
_struct_site_gen.label_comp_id 
_struct_site_gen.label_asym_id 
_struct_site_gen.label_seq_id 
_struct_site_gen.pdbx_auth_ins_code 
_struct_site_gen.auth_comp_id 
_struct_site_gen.auth_asym_id 
_struct_site_gen.auth_seq_id 
_struct_site_gen.label_atom_id 
_struct_site_gen.label_alt_id 
_struct_site_gen.symmetry 
_struct_site_gen.details 
1  AC1 17 GLY A 43  ? GLY A 43  . ? 1_555 ? 
2  AC1 17 ARG A 44  ? ARG A 44  . ? 1_555 ? 
3  AC1 17 HIS A 45  ? HIS A 45  . ? 1_555 ? 
4  AC1 17 THR A 46  ? THR A 46  . ? 1_555 ? 
5  AC1 17 LEU A 62  ? LEU A 62  . ? 1_555 ? 
6  AC1 17 SER A 63  ? SER A 63  . ? 1_555 ? 
7  AC1 17 SER A 64  ? SER A 64  . ? 1_555 ? 
8  AC1 17 LYS A 76  ? LYS A 76  . ? 1_555 ? 
9  AC1 17 GLY A 96  ? GLY A 96  . ? 1_555 ? 
10 AC1 17 GLY A 97  ? GLY A 97  . ? 1_555 ? 
11 AC1 17 ARG A 98  ? ARG A 98  . ? 1_555 ? 
12 AC1 17 VAL A 99  ? VAL A 99  . ? 1_555 ? 
13 AC1 17 GLN A 102 ? GLN A 102 . ? 1_555 ? 
14 AC1 17 ASP A 131 ? ASP A 131 . ? 3_654 ? 
15 AC1 17 HOH G .   ? HOH A 203 . ? 3_654 ? 
16 AC1 17 HOH G .   ? HOH A 238 . ? 1_555 ? 
17 AC1 17 HOH G .   ? HOH A 281 . ? 1_555 ? 
18 AC2 11 ILE A 5   ? ILE A 5   . ? 1_555 ? 
19 AC2 11 ILE A 14  ? ILE A 14  . ? 1_555 ? 
20 AC2 11 MET A 20  ? MET A 20  . ? 1_555 ? 
21 AC2 11 ASP A 27  ? ASP A 27  . ? 1_555 ? 
22 AC2 11 LEU A 28  ? LEU A 28  . ? 1_555 ? 
23 AC2 11 PHE A 31  ? PHE A 31  . ? 1_555 ? 
24 AC2 11 ILE A 94  ? ILE A 94  . ? 1_555 ? 
25 AC2 11 GLY A 95  ? GLY A 95  . ? 1_555 ? 
26 AC2 11 GLY A 96  ? GLY A 96  . ? 1_555 ? 
27 AC2 11 TYR A 100 ? TYR A 100 . ? 1_555 ? 
28 AC2 11 THR A 113 ? THR A 113 . ? 1_555 ? 
29 AC3 6  ASP A 116 ? ASP A 116 . ? 1_555 ? 
30 AC3 6  HIS A 149 ? HIS A 149 . ? 1_555 ? 
31 AC3 6  ARG A 159 ? ARG A 159 . ? 1_455 ? 
32 AC3 6  HOH G .   ? HOH A 209 . ? 1_555 ? 
33 AC3 6  HOH G .   ? HOH A 222 . ? 1_555 ? 
34 AC3 6  HOH G .   ? HOH A 251 . ? 1_455 ? 
35 AC4 2  GLY A 56  ? GLY A 56  . ? 1_555 ? 
36 AC4 2  GLN A 146 ? GLN A 146 . ? 4_545 ? 
37 AC5 5  ARG A 158 ? ARG A 158 . ? 1_555 ? 
38 AC5 5  HOH G .   ? HOH A 161 . ? 1_555 ? 
39 AC5 5  HOH G .   ? HOH A 192 . ? 1_555 ? 
40 AC5 5  HOH G .   ? HOH A 264 . ? 1_555 ? 
41 AC5 5  HOH G .   ? HOH A 269 . ? 1_555 ? 
# 
_atom_sites.entry_id                    3KFY 
_atom_sites.fract_transf_matrix[1][1]   0.00014918 
_atom_sites.fract_transf_matrix[1][2]   -0.01686320 
_atom_sites.fract_transf_matrix[1][3]   -0.02385514 
_atom_sites.fract_transf_matrix[2][1]   -0.00861523 
_atom_sites.fract_transf_matrix[2][2]   -0.01680083 
_atom_sites.fract_transf_matrix[2][3]   0.01182263 
_atom_sites.fract_transf_matrix[3][1]   -0.00940898 
_atom_sites.fract_transf_matrix[3][2]   0.00319438 
_atom_sites.fract_transf_matrix[3][3]   -0.00231694 
_atom_sites.fract_transf_vector[1]      0.202751 
_atom_sites.fract_transf_vector[2]      -0.034421 
_atom_sites.fract_transf_vector[3]      -0.132061 
# 
loop_
_atom_type.symbol 
C  
CA 
CL 
N  
O  
P  
S  
# 
loop_
_atom_site.group_PDB 
_atom_site.id 
_atom_site.type_symbol 
_atom_site.label_atom_id 
_atom_site.label_alt_id 
_atom_site.label_comp_id 
_atom_site.label_asym_id 
_atom_site.label_entity_id 
_atom_site.label_seq_id 
_atom_site.pdbx_PDB_ins_code 
_atom_site.Cartn_x 
_atom_site.Cartn_y 
_atom_site.Cartn_z 
_atom_site.occupancy 
_atom_site.B_iso_or_equiv 
_atom_site.pdbx_formal_charge 
_atom_site.auth_seq_id 
_atom_site.auth_comp_id 
_atom_site.auth_asym_id 
_atom_site.auth_atom_id 
_atom_site.pdbx_PDB_model_num 
ATOM   1    N  N    . MET A 1 1   ? -2.497  -5.603  -14.119 1.00 23.64 ? 1    MET A N    1 
ATOM   2    C  CA   . MET A 1 1   ? -1.274  -5.913  -13.378 1.00 22.48 ? 1    MET A CA   1 
ATOM   3    C  C    . MET A 1 1   ? -1.418  -5.642  -11.856 1.00 20.29 ? 1    MET A C    1 
ATOM   4    O  O    . MET A 1 1   ? -2.250  -4.834  -11.448 1.00 18.82 ? 1    MET A O    1 
ATOM   5    C  CB   . MET A 1 1   ? -0.092  -5.126  -13.989 1.00 26.07 ? 1    MET A CB   1 
ATOM   6    C  CG   . MET A 1 1   ? 0.449   -4.011  -13.107 1.00 31.42 ? 1    MET A CG   1 
ATOM   7    S  SD   . MET A 1 1   ? 1.006   -2.549  -13.976 1.00 37.45 ? 1    MET A SD   1 
ATOM   8    C  CE   . MET A 1 1   ? -0.542  -1.730  -14.266 1.00 33.38 ? 1    MET A CE   1 
ATOM   9    N  N    . ILE A 1 2   ? -0.553  -6.263  -11.041 1.00 14.03 ? 2    ILE A N    1 
ATOM   10   C  CA   . ILE A 1 2   ? -0.533  -6.077  -9.587  1.00 12.88 ? 2    ILE A CA   1 
ATOM   11   C  C    . ILE A 1 2   ? 0.456   -4.995  -9.198  1.00 17.20 ? 2    ILE A C    1 
ATOM   12   O  O    . ILE A 1 2   ? 1.623   -5.051  -9.609  1.00 16.75 ? 2    ILE A O    1 
ATOM   13   C  CB   . ILE A 1 2   ? -0.215  -7.415  -8.867  1.00 14.42 ? 2    ILE A CB   1 
ATOM   14   C  CG1  . ILE A 1 2   ? -1.339  -8.456  -9.140  1.00 14.96 ? 2    ILE A CG1  1 
ATOM   15   C  CG2  . ILE A 1 2   ? -0.014  -7.191  -7.342  1.00 11.06 ? 2    ILE A CG2  1 
ATOM   16   C  CD1  . ILE A 1 2   ? -0.901  -9.930  -9.026  1.00 24.63 ? 2    ILE A CD1  1 
ATOM   17   N  N    . SER A 1 3   ? 0.005   -4.030  -8.377  1.00 13.50 ? 3    SER A N    1 
ATOM   18   C  CA   . SER A 1 3   ? 0.891   -2.981  -7.866  1.00 12.91 ? 3    SER A CA   1 
ATOM   19   C  C    . SER A 1 3   ? 0.835   -2.916  -6.352  1.00 15.49 ? 3    SER A C    1 
ATOM   20   O  O    . SER A 1 3   ? -0.200  -3.200  -5.764  1.00 17.17 ? 3    SER A O    1 
ATOM   21   C  CB   . SER A 1 3   ? 0.544   -1.613  -8.461  1.00 14.74 ? 3    SER A CB   1 
ATOM   22   O  OG   . SER A 1 3   ? 0.508   -1.644  -9.880  1.00 17.83 ? 3    SER A OG   1 
ATOM   23   N  N    . LEU A 1 4   ? 1.934   -2.547  -5.709  1.00 10.94 ? 4    LEU A N    1 
ATOM   24   C  CA   . LEU A 1 4   ? 1.886   -2.307  -4.263  1.00 9.10  ? 4    LEU A CA   1 
ATOM   25   C  C    . LEU A 1 4   ? 1.980   -0.800  -4.126  1.00 9.33  ? 4    LEU A C    1 
ATOM   26   O  O    . LEU A 1 4   ? 2.682   -0.170  -4.906  1.00 9.58  ? 4    LEU A O    1 
ATOM   27   C  CB   . LEU A 1 4   ? 3.050   -2.956  -3.479  1.00 9.61  ? 4    LEU A CB   1 
ATOM   28   C  CG   . LEU A 1 4   ? 3.478   -4.431  -3.732  1.00 15.03 ? 4    LEU A CG   1 
ATOM   29   C  CD1  . LEU A 1 4   ? 4.227   -4.978  -2.518  1.00 14.42 ? 4    LEU A CD1  1 
ATOM   30   C  CD2  . LEU A 1 4   ? 2.314   -5.352  -3.978  1.00 17.35 ? 4    LEU A CD2  1 
ATOM   31   N  N    . ILE A 1 5   ? 1.291   -0.215  -3.142  1.00 4.55  ? 5    ILE A N    1 
ATOM   32   C  CA   . ILE A 1 5   ? 1.395   1.191   -2.844  1.00 4.01  ? 5    ILE A CA   1 
ATOM   33   C  C    . ILE A 1 5   ? 1.630   1.311   -1.334  1.00 9.79  ? 5    ILE A C    1 
ATOM   34   O  O    . ILE A 1 5   ? 0.874   0.741   -0.539  1.00 7.99  ? 5    ILE A O    1 
ATOM   35   C  CB   . ILE A 1 5   ? 0.227   2.054   -3.433  1.00 7.08  ? 5    ILE A CB   1 
ATOM   36   C  CG1  . ILE A 1 5   ? 0.459   3.577   -3.177  1.00 7.85  ? 5    ILE A CG1  1 
ATOM   37   C  CG2  . ILE A 1 5   ? -1.163  1.565   -2.948  1.00 6.04  ? 5    ILE A CG2  1 
ATOM   38   C  CD1  . ILE A 1 5   ? -0.418  4.545   -4.102  1.00 5.03  ? 5    ILE A CD1  1 
ATOM   39   N  N    . ALA A 1 6   ? 2.697   2.041   -0.944  1.00 7.93  ? 6    ALA A N    1 
ATOM   40   C  CA   . ALA A 1 6   ? 3.097   2.157   0.461   1.00 8.38  ? 6    ALA A CA   1 
ATOM   41   C  C    . ALA A 1 6   ? 3.836   3.466   0.796   1.00 12.73 ? 6    ALA A C    1 
ATOM   42   O  O    . ALA A 1 6   ? 4.509   4.036   -0.065  1.00 11.21 ? 6    ALA A O    1 
ATOM   43   C  CB   . ALA A 1 6   ? 3.982   0.962   0.826   1.00 8.29  ? 6    ALA A CB   1 
ATOM   44   N  N    . ALA A 1 7   ? 3.736   3.912   2.056   1.00 11.52 ? 7    ALA A N    1 
ATOM   45   C  CA   . ALA A 1 7   ? 4.444   5.106   2.570   1.00 11.87 ? 7    ALA A CA   1 
ATOM   46   C  C    . ALA A 1 7   ? 5.507   4.611   3.566   1.00 14.51 ? 7    ALA A C    1 
ATOM   47   O  O    . ALA A 1 7   ? 5.182   3.954   4.554   1.00 13.03 ? 7    ALA A O    1 
ATOM   48   C  CB   . ALA A 1 7   ? 3.469   6.067   3.229   1.00 12.85 ? 7    ALA A CB   1 
ATOM   49   N  N    . LEU A 1 8   ? 6.780   4.823   3.218   1.00 11.41 ? 8    LEU A N    1 
ATOM   50   C  CA   . LEU A 1 8   ? 7.957   4.334   3.936   1.00 10.87 ? 8    LEU A CA   1 
ATOM   51   C  C    . LEU A 1 8   ? 8.761   5.437   4.618   1.00 16.27 ? 8    LEU A C    1 
ATOM   52   O  O    . LEU A 1 8   ? 9.295   6.307   3.944   1.00 17.99 ? 8    LEU A O    1 
ATOM   53   C  CB   . LEU A 1 8   ? 8.909   3.630   2.943   1.00 10.70 ? 8    LEU A CB   1 
ATOM   54   C  CG   . LEU A 1 8   ? 8.674   2.149   2.588   1.00 14.98 ? 8    LEU A CG   1 
ATOM   55   C  CD1  . LEU A 1 8   ? 7.390   1.956   1.770   1.00 14.19 ? 8    LEU A CD1  1 
ATOM   56   C  CD2  . LEU A 1 8   ? 9.877   1.601   1.779   1.00 14.25 ? 8    LEU A CD2  1 
ATOM   57   N  N    . ALA A 1 9   ? 8.935   5.348   5.934   1.00 11.37 ? 9    ALA A N    1 
ATOM   58   C  CA   . ALA A 1 9   ? 9.807   6.291   6.609   1.00 11.16 ? 9    ALA A CA   1 
ATOM   59   C  C    . ALA A 1 9   ? 11.201  5.653   6.614   1.00 17.72 ? 9    ALA A C    1 
ATOM   60   O  O    . ALA A 1 9   ? 11.419  4.654   5.920   1.00 15.83 ? 9    ALA A O    1 
ATOM   61   C  CB   . ALA A 1 9   ? 9.330   6.533   8.025   1.00 11.29 ? 9    ALA A CB   1 
ATOM   62   N  N    . VAL A 1 10  ? 12.136  6.205   7.422   1.00 14.98 ? 10   VAL A N    1 
ATOM   63   C  CA   A VAL A 1 10  ? 13.502  5.718   7.548   1.00 14.37 ? 10   VAL A CA   1 
ATOM   64   C  C    . VAL A 1 10  ? 13.450  4.248   7.938   1.00 19.29 ? 10   VAL A C    1 
ATOM   65   O  O    . VAL A 1 10  ? 12.562  3.850   8.703   1.00 19.59 ? 10   VAL A O    1 
ATOM   66   C  CB   A VAL A 1 10  ? 14.303  6.611   8.553   1.00 17.89 ? 10   VAL A CB   1 
ATOM   67   C  CG1  A VAL A 1 10  ? 15.597  5.944   9.025   1.00 17.68 ? 10   VAL A CG1  1 
ATOM   68   C  CG2  A VAL A 1 10  ? 14.594  7.980   7.929   1.00 17.59 ? 10   VAL A CG2  1 
ATOM   69   N  N    . ASP A 1 11  ? 14.349  3.443   7.350   1.00 15.72 ? 11   ASP A N    1 
ATOM   70   C  CA   . ASP A 1 11  ? 14.478  2.001   7.591   1.00 16.23 ? 11   ASP A CA   1 
ATOM   71   C  C    . ASP A 1 11  ? 13.287  1.173   7.084   1.00 20.10 ? 11   ASP A C    1 
ATOM   72   O  O    . ASP A 1 11  ? 13.060  0.079   7.589   1.00 20.47 ? 11   ASP A O    1 
ATOM   73   C  CB   . ASP A 1 11  ? 14.778  1.719   9.092   1.00 17.84 ? 11   ASP A CB   1 
ATOM   74   C  CG   . ASP A 1 11  ? 16.099  2.269   9.603   1.00 31.40 ? 11   ASP A CG   1 
ATOM   75   O  OD1  . ASP A 1 11  ? 17.115  2.151   8.879   1.00 33.11 ? 11   ASP A OD1  1 
ATOM   76   O  OD2  . ASP A 1 11  ? 16.138  2.739   10.767  1.00 36.46 ? 11   ASP A OD2  1 
ATOM   77   N  N    . ARG A 1 12  ? 12.521  1.693   6.089   1.00 16.31 ? 12   ARG A N    1 
ATOM   78   C  CA   . ARG A 1 12  ? 11.338  1.036   5.495   1.00 16.06 ? 12   ARG A CA   1 
ATOM   79   C  C    . ARG A 1 12  ? 10.203  0.822   6.506   1.00 19.96 ? 12   ARG A C    1 
ATOM   80   O  O    . ARG A 1 12  ? 9.332   -0.022  6.271   1.00 20.57 ? 12   ARG A O    1 
ATOM   81   C  CB   . ARG A 1 12  ? 11.683  -0.301  4.787   1.00 16.14 ? 12   ARG A CB   1 
ATOM   82   C  CG   . ARG A 1 12  ? 12.890  -0.289  3.840   1.00 21.39 ? 12   ARG A CG   1 
ATOM   83   C  CD   . ARG A 1 12  ? 13.020  -1.600  3.060   1.00 20.92 ? 12   ARG A CD   1 
ATOM   84   N  NE   . ARG A 1 12  ? 12.685  -2.769  3.884   1.00 24.13 ? 12   ARG A NE   1 
ATOM   85   C  CZ   . ARG A 1 12  ? 13.539  -3.446  4.645   1.00 32.67 ? 12   ARG A CZ   1 
ATOM   86   N  NH1  . ARG A 1 12  ? 14.819  -3.093  4.700   1.00 18.66 ? 12   ARG A NH1  1 
ATOM   87   N  NH2  . ARG A 1 12  ? 13.122  -4.475  5.360   1.00 19.42 ? 12   ARG A NH2  1 
ATOM   88   N  N    . VAL A 1 13  ? 10.191  1.588   7.624   1.00 14.33 ? 13   VAL A N    1 
ATOM   89   C  CA   . VAL A 1 13  ? 9.127   1.471   8.632   1.00 12.75 ? 13   VAL A CA   1 
ATOM   90   C  C    . VAL A 1 13  ? 7.818   1.958   7.971   1.00 14.72 ? 13   VAL A C    1 
ATOM   91   O  O    . VAL A 1 13  ? 7.808   3.034   7.369   1.00 13.34 ? 13   VAL A O    1 
ATOM   92   C  CB   . VAL A 1 13  ? 9.481   2.277   9.921   1.00 15.90 ? 13   VAL A CB   1 
ATOM   93   C  CG1  . VAL A 1 13  ? 8.283   2.403   10.852  1.00 14.64 ? 13   VAL A CG1  1 
ATOM   94   C  CG2  . VAL A 1 13  ? 10.679  1.666   10.652  1.00 15.82 ? 13   VAL A CG2  1 
ATOM   95   N  N    . ILE A 1 14  ? 6.740   1.156   8.066   1.00 12.02 ? 14   ILE A N    1 
ATOM   96   C  CA   . ILE A 1 14  ? 5.423   1.497   7.489   1.00 12.60 ? 14   ILE A CA   1 
ATOM   97   C  C    . ILE A 1 14  ? 4.332   1.737   8.528   1.00 18.77 ? 14   ILE A C    1 
ATOM   98   O  O    . ILE A 1 14  ? 3.302   2.313   8.199   1.00 17.07 ? 14   ILE A O    1 
ATOM   99   C  CB   . ILE A 1 14  ? 4.939   0.455   6.433   1.00 14.79 ? 14   ILE A CB   1 
ATOM   100  C  CG1  . ILE A 1 14  ? 4.893   -0.977  7.032   1.00 14.61 ? 14   ILE A CG1  1 
ATOM   101  C  CG2  . ILE A 1 14  ? 5.762   0.542   5.152   1.00 13.70 ? 14   ILE A CG2  1 
ATOM   102  C  CD1  . ILE A 1 14  ? 4.400   -2.088  6.062   1.00 24.37 ? 14   ILE A CD1  1 
ATOM   103  N  N    A GLY A 1 15  ? 4.530   1.228   9.739   1.00 19.29 ? 15   GLY A N    1 
ATOM   104  C  CA   A GLY A 1 15  ? 3.538   1.360   10.795  1.00 21.66 ? 15   GLY A CA   1 
ATOM   105  C  C    A GLY A 1 15  ? 4.010   0.981   12.185  1.00 29.93 ? 15   GLY A C    1 
ATOM   106  O  O    A GLY A 1 15  ? 5.081   0.392   12.353  1.00 27.83 ? 15   GLY A O    1 
ATOM   107  N  N    A MET A 1 16  ? 3.188   1.350   13.187  1.00 31.13 ? 16   MET A N    1 
ATOM   108  C  CA   A MET A 1 16  ? 3.383   1.123   14.625  1.00 33.29 ? 16   MET A CA   1 
ATOM   109  C  C    A MET A 1 16  ? 1.981   1.089   15.259  1.00 40.88 ? 16   MET A C    1 
ATOM   110  O  O    A MET A 1 16  ? 1.169   1.974   14.977  1.00 39.93 ? 16   MET A O    1 
ATOM   111  C  CB   A MET A 1 16  ? 4.236   2.269   15.236  1.00 35.98 ? 16   MET A CB   1 
ATOM   112  C  CG   A MET A 1 16  ? 4.651   2.052   16.691  1.00 39.93 ? 16   MET A CG   1 
ATOM   113  S  SD   A MET A 1 16  ? 5.783   0.657   16.929  1.00 44.44 ? 16   MET A SD   1 
ATOM   114  C  CE   A MET A 1 16  ? 6.421   1.020   18.569  1.00 41.29 ? 16   MET A CE   1 
ATOM   115  N  N    A GLU A 1 17  ? 1.694   0.053   16.082  1.00 40.88 ? 17   GLU A N    1 
ATOM   116  C  CA   A GLU A 1 17  ? 0.412   -0.157  16.787  1.00 42.33 ? 17   GLU A CA   1 
ATOM   117  C  C    A GLU A 1 17  ? -0.838  0.123   15.913  1.00 47.98 ? 17   GLU A C    1 
ATOM   118  O  O    A GLU A 1 17  ? -1.777  0.817   16.337  1.00 47.67 ? 17   GLU A O    1 
ATOM   119  C  CB   A GLU A 1 17  ? 0.388   0.617   18.121  1.00 44.00 ? 17   GLU A CB   1 
ATOM   120  C  CG   A GLU A 1 17  ? 1.138   -0.082  19.242  1.00 57.83 ? 17   GLU A CG   1 
ATOM   121  C  CD   A GLU A 1 17  ? 2.639   0.111   19.230  1.00 86.52 ? 17   GLU A CD   1 
ATOM   122  O  OE1  A GLU A 1 17  ? 3.097   1.217   19.598  1.00 91.66 ? 17   GLU A OE1  1 
ATOM   123  O  OE2  A GLU A 1 17  ? 3.360   -0.848  18.871  1.00 79.25 ? 17   GLU A OE2  1 
ATOM   124  N  N    A ASN A 1 18  ? -0.810  -0.420  14.673  1.00 45.09 ? 18   ASN A N    1 
ATOM   125  C  CA   A ASN A 1 18  ? -1.828  -0.293  13.624  1.00 45.27 ? 18   ASN A CA   1 
ATOM   126  C  C    A ASN A 1 18  ? -2.301  1.140   13.300  1.00 48.47 ? 18   ASN A C    1 
ATOM   127  O  O    A ASN A 1 18  ? -3.503  1.437   13.311  1.00 48.26 ? 18   ASN A O    1 
ATOM   128  C  CB   A ASN A 1 18  ? -2.962  -1.320  13.761  1.00 46.77 ? 18   ASN A CB   1 
ATOM   129  C  CG   A ASN A 1 18  ? -2.957  -2.311  12.625  1.00 70.35 ? 18   ASN A CG   1 
ATOM   130  O  OD1  A ASN A 1 18  ? -3.376  -2.016  11.494  1.00 66.00 ? 18   ASN A OD1  1 
ATOM   131  N  ND2  A ASN A 1 18  ? -2.447  -3.499  12.892  1.00 60.36 ? 18   ASN A ND2  1 
ATOM   132  N  N    A ALA A 1 19  ? -1.321  2.020   13.018  1.00 44.31 ? 19   ALA A N    1 
ATOM   133  C  CA   A ALA A 1 19  ? -1.493  3.437   12.651  1.00 43.60 ? 19   ALA A CA   1 
ATOM   134  C  C    A ALA A 1 19  ? -0.199  3.982   12.011  1.00 45.46 ? 19   ALA A C    1 
ATOM   135  O  O    A ALA A 1 19  ? 0.890   3.492   12.323  1.00 43.51 ? 19   ALA A O    1 
ATOM   136  C  CB   A ALA A 1 19  ? -1.843  4.268   13.885  1.00 44.04 ? 19   ALA A CB   1 
ATOM   137  N  N    A MET A 1 20  ? -0.326  4.978   11.115  1.00 42.40 ? 20   MET A N    1 
ATOM   138  C  CA   A MET A 1 20  ? 0.822   5.654   10.494  1.00 42.75 ? 20   MET A CA   1 
ATOM   139  C  C    A MET A 1 20  ? 1.162   6.832   11.428  1.00 45.93 ? 20   MET A C    1 
ATOM   140  O  O    A MET A 1 20  ? 0.279   7.665   11.666  1.00 46.32 ? 20   MET A O    1 
ATOM   141  C  CB   A MET A 1 20  ? 0.491   6.165   9.074   1.00 45.14 ? 20   MET A CB   1 
ATOM   142  C  CG   A MET A 1 20  ? 0.499   5.079   8.015   1.00 49.30 ? 20   MET A CG   1 
ATOM   143  S  SD   A MET A 1 20  ? 0.046   5.698   6.367   1.00 53.98 ? 20   MET A SD   1 
ATOM   144  C  CE   A MET A 1 20  ? -1.698  6.079   6.641   1.00 50.88 ? 20   MET A CE   1 
ATOM   145  N  N    A PRO A 1 21  ? 2.385   6.900   12.016  1.00 40.76 ? 21   PRO A N    1 
ATOM   146  C  CA   A PRO A 1 21  ? 2.687   7.993   12.963  1.00 39.93 ? 21   PRO A CA   1 
ATOM   147  C  C    A PRO A 1 21  ? 2.571   9.409   12.378  1.00 41.44 ? 21   PRO A C    1 
ATOM   148  O  O    A PRO A 1 21  ? 1.741   10.195  12.851  1.00 41.57 ? 21   PRO A O    1 
ATOM   149  C  CB   A PRO A 1 21  ? 4.102   7.661   13.465  1.00 41.76 ? 21   PRO A CB   1 
ATOM   150  C  CG   A PRO A 1 21  ? 4.313   6.227   13.135  1.00 46.11 ? 21   PRO A CG   1 
ATOM   151  C  CD   A PRO A 1 21  ? 3.533   5.979   11.882  1.00 41.99 ? 21   PRO A CD   1 
ATOM   152  N  N    . TRP A 1 22  ? 3.360   9.694   11.322  1.00 33.97 ? 22   TRP A N    1 
ATOM   153  C  CA   . TRP A 1 22  ? 3.476   10.949  10.565  1.00 32.25 ? 22   TRP A CA   1 
ATOM   154  C  C    . TRP A 1 22  ? 2.145   11.564  10.070  1.00 37.62 ? 22   TRP A C    1 
ATOM   155  O  O    . TRP A 1 22  ? 1.154   10.847  9.901   1.00 37.29 ? 22   TRP A O    1 
ATOM   156  C  CB   . TRP A 1 22  ? 4.429   10.721  9.367   1.00 29.78 ? 22   TRP A CB   1 
ATOM   157  C  CG   . TRP A 1 22  ? 3.952   9.657   8.411   1.00 29.75 ? 22   TRP A CG   1 
ATOM   158  C  CD1  . TRP A 1 22  ? 3.003   9.800   7.442   1.00 32.50 ? 22   TRP A CD1  1 
ATOM   159  C  CD2  . TRP A 1 22  ? 4.379   8.287   8.354   1.00 29.17 ? 22   TRP A CD2  1 
ATOM   160  N  NE1  . TRP A 1 22  ? 2.811   8.609   6.785   1.00 31.92 ? 22   TRP A NE1  1 
ATOM   161  C  CE2  . TRP A 1 22  ? 3.643   7.661   7.322   1.00 33.26 ? 22   TRP A CE2  1 
ATOM   162  C  CE3  . TRP A 1 22  ? 5.327   7.527   9.060   1.00 30.10 ? 22   TRP A CE3  1 
ATOM   163  C  CZ2  . TRP A 1 22  ? 3.828   6.311   6.974   1.00 32.30 ? 22   TRP A CZ2  1 
ATOM   164  C  CZ3  . TRP A 1 22  ? 5.501   6.187   8.726   1.00 31.33 ? 22   TRP A CZ3  1 
ATOM   165  C  CH2  . TRP A 1 22  ? 4.760   5.595   7.691   1.00 31.88 ? 22   TRP A CH2  1 
ATOM   166  N  N    . ASN A 1 23  ? 2.156   12.885  9.779   1.00 35.14 ? 23   ASN A N    1 
ATOM   167  C  CA   . ASN A 1 23  ? 1.001   13.611  9.245   1.00 35.20 ? 23   ASN A CA   1 
ATOM   168  C  C    . ASN A 1 23  ? 1.355   14.196  7.855   1.00 37.47 ? 23   ASN A C    1 
ATOM   169  O  O    . ASN A 1 23  ? 1.835   15.333  7.744   1.00 37.64 ? 23   ASN A O    1 
ATOM   170  C  CB   . ASN A 1 23  ? 0.511   14.692  10.231  1.00 37.24 ? 23   ASN A CB   1 
ATOM   171  C  CG   . ASN A 1 23  ? -0.891  15.209  9.967   1.00 62.92 ? 23   ASN A CG   1 
ATOM   172  O  OD1  . ASN A 1 23  ? -1.826  14.975  10.745  1.00 56.56 ? 23   ASN A OD1  1 
ATOM   173  N  ND2  . ASN A 1 23  ? -1.071  15.965  8.893   1.00 56.64 ? 23   ASN A ND2  1 
ATOM   174  N  N    . LEU A 1 24  ? 1.113   13.400  6.797   1.00 30.99 ? 24   LEU A N    1 
ATOM   175  C  CA   . LEU A 1 24  ? 1.423   13.789  5.426   1.00 28.37 ? 24   LEU A CA   1 
ATOM   176  C  C    . LEU A 1 24  ? 0.208   13.902  4.490   1.00 27.46 ? 24   LEU A C    1 
ATOM   177  O  O    . LEU A 1 24  ? -0.022  12.987  3.695   1.00 24.40 ? 24   LEU A O    1 
ATOM   178  C  CB   . LEU A 1 24  ? 2.490   12.860  4.827   1.00 28.39 ? 24   LEU A CB   1 
ATOM   179  C  CG   . LEU A 1 24  ? 3.948   13.031  5.254   1.00 33.04 ? 24   LEU A CG   1 
ATOM   180  C  CD1  . LEU A 1 24  ? 4.835   12.383  4.252   1.00 33.45 ? 24   LEU A CD1  1 
ATOM   181  C  CD2  . LEU A 1 24  ? 4.371   14.505  5.333   1.00 34.16 ? 24   LEU A CD2  1 
ATOM   182  N  N    . PRO A 1 25  ? -0.551  15.035  4.510   1.00 23.58 ? 25   PRO A N    1 
ATOM   183  C  CA   . PRO A 1 25  ? -1.692  15.164  3.591   1.00 23.03 ? 25   PRO A CA   1 
ATOM   184  C  C    . PRO A 1 25  ? -1.337  15.043  2.115   1.00 24.46 ? 25   PRO A C    1 
ATOM   185  O  O    . PRO A 1 25  ? -2.179  14.558  1.356   1.00 25.85 ? 25   PRO A O    1 
ATOM   186  C  CB   . PRO A 1 25  ? -2.288  16.542  3.925   1.00 25.48 ? 25   PRO A CB   1 
ATOM   187  C  CG   . PRO A 1 25  ? -1.222  17.259  4.639   1.00 30.25 ? 25   PRO A CG   1 
ATOM   188  C  CD   . PRO A 1 25  ? -0.442  16.218  5.383   1.00 25.51 ? 25   PRO A CD   1 
ATOM   189  N  N    . ALA A 1 26  ? -0.100  15.426  1.693   1.00 17.57 ? 26   ALA A N    1 
ATOM   190  C  CA   . ALA A 1 26  ? 0.269   15.283  0.281   1.00 15.83 ? 26   ALA A CA   1 
ATOM   191  C  C    . ALA A 1 26  ? 0.349   13.796  -0.102  1.00 16.40 ? 26   ALA A C    1 
ATOM   192  O  O    . ALA A 1 26  ? 0.129   13.468  -1.264  1.00 14.94 ? 26   ALA A O    1 
ATOM   193  C  CB   . ALA A 1 26  ? 1.590   15.975  -0.005  1.00 16.56 ? 26   ALA A CB   1 
ATOM   194  N  N    . ASP A 1 27  ? 0.681   12.906  0.866   1.00 10.85 ? 27   ASP A N    1 
ATOM   195  C  CA   . ASP A 1 27  ? 0.731   11.464  0.610   1.00 10.60 ? 27   ASP A CA   1 
ATOM   196  C  C    . ASP A 1 27  ? -0.708  10.906  0.534   1.00 16.44 ? 27   ASP A C    1 
ATOM   197  O  O    . ASP A 1 27  ? -0.989  10.063  -0.315  1.00 16.83 ? 27   ASP A O    1 
ATOM   198  C  CB   . ASP A 1 27  ? 1.564   10.718  1.673   1.00 12.22 ? 27   ASP A CB   1 
ATOM   199  C  CG   . ASP A 1 27  ? 1.552   9.207   1.503   1.00 16.12 ? 27   ASP A CG   1 
ATOM   200  O  OD1  . ASP A 1 27  ? 2.013   8.718   0.436   1.00 15.78 ? 27   ASP A OD1  1 
ATOM   201  O  OD2  . ASP A 1 27  ? 1.004   8.523   2.378   1.00 26.09 ? 27   ASP A OD2  1 
ATOM   202  N  N    . LEU A 1 28  ? -1.621  11.409  1.386   1.00 14.81 ? 28   LEU A N    1 
ATOM   203  C  CA   . LEU A 1 28  ? -3.041  11.037  1.358   1.00 16.39 ? 28   LEU A CA   1 
ATOM   204  C  C    . LEU A 1 28  ? -3.646  11.344  -0.034  1.00 19.18 ? 28   LEU A C    1 
ATOM   205  O  O    . LEU A 1 28  ? -4.355  10.496  -0.575  1.00 19.19 ? 28   LEU A O    1 
ATOM   206  C  CB   . LEU A 1 28  ? -3.838  11.775  2.460   1.00 17.63 ? 28   LEU A CB   1 
ATOM   207  C  CG   . LEU A 1 28  ? -3.407  11.553  3.934   1.00 24.97 ? 28   LEU A CG   1 
ATOM   208  C  CD1  . LEU A 1 28  ? -4.214  12.459  4.872   1.00 26.18 ? 28   LEU A CD1  1 
ATOM   209  C  CD2  . LEU A 1 28  ? -3.598  10.085  4.378   1.00 27.93 ? 28   LEU A CD2  1 
ATOM   210  N  N    . ALA A 1 29  ? -3.308  12.519  -0.639  1.00 14.83 ? 29   ALA A N    1 
ATOM   211  C  CA   . ALA A 1 29  ? -3.783  12.903  -1.982  1.00 13.93 ? 29   ALA A CA   1 
ATOM   212  C  C    . ALA A 1 29  ? -3.143  12.022  -3.077  1.00 16.64 ? 29   ALA A C    1 
ATOM   213  O  O    . ALA A 1 29  ? -3.810  11.668  -4.042  1.00 16.10 ? 29   ALA A O    1 
ATOM   214  C  CB   . ALA A 1 29  ? -3.513  14.385  -2.251  1.00 14.30 ? 29   ALA A CB   1 
ATOM   215  N  N    . TRP A 1 30  ? -1.848  11.688  -2.940  1.00 13.19 ? 30   TRP A N    1 
ATOM   216  C  CA   . TRP A 1 30  ? -1.168  10.808  -3.891  1.00 12.08 ? 30   TRP A CA   1 
ATOM   217  C  C    . TRP A 1 30  ? -1.799  9.397   -3.819  1.00 12.67 ? 30   TRP A C    1 
ATOM   218  O  O    . TRP A 1 30  ? -2.088  8.792   -4.865  1.00 11.53 ? 30   TRP A O    1 
ATOM   219  C  CB   . TRP A 1 30  ? 0.340   10.766  -3.569  1.00 10.26 ? 30   TRP A CB   1 
ATOM   220  C  CG   . TRP A 1 30  ? 1.116   9.603   -4.125  1.00 10.28 ? 30   TRP A CG   1 
ATOM   221  C  CD1  . TRP A 1 30  ? 1.421   8.446   -3.473  1.00 13.28 ? 30   TRP A CD1  1 
ATOM   222  C  CD2  . TRP A 1 30  ? 1.805   9.545   -5.383  1.00 9.92  ? 30   TRP A CD2  1 
ATOM   223  N  NE1  . TRP A 1 30  ? 2.200   7.643   -4.267  1.00 12.13 ? 30   TRP A NE1  1 
ATOM   224  C  CE2  . TRP A 1 30  ? 2.501   8.315   -5.422  1.00 13.35 ? 30   TRP A CE2  1 
ATOM   225  C  CE3  . TRP A 1 30  ? 1.922   10.428  -6.480  1.00 10.53 ? 30   TRP A CE3  1 
ATOM   226  C  CZ2  . TRP A 1 30  ? 3.243   7.907   -6.539  1.00 12.43 ? 30   TRP A CZ2  1 
ATOM   227  C  CZ3  . TRP A 1 30  ? 2.686   10.041  -7.568  1.00 11.76 ? 30   TRP A CZ3  1 
ATOM   228  C  CH2  . TRP A 1 30  ? 3.307   8.777   -7.608  1.00 12.75 ? 30   TRP A CH2  1 
ATOM   229  N  N    . PHE A 1 31  ? -2.038  8.906   -2.592  1.00 7.50  ? 31   PHE A N    1 
ATOM   230  C  CA   . PHE A 1 31  ? -2.637  7.580   -2.361  1.00 8.54  ? 31   PHE A CA   1 
ATOM   231  C  C    . PHE A 1 31  ? -4.020  7.498   -3.006  1.00 15.01 ? 31   PHE A C    1 
ATOM   232  O  O    . PHE A 1 31  ? -4.280  6.559   -3.754  1.00 13.16 ? 31   PHE A O    1 
ATOM   233  C  CB   . PHE A 1 31  ? -2.701  7.217   -0.863  1.00 10.61 ? 31   PHE A CB   1 
ATOM   234  C  CG   . PHE A 1 31  ? -3.450  5.937   -0.579  1.00 13.03 ? 31   PHE A CG   1 
ATOM   235  C  CD1  . PHE A 1 31  ? -2.865  4.698   -0.831  1.00 13.84 ? 31   PHE A CD1  1 
ATOM   236  C  CD2  . PHE A 1 31  ? -4.761  5.968   -0.100  1.00 16.07 ? 31   PHE A CD2  1 
ATOM   237  C  CE1  . PHE A 1 31  ? -3.559  3.519   -0.565  1.00 14.68 ? 31   PHE A CE1  1 
ATOM   238  C  CE2  . PHE A 1 31  ? -5.457  4.783   0.146   1.00 18.07 ? 31   PHE A CE2  1 
ATOM   239  C  CZ   . PHE A 1 31  ? -4.851  3.570   -0.086  1.00 15.47 ? 31   PHE A CZ   1 
ATOM   240  N  N    . LYS A 1 32  ? -4.871  8.523   -2.768  1.00 14.41 ? 32   LYS A N    1 
ATOM   241  C  CA   . LYS A 1 32  ? -6.226  8.605   -3.321  1.00 13.44 ? 32   LYS A CA   1 
ATOM   242  C  C    . LYS A 1 32  ? -6.194  8.581   -4.849  1.00 15.34 ? 32   LYS A C    1 
ATOM   243  O  O    . LYS A 1 32  ? -6.889  7.781   -5.445  1.00 14.78 ? 32   LYS A O    1 
ATOM   244  C  CB   . LYS A 1 32  ? -6.943  9.882   -2.815  1.00 15.51 ? 32   LYS A CB   1 
ATOM   245  C  CG   . LYS A 1 32  ? -8.377  10.049  -3.341  1.00 32.69 ? 32   LYS A CG   1 
ATOM   246  C  CD   . LYS A 1 32  ? -9.104  11.214  -2.673  1.00 48.50 ? 32   LYS A CD   1 
ATOM   247  C  CE   . LYS A 1 32  ? -10.136 11.841  -3.584  1.00 59.07 ? 32   LYS A CE   1 
ATOM   248  N  NZ   . LYS A 1 32  ? -10.502 13.212  -3.135  1.00 62.77 ? 32   LYS A NZ   1 
ATOM   249  N  N    . ARG A 1 33  ? -5.369  9.442   -5.459  1.00 11.22 ? 33   ARG A N    1 
ATOM   250  C  CA   . ARG A 1 33  ? -5.192  9.589   -6.899  1.00 11.57 ? 33   ARG A CA   1 
ATOM   251  C  C    . ARG A 1 33  ? -4.761  8.285   -7.586  1.00 15.60 ? 33   ARG A C    1 
ATOM   252  O  O    . ARG A 1 33  ? -5.309  7.929   -8.637  1.00 14.63 ? 33   ARG A O    1 
ATOM   253  C  CB   . ARG A 1 33  ? -4.208  10.755  -7.168  1.00 16.45 ? 33   ARG A CB   1 
ATOM   254  C  CG   . ARG A 1 33  ? -3.846  11.060  -8.641  1.00 31.94 ? 33   ARG A CG   1 
ATOM   255  C  CD   . ARG A 1 33  ? -3.056  12.366  -8.838  1.00 39.70 ? 33   ARG A CD   1 
ATOM   256  N  NE   . ARG A 1 33  ? -1.870  12.516  -7.971  1.00 39.72 ? 33   ARG A NE   1 
ATOM   257  C  CZ   . ARG A 1 33  ? -1.799  13.346  -6.929  1.00 48.92 ? 33   ARG A CZ   1 
ATOM   258  N  NH1  . ARG A 1 33  ? -2.840  14.102  -6.600  1.00 47.01 ? 33   ARG A NH1  1 
ATOM   259  N  NH2  . ARG A 1 33  ? -0.690  13.419  -6.203  1.00 25.40 ? 33   ARG A NH2  1 
ATOM   260  N  N    . ASN A 1 34  ? -3.819  7.552   -6.988  1.00 12.27 ? 34   ASN A N    1 
ATOM   261  C  CA   . ASN A 1 34  ? -3.324  6.321   -7.601  1.00 12.43 ? 34   ASN A CA   1 
ATOM   262  C  C    . ASN A 1 34  ? -4.194  5.087   -7.308  1.00 16.73 ? 34   ASN A C    1 
ATOM   263  O  O    . ASN A 1 34  ? -3.980  4.019   -7.906  1.00 14.73 ? 34   ASN A O    1 
ATOM   264  C  CB   . ASN A 1 34  ? -1.854  6.109   -7.204  1.00 12.96 ? 34   ASN A CB   1 
ATOM   265  C  CG   . ASN A 1 34  ? -0.939  7.103   -7.885  1.00 23.83 ? 34   ASN A CG   1 
ATOM   266  O  OD1  . ASN A 1 34  ? -0.732  7.068   -9.095  1.00 13.51 ? 34   ASN A OD1  1 
ATOM   267  N  ND2  . ASN A 1 34  ? -0.473  8.084   -7.149  1.00 18.63 ? 34   ASN A ND2  1 
ATOM   268  N  N    . THR A 1 35  ? -5.158  5.209   -6.367  1.00 13.04 ? 35   THR A N    1 
ATOM   269  C  CA   . THR A 1 35  ? -5.988  4.049   -6.032  1.00 11.95 ? 35   THR A CA   1 
ATOM   270  C  C    . THR A 1 35  ? -7.437  4.133   -6.515  1.00 17.68 ? 35   THR A C    1 
ATOM   271  O  O    . THR A 1 35  ? -8.059  3.082   -6.694  1.00 17.11 ? 35   THR A O    1 
ATOM   272  C  CB   . THR A 1 35  ? -5.926  3.691   -4.546  1.00 11.52 ? 35   THR A CB   1 
ATOM   273  O  OG1  . THR A 1 35  ? -6.416  4.772   -3.748  1.00 9.71  ? 35   THR A OG1  1 
ATOM   274  C  CG2  . THR A 1 35  ? -4.550  3.212   -4.085  1.00 8.66  ? 35   THR A CG2  1 
ATOM   275  N  N    . LEU A 1 36  ? -7.990  5.369   -6.673  1.00 15.43 ? 36   LEU A N    1 
ATOM   276  C  CA   . LEU A 1 36  ? -9.389  5.604   -7.058  1.00 15.69 ? 36   LEU A CA   1 
ATOM   277  C  C    . LEU A 1 36  ? -9.778  4.854   -8.328  1.00 18.04 ? 36   LEU A C    1 
ATOM   278  O  O    . LEU A 1 36  ? -8.991  4.766   -9.281  1.00 16.23 ? 36   LEU A O    1 
ATOM   279  C  CB   . LEU A 1 36  ? -9.658  7.121   -7.165  1.00 16.95 ? 36   LEU A CB   1 
ATOM   280  C  CG   . LEU A 1 36  ? -11.070 7.673   -6.883  1.00 22.41 ? 36   LEU A CG   1 
ATOM   281  C  CD1  . LEU A 1 36  ? -11.643 7.203   -5.553  1.00 22.21 ? 36   LEU A CD1  1 
ATOM   282  C  CD2  . LEU A 1 36  ? -11.057 9.158   -6.904  1.00 26.06 ? 36   LEU A CD2  1 
ATOM   283  N  N    . ASP A 1 37  ? -10.940 4.187   -8.273  1.00 15.31 ? 37   ASP A N    1 
ATOM   284  C  CA   . ASP A 1 37  ? -11.528 3.412   -9.375  1.00 14.42 ? 37   ASP A CA   1 
ATOM   285  C  C    . ASP A 1 37  ? -10.726 2.174   -9.765  1.00 18.22 ? 37   ASP A C    1 
ATOM   286  O  O    . ASP A 1 37  ? -10.747 1.736   -10.913 1.00 19.75 ? 37   ASP A O    1 
ATOM   287  C  CB   . ASP A 1 37  ? -11.906 4.329   -10.560 1.00 16.21 ? 37   ASP A CB   1 
ATOM   288  C  CG   . ASP A 1 37  ? -12.712 5.520   -10.086 1.00 23.60 ? 37   ASP A CG   1 
ATOM   289  O  OD1  . ASP A 1 37  ? -13.720 5.306   -9.375  1.00 20.81 ? 37   ASP A OD1  1 
ATOM   290  O  OD2  . ASP A 1 37  ? -12.259 6.677   -10.309 1.00 28.47 ? 37   ASP A OD2  1 
ATOM   291  N  N    . LYS A 1 38  ? -10.032 1.591   -8.776  1.00 13.55 ? 38   LYS A N    1 
ATOM   292  C  CA   . LYS A 1 38  ? -9.230  0.377   -8.937  1.00 12.39 ? 38   LYS A CA   1 
ATOM   293  C  C    . LYS A 1 38  ? -9.515  -0.517  -7.736  1.00 15.95 ? 38   LYS A C    1 
ATOM   294  O  O    . LYS A 1 38  ? -9.656  0.017   -6.630  1.00 16.36 ? 38   LYS A O    1 
ATOM   295  C  CB   . LYS A 1 38  ? -7.722  0.713   -8.945  1.00 13.02 ? 38   LYS A CB   1 
ATOM   296  C  CG   . LYS A 1 38  ? -7.284  1.725   -9.993  1.00 9.99  ? 38   LYS A CG   1 
ATOM   297  C  CD   . LYS A 1 38  ? -5.790  1.912   -9.954  1.00 11.57 ? 38   LYS A CD   1 
ATOM   298  C  CE   . LYS A 1 38  ? -5.346  3.086   -10.798 1.00 9.31  ? 38   LYS A CE   1 
ATOM   299  N  NZ   . LYS A 1 38  ? -3.886  3.349   -10.606 1.00 7.79  ? 38   LYS A NZ   1 
ATOM   300  N  N    . PRO A 1 39  ? -9.546  -1.864  -7.878  1.00 10.63 ? 39   PRO A N    1 
ATOM   301  C  CA   . PRO A 1 39  ? -9.699  -2.702  -6.671  1.00 9.78  ? 39   PRO A CA   1 
ATOM   302  C  C    . PRO A 1 39  ? -8.513  -2.525  -5.722  1.00 13.72 ? 39   PRO A C    1 
ATOM   303  O  O    . PRO A 1 39  ? -7.371  -2.300  -6.164  1.00 11.74 ? 39   PRO A O    1 
ATOM   304  C  CB   . PRO A 1 39  ? -9.747  -4.141  -7.210  1.00 12.07 ? 39   PRO A CB   1 
ATOM   305  C  CG   . PRO A 1 39  ? -9.823  -4.030  -8.689  1.00 16.42 ? 39   PRO A CG   1 
ATOM   306  C  CD   . PRO A 1 39  ? -9.354  -2.677  -9.096  1.00 11.53 ? 39   PRO A CD   1 
ATOM   307  N  N    . VAL A 1 40  ? -8.799  -2.571  -4.411  1.00 10.41 ? 40   VAL A N    1 
ATOM   308  C  CA   . VAL A 1 40  ? -7.770  -2.489  -3.380  1.00 9.07  ? 40   VAL A CA   1 
ATOM   309  C  C    . VAL A 1 40  ? -7.749  -3.803  -2.584  1.00 14.27 ? 40   VAL A C    1 
ATOM   310  O  O    . VAL A 1 40  ? -8.808  -4.284  -2.188  1.00 15.66 ? 40   VAL A O    1 
ATOM   311  C  CB   . VAL A 1 40  ? -7.817  -1.208  -2.476  1.00 11.68 ? 40   VAL A CB   1 
ATOM   312  C  CG1  . VAL A 1 40  ? -7.524  0.056   -3.292  1.00 10.67 ? 40   VAL A CG1  1 
ATOM   313  C  CG2  . VAL A 1 40  ? -9.146  -1.069  -1.716  1.00 11.61 ? 40   VAL A CG2  1 
ATOM   314  N  N    . ILE A 1 41  ? -6.565  -4.415  -2.422  1.00 9.62  ? 41   ILE A N    1 
ATOM   315  C  CA   . ILE A 1 41  ? -6.411  -5.636  -1.608  1.00 8.17  ? 41   ILE A CA   1 
ATOM   316  C  C    . ILE A 1 41  ? -5.693  -5.226  -0.342  1.00 10.72 ? 41   ILE A C    1 
ATOM   317  O  O    . ILE A 1 41  ? -4.665  -4.521  -0.386  1.00 9.32  ? 41   ILE A O    1 
ATOM   318  C  CB   . ILE A 1 41  ? -5.700  -6.840  -2.314  1.00 10.11 ? 41   ILE A CB   1 
ATOM   319  C  CG1  . ILE A 1 41  ? -6.440  -7.273  -3.606  1.00 7.84  ? 41   ILE A CG1  1 
ATOM   320  C  CG2  . ILE A 1 41  ? -5.546  -8.050  -1.337  1.00 11.03 ? 41   ILE A CG2  1 
ATOM   321  C  CD1  . ILE A 1 41  ? -5.609  -8.116  -4.553  1.00 6.40  ? 41   ILE A CD1  1 
ATOM   322  N  N    . MET A 1 42  ? -6.261  -5.638  0.792   1.00 9.14  ? 42   MET A N    1 
ATOM   323  C  CA   . MET A 1 42  ? -5.693  -5.353  2.098   1.00 8.35  ? 42   MET A CA   1 
ATOM   324  C  C    . MET A 1 42  ? -5.794  -6.555  3.058   1.00 12.06 ? 42   MET A C    1 
ATOM   325  O  O    . MET A 1 42  ? -6.612  -7.462  2.850   1.00 10.71 ? 42   MET A O    1 
ATOM   326  C  CB   . MET A 1 42  ? -6.294  -4.069  2.684   1.00 9.76  ? 42   MET A CB   1 
ATOM   327  C  CG   . MET A 1 42  ? -7.653  -4.249  3.336   1.00 12.41 ? 42   MET A CG   1 
ATOM   328  S  SD   . MET A 1 42  ? -8.483  -2.677  3.674   1.00 14.95 ? 42   MET A SD   1 
ATOM   329  C  CE   . MET A 1 42  ? -9.121  -2.263  1.956   1.00 11.94 ? 42   MET A CE   1 
ATOM   330  N  N    . GLY A 1 43  ? -4.918  -6.551  4.059   1.00 7.86  ? 43   GLY A N    1 
ATOM   331  C  CA   . GLY A 1 43  ? -4.908  -7.507  5.156   1.00 8.56  ? 43   GLY A CA   1 
ATOM   332  C  C    . GLY A 1 43  ? -5.980  -7.132  6.162   1.00 15.31 ? 43   GLY A C    1 
ATOM   333  O  O    . GLY A 1 43  ? -6.452  -5.990  6.148   1.00 12.83 ? 43   GLY A O    1 
ATOM   334  N  N    . ARG A 1 44  ? -6.369  -8.088  7.053   1.00 14.12 ? 44   ARG A N    1 
ATOM   335  C  CA   . ARG A 1 44  ? -7.416  -7.880  8.076   1.00 13.77 ? 44   ARG A CA   1 
ATOM   336  C  C    . ARG A 1 44  ? -7.073  -6.745  9.051   1.00 16.62 ? 44   ARG A C    1 
ATOM   337  O  O    . ARG A 1 44  ? -7.951  -5.947  9.395   1.00 14.88 ? 44   ARG A O    1 
ATOM   338  C  CB   . ARG A 1 44  ? -7.728  -9.208  8.822   1.00 14.68 ? 44   ARG A CB   1 
ATOM   339  C  CG   . ARG A 1 44  ? -8.831  -9.069  9.878   1.00 26.19 ? 44   ARG A CG   1 
ATOM   340  C  CD   . ARG A 1 44  ? -9.105  -10.317 10.699  1.00 24.50 ? 44   ARG A CD   1 
ATOM   341  N  NE   . ARG A 1 44  ? -7.913  -10.863 11.364  1.00 30.98 ? 44   ARG A NE   1 
ATOM   342  C  CZ   . ARG A 1 44  ? -7.432  -10.473 12.544  1.00 42.62 ? 44   ARG A CZ   1 
ATOM   343  N  NH1  . ARG A 1 44  ? -8.009  -9.482  13.212  1.00 29.63 ? 44   ARG A NH1  1 
ATOM   344  N  NH2  . ARG A 1 44  ? -6.361  -11.063 13.056  1.00 30.58 ? 44   ARG A NH2  1 
ATOM   345  N  N    . HIS A 1 45  ? -5.802  -6.649  9.473   1.00 15.70 ? 45   HIS A N    1 
ATOM   346  C  CA   . HIS A 1 45  ? -5.362  -5.586  10.399  1.00 15.96 ? 45   HIS A CA   1 
ATOM   347  C  C    . HIS A 1 45  ? -5.543  -4.191  9.779   1.00 17.73 ? 45   HIS A C    1 
ATOM   348  O  O    . HIS A 1 45  ? -6.070  -3.293  10.441  1.00 15.78 ? 45   HIS A O    1 
ATOM   349  C  CB   . HIS A 1 45  ? -3.919  -5.826  10.908  1.00 17.93 ? 45   HIS A CB   1 
ATOM   350  C  CG   . HIS A 1 45  ? -3.788  -7.035  11.785  1.00 22.48 ? 45   HIS A CG   1 
ATOM   351  N  ND1  . HIS A 1 45  ? -4.545  -7.180  12.941  1.00 24.83 ? 45   HIS A ND1  1 
ATOM   352  C  CD2  . HIS A 1 45  ? -2.987  -8.116  11.657  1.00 25.59 ? 45   HIS A CD2  1 
ATOM   353  C  CE1  . HIS A 1 45  ? -4.187  -8.341  13.465  1.00 24.48 ? 45   HIS A CE1  1 
ATOM   354  N  NE2  . HIS A 1 45  ? -3.252  -8.941  12.736  1.00 25.04 ? 45   HIS A NE2  1 
ATOM   355  N  N    . THR A 1 46  ? -5.151  -4.035  8.494   1.00 13.80 ? 46   THR A N    1 
ATOM   356  C  CA   . THR A 1 46  ? -5.326  -2.802  7.713   1.00 12.87 ? 46   THR A CA   1 
ATOM   357  C  C    . THR A 1 46  ? -6.827  -2.469  7.574   1.00 15.64 ? 46   THR A C    1 
ATOM   358  O  O    . THR A 1 46  ? -7.207  -1.299  7.690   1.00 14.69 ? 46   THR A O    1 
ATOM   359  C  CB   . THR A 1 46  ? -4.572  -2.908  6.390   1.00 16.76 ? 46   THR A CB   1 
ATOM   360  O  OG1  . THR A 1 46  ? -3.182  -2.977  6.698   1.00 20.44 ? 46   THR A OG1  1 
ATOM   361  C  CG2  . THR A 1 46  ? -4.835  -1.738  5.437   1.00 15.74 ? 46   THR A CG2  1 
ATOM   362  N  N    . TRP A 1 47  ? -7.665  -3.495  7.326   1.00 12.91 ? 47   TRP A N    1 
ATOM   363  C  CA   . TRP A 1 47  ? -9.113  -3.337  7.222   1.00 12.30 ? 47   TRP A CA   1 
ATOM   364  C  C    . TRP A 1 47  ? -9.677  -2.750  8.528   1.00 15.72 ? 47   TRP A C    1 
ATOM   365  O  O    . TRP A 1 47  ? -10.417 -1.769  8.494   1.00 13.38 ? 47   TRP A O    1 
ATOM   366  C  CB   . TRP A 1 47  ? -9.808  -4.671  6.899   1.00 11.12 ? 47   TRP A CB   1 
ATOM   367  C  CG   . TRP A 1 47  ? -11.290 -4.675  7.194   1.00 11.57 ? 47   TRP A CG   1 
ATOM   368  C  CD1  . TRP A 1 47  ? -11.936 -5.450  8.113   1.00 14.06 ? 47   TRP A CD1  1 
ATOM   369  C  CD2  . TRP A 1 47  ? -12.289 -3.805  6.631   1.00 11.92 ? 47   TRP A CD2  1 
ATOM   370  N  NE1  . TRP A 1 47  ? -13.269 -5.122  8.158   1.00 13.12 ? 47   TRP A NE1  1 
ATOM   371  C  CE2  . TRP A 1 47  ? -13.518 -4.124  7.249   1.00 15.22 ? 47   TRP A CE2  1 
ATOM   372  C  CE3  . TRP A 1 47  ? -12.258 -2.760  5.688   1.00 13.26 ? 47   TRP A CE3  1 
ATOM   373  C  CZ2  . TRP A 1 47  ? -14.701 -3.437  6.957   1.00 14.42 ? 47   TRP A CZ2  1 
ATOM   374  C  CZ3  . TRP A 1 47  ? -13.437 -2.091  5.396   1.00 14.59 ? 47   TRP A CZ3  1 
ATOM   375  C  CH2  . TRP A 1 47  ? -14.645 -2.456  6.001   1.00 15.03 ? 47   TRP A CH2  1 
ATOM   376  N  N    . GLU A 1 48  ? -9.311  -3.345  9.665   1.00 15.02 ? 48   GLU A N    1 
ATOM   377  C  CA   . GLU A 1 48  ? -9.787  -2.878  10.977  1.00 15.03 ? 48   GLU A CA   1 
ATOM   378  C  C    . GLU A 1 48  ? -9.400  -1.447  11.293  1.00 20.33 ? 48   GLU A C    1 
ATOM   379  O  O    . GLU A 1 48  ? -10.237 -0.698  11.813  1.00 20.43 ? 48   GLU A O    1 
ATOM   380  C  CB   . GLU A 1 48  ? -9.358  -3.831  12.088  1.00 15.40 ? 48   GLU A CB   1 
ATOM   381  C  CG   . GLU A 1 48  ? -10.142 -5.126  12.044  1.00 21.16 ? 48   GLU A CG   1 
ATOM   382  C  CD   . GLU A 1 48  ? -9.551  -6.244  12.876  1.00 28.93 ? 48   GLU A CD   1 
ATOM   383  O  OE1  . GLU A 1 48  ? -8.766  -5.949  13.801  1.00 21.81 ? 48   GLU A OE1  1 
ATOM   384  O  OE2  . GLU A 1 48  ? -9.848  -7.421  12.579  1.00 21.04 ? 48   GLU A OE2  1 
ATOM   385  N  N    . SER A 1 49  ? -8.157  -1.059  10.960  1.00 17.08 ? 49   SER A N    1 
ATOM   386  C  CA   . SER A 1 49  ? -7.656  0.300   11.205  1.00 18.67 ? 49   SER A CA   1 
ATOM   387  C  C    . SER A 1 49  ? -8.390  1.385   10.406  1.00 25.70 ? 49   SER A C    1 
ATOM   388  O  O    . SER A 1 49  ? -8.554  2.488   10.920  1.00 26.85 ? 49   SER A O    1 
ATOM   389  C  CB   . SER A 1 49  ? -6.147  0.376   10.979  1.00 21.89 ? 49   SER A CB   1 
ATOM   390  O  OG   . SER A 1 49  ? -5.835  0.044   9.637   1.00 34.66 ? 49   SER A OG   1 
ATOM   391  N  N    . ILE A 1 50  ? -8.853  1.081   9.170   1.00 23.01 ? 50   ILE A N    1 
ATOM   392  C  CA   . ILE A 1 50  ? -9.584  2.046   8.335   1.00 22.46 ? 50   ILE A CA   1 
ATOM   393  C  C    . ILE A 1 50  ? -11.064 2.248   8.752   1.00 27.24 ? 50   ILE A C    1 
ATOM   394  O  O    . ILE A 1 50  ? -11.616 3.331   8.530   1.00 26.73 ? 50   ILE A O    1 
ATOM   395  C  CB   . ILE A 1 50  ? -9.380  1.859   6.799   1.00 25.84 ? 50   ILE A CB   1 
ATOM   396  C  CG1  . ILE A 1 50  ? -9.944  0.508   6.287   1.00 26.16 ? 50   ILE A CG1  1 
ATOM   397  C  CG2  . ILE A 1 50  ? -7.902  2.070   6.386   1.00 26.41 ? 50   ILE A CG2  1 
ATOM   398  C  CD1  . ILE A 1 50  ? -10.341 0.477   4.756   1.00 31.43 ? 50   ILE A CD1  1 
ATOM   399  N  N    . GLY A 1 51  ? -11.687 1.209   9.322   1.00 23.64 ? 51   GLY A N    1 
ATOM   400  C  CA   . GLY A 1 51  ? -13.062 1.264   9.832   1.00 23.44 ? 51   GLY A CA   1 
ATOM   401  C  C    . GLY A 1 51  ? -14.221 1.205   8.842   1.00 26.36 ? 51   GLY A C    1 
ATOM   402  O  O    . GLY A 1 51  ? -15.260 0.610   9.152   1.00 27.95 ? 51   GLY A O    1 
ATOM   403  N  N    . ARG A 1 52  ? -14.074 1.828   7.654   1.00 18.42 ? 52   ARG A N    1 
ATOM   404  C  CA   . ARG A 1 52  ? -15.133 1.930   6.635   1.00 16.53 ? 52   ARG A CA   1 
ATOM   405  C  C    . ARG A 1 52  ? -14.523 1.617   5.266   1.00 15.95 ? 52   ARG A C    1 
ATOM   406  O  O    . ARG A 1 52  ? -13.353 1.928   5.076   1.00 13.67 ? 52   ARG A O    1 
ATOM   407  C  CB   . ARG A 1 52  ? -15.684 3.388   6.663   1.00 16.91 ? 52   ARG A CB   1 
ATOM   408  C  CG   . ARG A 1 52  ? -16.798 3.741   5.694   1.00 32.17 ? 52   ARG A CG   1 
ATOM   409  C  CD   . ARG A 1 52  ? -17.261 5.203   5.809   1.00 41.42 ? 52   ARG A CD   1 
ATOM   410  N  NE   . ARG A 1 52  ? -18.386 5.486   4.904   1.00 43.53 ? 52   ARG A NE   1 
ATOM   411  C  CZ   . ARG A 1 52  ? -19.654 5.180   5.176   1.00 49.62 ? 52   ARG A CZ   1 
ATOM   412  N  NH1  . ARG A 1 52  ? -19.973 4.613   6.333   1.00 23.91 ? 52   ARG A NH1  1 
ATOM   413  N  NH2  . ARG A 1 52  ? -20.615 5.437   4.287   1.00 27.78 ? 52   ARG A NH2  1 
ATOM   414  N  N    . PRO A 1 53  ? -15.255 1.054   4.277   1.00 11.75 ? 53   PRO A N    1 
ATOM   415  C  CA   . PRO A 1 53  ? -14.617 0.816   2.976   1.00 12.01 ? 53   PRO A CA   1 
ATOM   416  C  C    . PRO A 1 53  ? -14.126 2.103   2.301   1.00 17.69 ? 53   PRO A C    1 
ATOM   417  O  O    . PRO A 1 53  ? -14.711 3.184   2.485   1.00 16.19 ? 53   PRO A O    1 
ATOM   418  C  CB   . PRO A 1 53  ? -15.736 0.189   2.145   1.00 13.55 ? 53   PRO A CB   1 
ATOM   419  C  CG   . PRO A 1 53  ? -16.714 -0.319  3.109   1.00 17.85 ? 53   PRO A CG   1 
ATOM   420  C  CD   . PRO A 1 53  ? -16.661 0.601   4.273   1.00 13.00 ? 53   PRO A CD   1 
ATOM   421  N  N    . LEU A 1 54  ? -13.025 1.992   1.548   1.00 15.96 ? 54   LEU A N    1 
ATOM   422  C  CA   . LEU A 1 54  ? -12.509 3.105   0.740   1.00 16.04 ? 54   LEU A CA   1 
ATOM   423  C  C    . LEU A 1 54  ? -13.498 3.279   -0.413  1.00 17.20 ? 54   LEU A C    1 
ATOM   424  O  O    . LEU A 1 54  ? -13.786 2.299   -1.121  1.00 12.43 ? 54   LEU A O    1 
ATOM   425  C  CB   . LEU A 1 54  ? -11.081 2.827   0.209   1.00 16.46 ? 54   LEU A CB   1 
ATOM   426  C  CG   . LEU A 1 54  ? -9.998  2.746   1.274   1.00 22.53 ? 54   LEU A CG   1 
ATOM   427  C  CD1  . LEU A 1 54  ? -8.746  2.121   0.718   1.00 22.86 ? 54   LEU A CD1  1 
ATOM   428  C  CD2  . LEU A 1 54  ? -9.695  4.135   1.879   1.00 25.54 ? 54   LEU A CD2  1 
ATOM   429  N  N    . PRO A 1 55  ? -14.110 4.482   -0.557  1.00 18.34 ? 55   PRO A N    1 
ATOM   430  C  CA   . PRO A 1 55  ? -15.133 4.658   -1.608  1.00 18.44 ? 55   PRO A CA   1 
ATOM   431  C  C    . PRO A 1 55  ? -14.566 4.732   -3.005  1.00 23.21 ? 55   PRO A C    1 
ATOM   432  O  O    . PRO A 1 55  ? -13.414 5.139   -3.186  1.00 22.96 ? 55   PRO A O    1 
ATOM   433  C  CB   . PRO A 1 55  ? -15.795 5.984   -1.237  1.00 21.04 ? 55   PRO A CB   1 
ATOM   434  C  CG   . PRO A 1 55  ? -14.738 6.740   -0.505  1.00 25.71 ? 55   PRO A CG   1 
ATOM   435  C  CD   . PRO A 1 55  ? -13.916 5.719   0.230   1.00 20.74 ? 55   PRO A CD   1 
ATOM   436  N  N    . GLY A 1 56  ? -15.402 4.364   -3.971  1.00 21.34 ? 56   GLY A N    1 
ATOM   437  C  CA   . GLY A 1 56  ? -15.088 4.382   -5.393  1.00 21.90 ? 56   GLY A CA   1 
ATOM   438  C  C    . GLY A 1 56  ? -13.965 3.442   -5.782  1.00 26.68 ? 56   GLY A C    1 
ATOM   439  O  O    . GLY A 1 56  ? -13.213 3.738   -6.711  1.00 25.12 ? 56   GLY A O    1 
ATOM   440  N  N    . ARG A 1 57  ? -13.829 2.324   -5.021  1.00 23.82 ? 57   ARG A N    1 
ATOM   441  C  CA   . ARG A 1 57  ? -12.842 1.234   -5.145  1.00 22.26 ? 57   ARG A CA   1 
ATOM   442  C  C    . ARG A 1 57  ? -13.493 -0.069  -4.620  1.00 24.90 ? 57   ARG A C    1 
ATOM   443  O  O    . ARG A 1 57  ? -14.198 -0.025  -3.608  1.00 24.04 ? 57   ARG A O    1 
ATOM   444  C  CB   . ARG A 1 57  ? -11.602 1.539   -4.268  1.00 20.48 ? 57   ARG A CB   1 
ATOM   445  C  CG   . ARG A 1 57  ? -10.674 2.627   -4.820  1.00 31.82 ? 57   ARG A CG   1 
ATOM   446  C  CD   . ARG A 1 57  ? -9.809  3.316   -3.775  1.00 27.20 ? 57   ARG A CD   1 
ATOM   447  N  NE   . ARG A 1 57  ? -10.547 4.379   -3.082  1.00 29.43 ? 57   ARG A NE   1 
ATOM   448  C  CZ   . ARG A 1 57  ? -10.006 5.259   -2.243  1.00 41.65 ? 57   ARG A CZ   1 
ATOM   449  N  NH1  . ARG A 1 57  ? -8.697  5.239   -1.995  1.00 23.13 ? 57   ARG A NH1  1 
ATOM   450  N  NH2  . ARG A 1 57  ? -10.768 6.158   -1.634  1.00 29.75 ? 57   ARG A NH2  1 
ATOM   451  N  N    . LYS A 1 58  ? -13.236 -1.223  -5.272  1.00 20.54 ? 58   LYS A N    1 
ATOM   452  C  CA   . LYS A 1 58  ? -13.714 -2.518  -4.768  1.00 19.30 ? 58   LYS A CA   1 
ATOM   453  C  C    . LYS A 1 58  ? -12.758 -2.880  -3.621  1.00 19.94 ? 58   LYS A C    1 
ATOM   454  O  O    . LYS A 1 58  ? -11.548 -2.871  -3.830  1.00 19.90 ? 58   LYS A O    1 
ATOM   455  C  CB   . LYS A 1 58  ? -13.639 -3.587  -5.867  1.00 20.82 ? 58   LYS A CB   1 
ATOM   456  C  CG   . LYS A 1 58  ? -14.177 -4.944  -5.418  1.00 22.95 ? 58   LYS A CG   1 
ATOM   457  C  CD   . LYS A 1 58  ? -13.984 -5.985  -6.491  1.00 28.20 ? 58   LYS A CD   1 
ATOM   458  C  CE   . LYS A 1 58  ? -14.865 -7.182  -6.240  1.00 30.74 ? 58   LYS A CE   1 
ATOM   459  N  NZ   . LYS A 1 58  ? -15.035 -7.971  -7.481  1.00 25.68 ? 58   LYS A NZ   1 
ATOM   460  N  N    . ASN A 1 59  ? -13.282 -3.181  -2.427  1.00 14.90 ? 59   ASN A N    1 
ATOM   461  C  CA   . ASN A 1 59  ? -12.448 -3.492  -1.256  1.00 13.64 ? 59   ASN A CA   1 
ATOM   462  C  C    . ASN A 1 59  ? -12.338 -4.984  -0.976  1.00 16.32 ? 59   ASN A C    1 
ATOM   463  O  O    . ASN A 1 59  ? -13.318 -5.622  -0.577  1.00 15.35 ? 59   ASN A O    1 
ATOM   464  C  CB   . ASN A 1 59  ? -12.952 -2.751  -0.018  1.00 11.12 ? 59   ASN A CB   1 
ATOM   465  C  CG   . ASN A 1 59  ? -12.735 -1.270  -0.026  1.00 20.13 ? 59   ASN A CG   1 
ATOM   466  O  OD1  . ASN A 1 59  ? -12.325 -0.700  0.969   1.00 11.21 ? 59   ASN A OD1  1 
ATOM   467  N  ND2  . ASN A 1 59  ? -13.037 -0.599  -1.125  1.00 17.15 ? 59   ASN A ND2  1 
ATOM   468  N  N    . ILE A 1 60  ? -11.128 -5.537  -1.174  1.00 11.91 ? 60   ILE A N    1 
ATOM   469  C  CA   . ILE A 1 60  ? -10.875 -6.969  -0.978  1.00 10.31 ? 60   ILE A CA   1 
ATOM   470  C  C    . ILE A 1 60  ? -10.007 -7.156  0.252   1.00 12.57 ? 60   ILE A C    1 
ATOM   471  O  O    . ILE A 1 60  ? -8.888  -6.617  0.326   1.00 11.09 ? 60   ILE A O    1 
ATOM   472  C  CB   . ILE A 1 60  ? -10.305 -7.614  -2.272  1.00 13.34 ? 60   ILE A CB   1 
ATOM   473  C  CG1  . ILE A 1 60  ? -11.393 -7.638  -3.360  1.00 14.96 ? 60   ILE A CG1  1 
ATOM   474  C  CG2  . ILE A 1 60  ? -9.737  -9.019  -2.030  1.00 11.69 ? 60   ILE A CG2  1 
ATOM   475  C  CD1  . ILE A 1 60  ? -10.890 -7.369  -4.727  1.00 26.02 ? 60   ILE A CD1  1 
ATOM   476  N  N    . ILE A 1 61  ? -10.546 -7.911  1.227   1.00 8.89  ? 61   ILE A N    1 
ATOM   477  C  CA   . ILE A 1 61  ? -9.893  -8.208  2.509   1.00 9.32  ? 61   ILE A CA   1 
ATOM   478  C  C    . ILE A 1 61  ? -9.409  -9.648  2.588   1.00 13.71 ? 61   ILE A C    1 
ATOM   479  O  O    . ILE A 1 61  ? -10.197 -10.579 2.433   1.00 10.64 ? 61   ILE A O    1 
ATOM   480  C  CB   . ILE A 1 61  ? -10.766 -7.871  3.758   1.00 11.59 ? 61   ILE A CB   1 
ATOM   481  C  CG1  . ILE A 1 61  ? -11.686 -6.631  3.569   1.00 10.91 ? 61   ILE A CG1  1 
ATOM   482  C  CG2  . ILE A 1 61  ? -9.918  -7.836  5.031   1.00 10.59 ? 61   ILE A CG2  1 
ATOM   483  C  CD1  . ILE A 1 61  ? -11.048 -5.340  3.183   1.00 11.62 ? 61   ILE A CD1  1 
ATOM   484  N  N    . LEU A 1 62  ? -8.127  -9.803  2.945   1.00 14.21 ? 62   LEU A N    1 
ATOM   485  C  CA   . LEU A 1 62  ? -7.438  -11.081 3.104   1.00 15.66 ? 62   LEU A CA   1 
ATOM   486  C  C    . LEU A 1 62  ? -7.502  -11.492 4.583   1.00 19.82 ? 62   LEU A C    1 
ATOM   487  O  O    . LEU A 1 62  ? -7.029  -10.766 5.460   1.00 18.43 ? 62   LEU A O    1 
ATOM   488  C  CB   . LEU A 1 62  ? -5.979  -10.879 2.660   1.00 17.00 ? 62   LEU A CB   1 
ATOM   489  C  CG   . LEU A 1 62  ? -5.243  -11.904 1.765   1.00 22.11 ? 62   LEU A CG   1 
ATOM   490  C  CD1  . LEU A 1 62  ? -6.035  -13.186 1.494   1.00 19.68 ? 62   LEU A CD1  1 
ATOM   491  C  CD2  . LEU A 1 62  ? -4.762  -11.248 0.497   1.00 27.28 ? 62   LEU A CD2  1 
ATOM   492  N  N    . SER A 1 63  ? -8.160  -12.625 4.854   1.00 16.82 ? 63   SER A N    1 
ATOM   493  C  CA   . SER A 1 63  ? -8.301  -13.196 6.193   1.00 15.47 ? 63   SER A CA   1 
ATOM   494  C  C    . SER A 1 63  ? -8.445  -14.711 6.070   1.00 17.11 ? 63   SER A C    1 
ATOM   495  O  O    . SER A 1 63  ? -9.081  -15.169 5.130   1.00 13.79 ? 63   SER A O    1 
ATOM   496  C  CB   . SER A 1 63  ? -9.514  -12.602 6.903   1.00 16.91 ? 63   SER A CB   1 
ATOM   497  O  OG   . SER A 1 63  ? -9.638  -13.105 8.224   1.00 22.36 ? 63   SER A OG   1 
ATOM   498  N  N    . SER A 1 64  ? -7.811  -15.494 6.987   1.00 16.43 ? 64   SER A N    1 
ATOM   499  C  CA   . SER A 1 64  ? -7.961  -16.959 6.993   1.00 17.01 ? 64   SER A CA   1 
ATOM   500  C  C    . SER A 1 64  ? -9.397  -17.317 7.452   1.00 20.57 ? 64   SER A C    1 
ATOM   501  O  O    . SER A 1 64  ? -9.933  -18.360 7.101   1.00 20.38 ? 64   SER A O    1 
ATOM   502  C  CB   . SER A 1 64  ? -6.962  -17.601 7.960   1.00 19.81 ? 64   SER A CB   1 
ATOM   503  O  OG   . SER A 1 64  ? -7.194  -17.162 9.293   1.00 25.51 ? 64   SER A OG   1 
ATOM   504  N  N    . GLN A 1 65  ? -9.994  -16.433 8.243   1.00 17.65 ? 65   GLN A N    1 
ATOM   505  C  CA   . GLN A 1 65  ? -11.294 -16.611 8.854   1.00 18.08 ? 65   GLN A CA   1 
ATOM   506  C  C    . GLN A 1 65  ? -12.475 -16.071 8.057   1.00 23.96 ? 65   GLN A C    1 
ATOM   507  O  O    . GLN A 1 65  ? -12.262 -15.213 7.192   1.00 23.46 ? 65   GLN A O    1 
ATOM   508  C  CB   . GLN A 1 65  ? -11.256 -16.042 10.289  1.00 19.57 ? 65   GLN A CB   1 
ATOM   509  C  CG   . GLN A 1 65  ? -10.542 -16.961 11.291  1.00 35.78 ? 65   GLN A CG   1 
ATOM   510  C  CD   . GLN A 1 65  ? -11.299 -18.261 11.525  1.00 51.43 ? 65   GLN A CD   1 
ATOM   511  O  OE1  . GLN A 1 65  ? -11.032 -19.289 10.891  1.00 39.90 ? 65   GLN A OE1  1 
ATOM   512  N  NE2  . GLN A 1 65  ? -12.265 -18.243 12.442  1.00 47.75 ? 65   GLN A NE2  1 
ATOM   513  N  N    . PRO A 1 66  ? -13.733 -16.549 8.335   1.00 21.14 ? 66   PRO A N    1 
ATOM   514  C  CA   . PRO A 1 66  ? -14.897 -16.009 7.607   1.00 20.69 ? 66   PRO A CA   1 
ATOM   515  C  C    . PRO A 1 66  ? -15.010 -14.500 7.765   1.00 24.07 ? 66   PRO A C    1 
ATOM   516  O  O    . PRO A 1 66  ? -14.527 -13.931 8.761   1.00 23.37 ? 66   PRO A O    1 
ATOM   517  C  CB   . PRO A 1 66  ? -16.105 -16.707 8.265   1.00 22.51 ? 66   PRO A CB   1 
ATOM   518  C  CG   . PRO A 1 66  ? -15.548 -17.948 8.907   1.00 26.43 ? 66   PRO A CG   1 
ATOM   519  C  CD   . PRO A 1 66  ? -14.147 -17.573 9.329   1.00 22.56 ? 66   PRO A CD   1 
ATOM   520  N  N    . GLY A 1 67  ? -15.612 -13.861 6.760   1.00 19.10 ? 67   GLY A N    1 
ATOM   521  C  CA   . GLY A 1 67  ? -15.807 -12.421 6.767   1.00 18.29 ? 67   GLY A CA   1 
ATOM   522  C  C    . GLY A 1 67  ? -16.791 -11.954 7.816   1.00 18.63 ? 67   GLY A C    1 
ATOM   523  O  O    . GLY A 1 67  ? -17.703 -12.685 8.185   1.00 16.91 ? 67   GLY A O    1 
ATOM   524  N  N    . THR A 1 68  ? -16.586 -10.753 8.329   1.00 15.47 ? 68   THR A N    1 
ATOM   525  C  CA   . THR A 1 68  ? -17.436 -10.160 9.377   1.00 15.01 ? 68   THR A CA   1 
ATOM   526  C  C    . THR A 1 68  ? -18.023 -8.792  8.957   1.00 18.59 ? 68   THR A C    1 
ATOM   527  O  O    . THR A 1 68  ? -18.389 -7.985  9.801   1.00 18.22 ? 68   THR A O    1 
ATOM   528  C  CB   . THR A 1 68  ? -16.646 -10.086 10.707  1.00 21.96 ? 68   THR A CB   1 
ATOM   529  O  OG1  . THR A 1 68  ? -15.480 -9.286  10.490  1.00 18.65 ? 68   THR A OG1  1 
ATOM   530  C  CG2  . THR A 1 68  ? -16.263 -11.483 11.255  1.00 16.78 ? 68   THR A CG2  1 
ATOM   531  N  N    . ASP A 1 69  ? -18.123 -8.540  7.650   1.00 15.70 ? 69   ASP A N    1 
ATOM   532  C  CA   . ASP A 1 69  ? -18.649 -7.284  7.120   1.00 14.96 ? 69   ASP A CA   1 
ATOM   533  C  C    . ASP A 1 69  ? -19.027 -7.498  5.666   1.00 16.81 ? 69   ASP A C    1 
ATOM   534  O  O    . ASP A 1 69  ? -18.159 -7.825  4.858   1.00 15.77 ? 69   ASP A O    1 
ATOM   535  C  CB   . ASP A 1 69  ? -17.618 -6.120  7.279   1.00 15.64 ? 69   ASP A CB   1 
ATOM   536  C  CG   . ASP A 1 69  ? -18.245 -4.733  7.137   1.00 10.92 ? 69   ASP A CG   1 
ATOM   537  O  OD1  . ASP A 1 69  ? -19.090 -4.558  6.256   1.00 11.10 ? 69   ASP A OD1  1 
ATOM   538  O  OD2  . ASP A 1 69  ? -17.840 -3.819  7.876   1.00 16.53 ? 69   ASP A OD2  1 
ATOM   539  N  N    . ASP A 1 70  ? -20.326 -7.347  5.334   1.00 13.58 ? 70   ASP A N    1 
ATOM   540  C  CA   . ASP A 1 70  ? -20.800 -7.544  3.952   1.00 12.72 ? 70   ASP A CA   1 
ATOM   541  C  C    . ASP A 1 70  ? -20.531 -6.382  2.980   1.00 14.71 ? 70   ASP A C    1 
ATOM   542  O  O    . ASP A 1 70  ? -20.703 -6.535  1.765   1.00 14.27 ? 70   ASP A O    1 
ATOM   543  C  CB   . ASP A 1 70  ? -22.263 -8.002  3.922   1.00 14.30 ? 70   ASP A CB   1 
ATOM   544  C  CG   . ASP A 1 70  ? -22.436 -9.435  4.363   1.00 23.83 ? 70   ASP A CG   1 
ATOM   545  O  OD1  . ASP A 1 70  ? -21.432 -10.063 4.769   1.00 26.61 ? 70   ASP A OD1  1 
ATOM   546  O  OD2  . ASP A 1 70  ? -23.559 -9.934  4.295   1.00 28.17 ? 70   ASP A OD2  1 
ATOM   547  N  N    . ARG A 1 71  ? -20.032 -5.263  3.499   1.00 10.37 ? 71   ARG A N    1 
ATOM   548  C  CA   . ARG A 1 71  ? -19.713 -4.085  2.688   1.00 10.63 ? 71   ARG A CA   1 
ATOM   549  C  C    . ARG A 1 71  ? -18.450 -4.311  1.859   1.00 14.77 ? 71   ARG A C    1 
ATOM   550  O  O    . ARG A 1 71  ? -18.205 -3.580  0.913   1.00 15.30 ? 71   ARG A O    1 
ATOM   551  C  CB   . ARG A 1 71  ? -19.535 -2.857  3.577   1.00 10.81 ? 71   ARG A CB   1 
ATOM   552  C  CG   . ARG A 1 71  ? -20.780 -2.514  4.390   1.00 14.82 ? 71   ARG A CG   1 
ATOM   553  C  CD   . ARG A 1 71  ? -20.532 -1.330  5.288   1.00 17.94 ? 71   ARG A CD   1 
ATOM   554  N  NE   . ARG A 1 71  ? -19.524 -1.613  6.318   1.00 12.39 ? 71   ARG A NE   1 
ATOM   555  C  CZ   . ARG A 1 71  ? -18.979 -0.684  7.088   1.00 17.53 ? 71   ARG A CZ   1 
ATOM   556  N  NH1  . ARG A 1 71  ? -19.298 0.595   6.923   1.00 11.69 ? 71   ARG A NH1  1 
ATOM   557  N  NH2  . ARG A 1 71  ? -18.090 -1.019  8.014   1.00 15.98 ? 71   ARG A NH2  1 
ATOM   558  N  N    . VAL A 1 72  ? -17.668 -5.342  2.199   1.00 10.54 ? 72   VAL A N    1 
ATOM   559  C  CA   . VAL A 1 72  ? -16.401 -5.658  1.529   1.00 10.15 ? 72   VAL A CA   1 
ATOM   560  C  C    . VAL A 1 72  ? -16.376 -7.117  1.051   1.00 13.33 ? 72   VAL A C    1 
ATOM   561  O  O    . VAL A 1 72  ? -17.223 -7.891  1.470   1.00 12.72 ? 72   VAL A O    1 
ATOM   562  C  CB   . VAL A 1 72  ? -15.184 -5.271  2.420   1.00 12.36 ? 72   VAL A CB   1 
ATOM   563  C  CG1  . VAL A 1 72  ? -15.154 -3.765  2.671   1.00 12.12 ? 72   VAL A CG1  1 
ATOM   564  C  CG2  . VAL A 1 72  ? -15.179 -6.033  3.742   1.00 11.11 ? 72   VAL A CG2  1 
ATOM   565  N  N    . THR A 1 73  ? -15.434 -7.466  0.149   1.00 10.99 ? 73   THR A N    1 
ATOM   566  C  CA   . THR A 1 73  ? -15.237 -8.806  -0.420  1.00 10.34 ? 73   THR A CA   1 
ATOM   567  C  C    . THR A 1 73  ? -14.172 -9.511  0.421   1.00 14.65 ? 73   THR A C    1 
ATOM   568  O  O    . THR A 1 73  ? -13.082 -8.979  0.604   1.00 14.83 ? 73   THR A O    1 
ATOM   569  C  CB   . THR A 1 73  ? -14.868 -8.696  -1.922  1.00 11.98 ? 73   THR A CB   1 
ATOM   570  O  OG1  . THR A 1 73  ? -15.953 -8.091  -2.625  1.00 11.29 ? 73   THR A OG1  1 
ATOM   571  C  CG2  . THR A 1 73  ? -14.573 -10.043 -2.563  1.00 8.25  ? 73   THR A CG2  1 
ATOM   572  N  N    . TRP A 1 74  ? -14.487 -10.703 0.934   1.00 11.38 ? 74   TRP A N    1 
ATOM   573  C  CA   . TRP A 1 74  ? -13.572 -11.443 1.800   1.00 10.82 ? 74   TRP A CA   1 
ATOM   574  C  C    . TRP A 1 74  ? -12.978 -12.608 1.087   1.00 13.60 ? 74   TRP A C    1 
ATOM   575  O  O    . TRP A 1 74  ? -13.708 -13.343 0.434   1.00 11.99 ? 74   TRP A O    1 
ATOM   576  C  CB   . TRP A 1 74  ? -14.306 -11.911 3.046   1.00 9.57  ? 74   TRP A CB   1 
ATOM   577  C  CG   . TRP A 1 74  ? -14.678 -10.792 3.967   1.00 10.39 ? 74   TRP A CG   1 
ATOM   578  C  CD1  . TRP A 1 74  ? -15.830 -10.062 3.955   1.00 13.62 ? 74   TRP A CD1  1 
ATOM   579  C  CD2  . TRP A 1 74  ? -13.904 -10.309 5.069   1.00 10.06 ? 74   TRP A CD2  1 
ATOM   580  N  NE1  . TRP A 1 74  ? -15.812 -9.133  4.977   1.00 13.17 ? 74   TRP A NE1  1 
ATOM   581  C  CE2  . TRP A 1 74  ? -14.648 -9.277  5.688   1.00 13.94 ? 74   TRP A CE2  1 
ATOM   582  C  CE3  . TRP A 1 74  ? -12.681 -10.699 5.643   1.00 10.78 ? 74   TRP A CE3  1 
ATOM   583  C  CZ2  . TRP A 1 74  ? -14.199 -8.616  6.836   1.00 12.62 ? 74   TRP A CZ2  1 
ATOM   584  C  CZ3  . TRP A 1 74  ? -12.237 -10.035 6.773   1.00 11.51 ? 74   TRP A CZ3  1 
ATOM   585  C  CH2  . TRP A 1 74  ? -12.989 -9.005  7.352   1.00 12.10 ? 74   TRP A CH2  1 
ATOM   586  N  N    . VAL A 1 75  ? -11.649 -12.780 1.200   1.00 10.73 ? 75   VAL A N    1 
ATOM   587  C  CA   . VAL A 1 75  ? -10.919 -13.870 0.535   1.00 10.67 ? 75   VAL A CA   1 
ATOM   588  C  C    . VAL A 1 75  ? -9.957  -14.567 1.525   1.00 15.31 ? 75   VAL A C    1 
ATOM   589  O  O    . VAL A 1 75  ? -9.573  -13.978 2.533   1.00 15.99 ? 75   VAL A O    1 
ATOM   590  C  CB   . VAL A 1 75  ? -10.187 -13.392 -0.744  1.00 13.33 ? 75   VAL A CB   1 
ATOM   591  C  CG1  . VAL A 1 75  ? -11.177 -12.928 -1.829  1.00 12.28 ? 75   VAL A CG1  1 
ATOM   592  C  CG2  . VAL A 1 75  ? -9.158  -12.291 -0.407  1.00 12.34 ? 75   VAL A CG2  1 
ATOM   593  N  N    . LYS A 1 76  ? -9.546  -15.800 1.199   1.00 11.61 ? 76   LYS A N    1 
ATOM   594  C  CA   . LYS A 1 76  ? -8.730  -16.642 2.063   1.00 11.36 ? 76   LYS A CA   1 
ATOM   595  C  C    . LYS A 1 76  ? -7.351  -16.992 1.517   1.00 15.97 ? 76   LYS A C    1 
ATOM   596  O  O    . LYS A 1 76  ? -6.592  -17.741 2.154   1.00 15.69 ? 76   LYS A O    1 
ATOM   597  C  CB   . LYS A 1 76  ? -9.527  -17.898 2.459   1.00 14.03 ? 76   LYS A CB   1 
ATOM   598  C  CG   . LYS A 1 76  ? -10.699 -17.590 3.386   1.00 16.33 ? 76   LYS A CG   1 
ATOM   599  C  CD   . LYS A 1 76  ? -11.516 -18.831 3.726   1.00 17.70 ? 76   LYS A CD   1 
ATOM   600  C  CE   . LYS A 1 76  ? -12.835 -18.436 4.372   1.00 20.75 ? 76   LYS A CE   1 
ATOM   601  N  NZ   . LYS A 1 76  ? -13.755 -19.586 4.537   1.00 36.84 ? 76   LYS A NZ   1 
ATOM   602  N  N    . SER A 1 77  ? -7.002  -16.437 0.347   1.00 12.52 ? 77   SER A N    1 
ATOM   603  C  CA   . SER A 1 77  ? -5.691  -16.681 -0.230  1.00 10.34 ? 77   SER A CA   1 
ATOM   604  C  C    . SER A 1 77  ? -5.322  -15.581 -1.159  1.00 13.54 ? 77   SER A C    1 
ATOM   605  O  O    . SER A 1 77  ? -6.199  -14.809 -1.551  1.00 13.10 ? 77   SER A O    1 
ATOM   606  C  CB   . SER A 1 77  ? -5.627  -18.035 -0.926  1.00 11.93 ? 77   SER A CB   1 
ATOM   607  O  OG   . SER A 1 77  ? -6.419  -18.119 -2.095  1.00 14.15 ? 77   SER A OG   1 
ATOM   608  N  N    . VAL A 1 78  ? -4.017  -15.479 -1.481  1.00 9.51  ? 78   VAL A N    1 
ATOM   609  C  CA   . VAL A 1 78  ? -3.454  -14.486 -2.405  1.00 9.79  ? 78   VAL A CA   1 
ATOM   610  C  C    . VAL A 1 78  ? -4.142  -14.675 -3.769  1.00 13.18 ? 78   VAL A C    1 
ATOM   611  O  O    . VAL A 1 78  ? -4.681  -13.721 -4.332  1.00 10.62 ? 78   VAL A O    1 
ATOM   612  C  CB   . VAL A 1 78  ? -1.892  -14.622 -2.485  1.00 13.45 ? 78   VAL A CB   1 
ATOM   613  C  CG1  . VAL A 1 78  ? -1.312  -13.960 -3.739  1.00 13.75 ? 78   VAL A CG1  1 
ATOM   614  C  CG2  . VAL A 1 78  ? -1.220  -14.080 -1.226  1.00 12.67 ? 78   VAL A CG2  1 
ATOM   615  N  N    . ASP A 1 79  ? -4.156  -15.918 -4.276  1.00 12.63 ? 79   ASP A N    1 
ATOM   616  C  CA   . ASP A 1 79  ? -4.758  -16.209 -5.578  1.00 13.01 ? 79   ASP A CA   1 
ATOM   617  C  C    . ASP A 1 79  ? -6.259  -15.938 -5.614  1.00 15.55 ? 79   ASP A C    1 
ATOM   618  O  O    . ASP A 1 79  ? -6.745  -15.442 -6.624  1.00 14.92 ? 79   ASP A O    1 
ATOM   619  C  CB   . ASP A 1 79  ? -4.375  -17.607 -6.056  1.00 15.76 ? 79   ASP A CB   1 
ATOM   620  C  CG   . ASP A 1 79  ? -2.889  -17.724 -6.325  1.00 22.67 ? 79   ASP A CG   1 
ATOM   621  O  OD1  . ASP A 1 79  ? -2.336  -16.842 -7.049  1.00 19.31 ? 79   ASP A OD1  1 
ATOM   622  O  OD2  . ASP A 1 79  ? -2.264  -18.655 -5.773  1.00 31.36 ? 79   ASP A OD2  1 
ATOM   623  N  N    . GLU A 1 80  ? -6.973  -16.147 -4.480  1.00 11.08 ? 80   GLU A N    1 
ATOM   624  C  CA   . GLU A 1 80  ? -8.402  -15.820 -4.405  1.00 9.29  ? 80   GLU A CA   1 
ATOM   625  C  C    . GLU A 1 80  ? -8.605  -14.295 -4.488  1.00 11.10 ? 80   GLU A C    1 
ATOM   626  O  O    . GLU A 1 80  ? -9.476  -13.858 -5.239  1.00 9.16  ? 80   GLU A O    1 
ATOM   627  C  CB   . GLU A 1 80  ? -9.071  -16.403 -3.152  1.00 10.54 ? 80   GLU A CB   1 
ATOM   628  C  CG   . GLU A 1 80  ? -10.598 -16.353 -3.238  1.00 12.68 ? 80   GLU A CG   1 
ATOM   629  C  CD   . GLU A 1 80  ? -11.401 -16.594 -1.977  1.00 23.13 ? 80   GLU A CD   1 
ATOM   630  O  OE1  . GLU A 1 80  ? -10.801 -16.989 -0.952  1.00 17.61 ? 80   GLU A OE1  1 
ATOM   631  O  OE2  . GLU A 1 80  ? -12.632 -16.349 -2.003  1.00 15.82 ? 80   GLU A OE2  1 
ATOM   632  N  N    . ALA A 1 81  ? -7.769  -13.492 -3.769  1.00 9.21  ? 81   ALA A N    1 
ATOM   633  C  CA   . ALA A 1 81  ? -7.814  -12.018 -3.814  1.00 8.90  ? 81   ALA A CA   1 
ATOM   634  C  C    . ALA A 1 81  ? -7.655  -11.508 -5.243  1.00 12.21 ? 81   ALA A C    1 
ATOM   635  O  O    . ALA A 1 81  ? -8.365  -10.583 -5.633  1.00 11.98 ? 81   ALA A O    1 
ATOM   636  C  CB   . ALA A 1 81  ? -6.716  -11.420 -2.944  1.00 9.49  ? 81   ALA A CB   1 
ATOM   637  N  N    . ILE A 1 82  ? -6.715  -12.093 -6.016  1.00 8.66  ? 82   ILE A N    1 
ATOM   638  C  CA   . ILE A 1 82  ? -6.465  -11.674 -7.416  1.00 8.31  ? 82   ILE A CA   1 
ATOM   639  C  C    . ILE A 1 82  ? -7.679  -12.027 -8.300  1.00 13.04 ? 82   ILE A C    1 
ATOM   640  O  O    . ILE A 1 82  ? -8.145  -11.194 -9.096  1.00 11.05 ? 82   ILE A O    1 
ATOM   641  C  CB   . ILE A 1 82  ? -5.133  -12.287 -7.975  1.00 10.67 ? 82   ILE A CB   1 
ATOM   642  C  CG1  . ILE A 1 82  ? -3.894  -11.909 -7.090  1.00 11.41 ? 82   ILE A CG1  1 
ATOM   643  C  CG2  . ILE A 1 82  ? -4.896  -11.850 -9.428  1.00 10.48 ? 82   ILE A CG2  1 
ATOM   644  C  CD1  . ILE A 1 82  ? -2.634  -12.870 -7.314  1.00 10.94 ? 82   ILE A CD1  1 
ATOM   645  N  N    . ALA A 1 83  ? -8.146  -13.276 -8.192  1.00 11.47 ? 83   ALA A N    1 
ATOM   646  C  CA   . ALA A 1 83  ? -9.311  -13.782 -8.946  1.00 12.43 ? 83   ALA A CA   1 
ATOM   647  C  C    . ALA A 1 83  ? -10.584 -12.941 -8.673  1.00 14.28 ? 83   ALA A C    1 
ATOM   648  O  O    . ALA A 1 83  ? -11.316 -12.663 -9.621  1.00 13.01 ? 83   ALA A O    1 
ATOM   649  C  CB   . ALA A 1 83  ? -9.556  -15.249 -8.607  1.00 13.36 ? 83   ALA A CB   1 
ATOM   650  N  N    . ALA A 1 84  ? -10.817 -12.497 -7.396  1.00 10.35 ? 84   ALA A N    1 
ATOM   651  C  CA   . ALA A 1 84  ? -11.955 -11.643 -7.020  1.00 10.19 ? 84   ALA A CA   1 
ATOM   652  C  C    . ALA A 1 84  ? -11.888 -10.239 -7.680  1.00 14.01 ? 84   ALA A C    1 
ATOM   653  O  O    . ALA A 1 84  ? -12.889 -9.544  -7.711  1.00 12.78 ? 84   ALA A O    1 
ATOM   654  C  CB   . ALA A 1 84  ? -12.041 -11.500 -5.497  1.00 11.40 ? 84   ALA A CB   1 
ATOM   655  N  N    . CYS A 1 85  ? -10.721 -9.825  -8.220  1.00 12.60 ? 85   CYS A N    1 
ATOM   656  C  CA   . CYS A 1 85  ? -10.596 -8.540  -8.919  1.00 12.74 ? 85   CYS A CA   1 
ATOM   657  C  C    . CYS A 1 85  ? -11.149 -8.609  -10.343 1.00 17.64 ? 85   CYS A C    1 
ATOM   658  O  O    . CYS A 1 85  ? -11.512 -7.568  -10.913 1.00 18.90 ? 85   CYS A O    1 
ATOM   659  C  CB   . CYS A 1 85  ? -9.141  -8.077  -8.929  1.00 12.32 ? 85   CYS A CB   1 
ATOM   660  S  SG   . CYS A 1 85  ? -8.504  -7.638  -7.303  1.00 15.41 ? 85   CYS A SG   1 
ATOM   661  N  N    . GLY A 1 86  ? -11.122 -9.804  -10.927 1.00 13.89 ? 86   GLY A N    1 
ATOM   662  C  CA   . GLY A 1 86  ? -11.540 -10.025 -12.300 1.00 14.92 ? 86   GLY A CA   1 
ATOM   663  C  C    . GLY A 1 86  ? -10.545 -9.434  -13.280 1.00 21.30 ? 86   GLY A C    1 
ATOM   664  O  O    . GLY A 1 86  ? -9.360  -9.302  -12.961 1.00 21.37 ? 86   GLY A O    1 
ATOM   665  N  N    . ASP A 1 87  ? -11.033 -9.040  -14.464 1.00 18.16 ? 87   ASP A N    1 
ATOM   666  C  CA   . ASP A 1 87  ? -10.236 -8.451  -15.536 1.00 18.20 ? 87   ASP A CA   1 
ATOM   667  C  C    . ASP A 1 87  ? -10.233 -6.947  -15.383 1.00 20.07 ? 87   ASP A C    1 
ATOM   668  O  O    . ASP A 1 87  ? -11.182 -6.291  -15.820 1.00 21.88 ? 87   ASP A O    1 
ATOM   669  C  CB   . ASP A 1 87  ? -10.802 -8.869  -16.926 1.00 21.21 ? 87   ASP A CB   1 
ATOM   670  C  CG   . ASP A 1 87  ? -10.164 -8.193  -18.131 1.00 43.04 ? 87   ASP A CG   1 
ATOM   671  O  OD1  . ASP A 1 87  ? -8.909  -8.264  -18.266 1.00 45.32 ? 87   ASP A OD1  1 
ATOM   672  O  OD2  . ASP A 1 87  ? -10.916 -7.601  -18.948 1.00 50.73 ? 87   ASP A OD2  1 
ATOM   673  N  N    . VAL A 1 88  ? -9.205  -6.398  -14.706 1.00 12.69 ? 88   VAL A N    1 
ATOM   674  C  CA   . VAL A 1 88  ? -9.058  -4.942  -14.530 1.00 11.52 ? 88   VAL A CA   1 
ATOM   675  C  C    . VAL A 1 88  ? -7.661  -4.510  -14.965 1.00 14.72 ? 88   VAL A C    1 
ATOM   676  O  O    . VAL A 1 88  ? -6.757  -5.331  -14.890 1.00 13.67 ? 88   VAL A O    1 
ATOM   677  C  CB   . VAL A 1 88  ? -9.439  -4.388  -13.119 1.00 14.41 ? 88   VAL A CB   1 
ATOM   678  C  CG1  . VAL A 1 88  ? -10.937 -4.543  -12.839 1.00 13.82 ? 88   VAL A CG1  1 
ATOM   679  C  CG2  . VAL A 1 88  ? -8.576  -5.004  -12.015 1.00 13.74 ? 88   VAL A CG2  1 
ATOM   680  N  N    . PRO A 1 89  ? -7.434  -3.264  -15.444 1.00 13.47 ? 89   PRO A N    1 
ATOM   681  C  CA   . PRO A 1 89  ? -6.071  -2.902  -15.877 1.00 14.07 ? 89   PRO A CA   1 
ATOM   682  C  C    . PRO A 1 89  ? -5.002  -2.968  -14.773 1.00 20.08 ? 89   PRO A C    1 
ATOM   683  O  O    . PRO A 1 89  ? -3.863  -3.380  -15.060 1.00 22.94 ? 89   PRO A O    1 
ATOM   684  C  CB   . PRO A 1 89  ? -6.235  -1.476  -16.438 1.00 15.73 ? 89   PRO A CB   1 
ATOM   685  C  CG   . PRO A 1 89  ? -7.697  -1.326  -16.741 1.00 19.79 ? 89   PRO A CG   1 
ATOM   686  C  CD   . PRO A 1 89  ? -8.379  -2.144  -15.658 1.00 14.70 ? 89   PRO A CD   1 
ATOM   687  N  N    . GLU A 1 90  ? -5.374  -2.650  -13.502 1.00 13.43 ? 90   GLU A N    1 
ATOM   688  C  CA   . GLU A 1 90  ? -4.435  -2.627  -12.377 1.00 12.36 ? 90   GLU A CA   1 
ATOM   689  C  C    . GLU A 1 90  ? -5.092  -2.914  -11.011 1.00 16.71 ? 90   GLU A C    1 
ATOM   690  O  O    . GLU A 1 90  ? -6.138  -2.335  -10.661 1.00 16.71 ? 90   GLU A O    1 
ATOM   691  C  CB   . GLU A 1 90  ? -3.712  -1.255  -12.351 1.00 13.38 ? 90   GLU A CB   1 
ATOM   692  C  CG   . GLU A 1 90  ? -2.578  -1.113  -11.349 1.00 13.04 ? 90   GLU A CG   1 
ATOM   693  C  CD   . GLU A 1 90  ? -1.878  0.239   -11.368 1.00 23.62 ? 90   GLU A CD   1 
ATOM   694  O  OE1  . GLU A 1 90  ? -2.463  1.223   -11.872 1.00 9.76  ? 90   GLU A OE1  1 
ATOM   695  O  OE2  . GLU A 1 90  ? -0.730  0.312   -10.884 1.00 14.18 ? 90   GLU A OE2  1 
ATOM   696  N  N    . ILE A 1 91  ? -4.421  -3.772  -10.225 1.00 12.17 ? 91   ILE A N    1 
ATOM   697  C  CA   . ILE A 1 91  ? -4.821  -4.163  -8.873  1.00 11.82 ? 91   ILE A CA   1 
ATOM   698  C  C    . ILE A 1 91  ? -3.886  -3.428  -7.870  1.00 15.02 ? 91   ILE A C    1 
ATOM   699  O  O    . ILE A 1 91  ? -2.672  -3.531  -7.990  1.00 15.04 ? 91   ILE A O    1 
ATOM   700  C  CB   . ILE A 1 91  ? -4.751  -5.718  -8.721  1.00 14.68 ? 91   ILE A CB   1 
ATOM   701  C  CG1  . ILE A 1 91  ? -5.766  -6.432  -9.673  1.00 15.38 ? 91   ILE A CG1  1 
ATOM   702  C  CG2  . ILE A 1 91  ? -4.999  -6.121  -7.273  1.00 15.70 ? 91   ILE A CG2  1 
ATOM   703  C  CD1  . ILE A 1 91  ? -5.420  -7.867  -10.055 1.00 11.28 ? 91   ILE A CD1  1 
ATOM   704  N  N    . MET A 1 92  ? -4.449  -2.685  -6.905  1.00 10.82 ? 92   MET A N    1 
ATOM   705  C  CA   . MET A 1 92  ? -3.663  -1.960  -5.886  1.00 8.39  ? 92   MET A CA   1 
ATOM   706  C  C    . MET A 1 92  ? -3.589  -2.726  -4.582  1.00 13.65 ? 92   MET A C    1 
ATOM   707  O  O    . MET A 1 92  ? -4.620  -2.947  -3.955  1.00 13.55 ? 92   MET A O    1 
ATOM   708  C  CB   . MET A 1 92  ? -4.224  -0.544  -5.622  1.00 9.34  ? 92   MET A CB   1 
ATOM   709  C  CG   . MET A 1 92  ? -4.293  0.352   -6.885  1.00 10.65 ? 92   MET A CG   1 
ATOM   710  S  SD   . MET A 1 92  ? -2.737  0.423   -7.838  1.00 12.71 ? 92   MET A SD   1 
ATOM   711  C  CE   . MET A 1 92  ? -1.767  1.480   -6.759  1.00 10.22 ? 92   MET A CE   1 
ATOM   712  N  N    . VAL A 1 93  ? -2.359  -3.140  -4.172  1.00 9.42  ? 93   VAL A N    1 
ATOM   713  C  CA   . VAL A 1 93  ? -2.128  -3.816  -2.892  1.00 8.06  ? 93   VAL A CA   1 
ATOM   714  C  C    . VAL A 1 93  ? -1.722  -2.716  -1.897  1.00 11.11 ? 93   VAL A C    1 
ATOM   715  O  O    . VAL A 1 93  ? -0.661  -2.094  -2.046  1.00 7.89  ? 93   VAL A O    1 
ATOM   716  C  CB   . VAL A 1 93  ? -1.100  -4.955  -3.009  1.00 11.97 ? 93   VAL A CB   1 
ATOM   717  C  CG1  . VAL A 1 93  ? -0.791  -5.575  -1.645  1.00 11.29 ? 93   VAL A CG1  1 
ATOM   718  C  CG2  . VAL A 1 93  ? -1.570  -6.018  -4.006  1.00 12.19 ? 93   VAL A CG2  1 
ATOM   719  N  N    . ILE A 1 94  ? -2.584  -2.496  -0.874  1.00 8.54  ? 94   ILE A N    1 
ATOM   720  C  CA   . ILE A 1 94  ? -2.458  -1.402  0.083   1.00 8.09  ? 94   ILE A CA   1 
ATOM   721  C  C    . ILE A 1 94  ? -1.868  -1.699  1.465   1.00 12.79 ? 94   ILE A C    1 
ATOM   722  O  O    . ILE A 1 94  ? -1.730  -0.784  2.272   1.00 10.80 ? 94   ILE A O    1 
ATOM   723  C  CB   . ILE A 1 94  ? -3.736  -0.502  0.105   1.00 10.96 ? 94   ILE A CB   1 
ATOM   724  C  CG1  . ILE A 1 94  ? -4.858  -1.121  0.946   1.00 11.39 ? 94   ILE A CG1  1 
ATOM   725  C  CG2  . ILE A 1 94  ? -4.189  -0.155  -1.325  1.00 10.77 ? 94   ILE A CG2  1 
ATOM   726  C  CD1  . ILE A 1 94  ? -6.026  -0.114  1.397   1.00 15.98 ? 94   ILE A CD1  1 
ATOM   727  N  N    . GLY A 1 95  ? -1.497  -2.948  1.706   1.00 11.58 ? 95   GLY A N    1 
ATOM   728  C  CA   . GLY A 1 95  ? -0.892  -3.373  2.959   1.00 11.73 ? 95   GLY A CA   1 
ATOM   729  C  C    . GLY A 1 95  ? -1.714  -4.341  3.788   1.00 13.56 ? 95   GLY A C    1 
ATOM   730  O  O    . GLY A 1 95  ? -2.748  -4.805  3.329   1.00 11.99 ? 95   GLY A O    1 
ATOM   731  N  N    . GLY A 1 96  ? -1.249  -4.664  4.994   1.00 11.61 ? 96   GLY A N    1 
ATOM   732  C  CA   . GLY A 1 96  ? -0.030  -4.102  5.590   1.00 10.91 ? 96   GLY A CA   1 
ATOM   733  C  C    . GLY A 1 96  ? 1.221   -4.890  5.270   1.00 15.51 ? 96   GLY A C    1 
ATOM   734  O  O    . GLY A 1 96  ? 1.345   -5.435  4.173   1.00 13.68 ? 96   GLY A O    1 
ATOM   735  N  N    . GLY A 1 97  ? 2.124   -4.973  6.244   1.00 14.31 ? 97   GLY A N    1 
ATOM   736  C  CA   . GLY A 1 97  ? 3.413   -5.663  6.128   1.00 14.28 ? 97   GLY A CA   1 
ATOM   737  C  C    . GLY A 1 97  ? 3.391   -7.066  5.553   1.00 15.87 ? 97   GLY A C    1 
ATOM   738  O  O    . GLY A 1 97  ? 4.087   -7.328  4.568   1.00 12.69 ? 97   GLY A O    1 
ATOM   739  N  N    . ARG A 1 98  ? 2.597   -7.975  6.162   1.00 13.77 ? 98   ARG A N    1 
ATOM   740  C  CA   A ARG A 1 98  ? 2.472   -9.378  5.727   0.50 13.29 ? 98   ARG A CA   1 
ATOM   741  C  CA   B ARG A 1 98  ? 2.544   -9.355  5.674   0.50 13.57 ? 98   ARG A CA   1 
ATOM   742  C  C    . ARG A 1 98  ? 1.908   -9.478  4.318   1.00 15.07 ? 98   ARG A C    1 
ATOM   743  O  O    . ARG A 1 98  ? 2.332   -10.335 3.549   1.00 14.57 ? 98   ARG A O    1 
ATOM   744  C  CB   A ARG A 1 98  ? 1.598   -10.206 6.708   0.50 13.35 ? 98   ARG A CB   1 
ATOM   745  C  CB   B ARG A 1 98  ? 1.978   -10.369 6.693   0.50 15.35 ? 98   ARG A CB   1 
ATOM   746  C  CG   A ARG A 1 98  ? 1.811   -11.724 6.567   0.50 24.52 ? 98   ARG A CG   1 
ATOM   747  C  CG   B ARG A 1 98  ? 1.099   -9.801  7.788   0.50 26.12 ? 98   ARG A CG   1 
ATOM   748  C  CD   A ARG A 1 98  ? 0.603   -12.568 6.954   0.50 19.62 ? 98   ARG A CD   1 
ATOM   749  C  CD   B ARG A 1 98  ? 1.557   -10.282 9.147   0.50 32.61 ? 98   ARG A CD   1 
ATOM   750  N  NE   A ARG A 1 98  ? 0.573   -13.841 6.222   0.50 11.03 ? 98   ARG A NE   1 
ATOM   751  N  NE   B ARG A 1 98  ? 1.007   -11.605 9.436   0.50 37.81 ? 98   ARG A NE   1 
ATOM   752  C  CZ   A ARG A 1 98  ? -0.398  -14.746 6.323   0.50 19.08 ? 98   ARG A CZ   1 
ATOM   753  C  CZ   B ARG A 1 98  ? -0.005  -11.828 10.263  0.50 43.95 ? 98   ARG A CZ   1 
ATOM   754  N  NH1  A ARG A 1 98  ? -1.420  -14.548 7.146   0.50 8.92  ? 98   ARG A NH1  1 
ATOM   755  N  NH1  B ARG A 1 98  ? -0.559  -10.824 10.932  0.50 31.07 ? 98   ARG A NH1  1 
ATOM   756  N  NH2  A ARG A 1 98  ? -0.355  -15.856 5.601   0.50 6.97  ? 98   ARG A NH2  1 
ATOM   757  N  NH2  B ARG A 1 98  ? -0.462  -13.059 10.445  0.50 23.91 ? 98   ARG A NH2  1 
ATOM   758  N  N    . VAL A 1 99  ? 0.928   -8.608  3.997   1.00 9.67  ? 99   VAL A N    1 
ATOM   759  C  CA   . VAL A 1 99  ? 0.278   -8.591  2.672   1.00 9.71  ? 99   VAL A CA   1 
ATOM   760  C  C    . VAL A 1 99  ? 1.257   -8.170  1.580   1.00 13.56 ? 99   VAL A C    1 
ATOM   761  O  O    . VAL A 1 99  ? 1.396   -8.890  0.584   1.00 12.00 ? 99   VAL A O    1 
ATOM   762  C  CB   . VAL A 1 99  ? -1.082  -7.861  2.698   1.00 13.44 ? 99   VAL A CB   1 
ATOM   763  C  CG1  . VAL A 1 99  ? -1.659  -7.627  1.293   1.00 12.87 ? 99   VAL A CG1  1 
ATOM   764  C  CG2  . VAL A 1 99  ? -2.060  -8.680  3.537   1.00 13.12 ? 99   VAL A CG2  1 
ATOM   765  N  N    . TYR A 1 100 ? 2.032   -7.084  1.833   1.00 12.03 ? 100  TYR A N    1 
ATOM   766  C  CA   . TYR A 1 100 ? 3.069   -6.579  0.916   1.00 10.72 ? 100  TYR A CA   1 
ATOM   767  C  C    . TYR A 1 100 ? 4.068   -7.674  0.607   1.00 13.43 ? 100  TYR A C    1 
ATOM   768  O  O    . TYR A 1 100 ? 4.413   -7.860  -0.560  1.00 12.09 ? 100  TYR A O    1 
ATOM   769  C  CB   . TYR A 1 100 ? 3.817   -5.388  1.527   1.00 10.97 ? 100  TYR A CB   1 
ATOM   770  C  CG   . TYR A 1 100 ? 3.058   -4.082  1.663   1.00 9.14  ? 100  TYR A CG   1 
ATOM   771  C  CD1  . TYR A 1 100 ? 2.239   -3.611  0.633   1.00 10.19 ? 100  TYR A CD1  1 
ATOM   772  C  CD2  . TYR A 1 100 ? 3.294   -3.233  2.740   1.00 9.07  ? 100  TYR A CD2  1 
ATOM   773  C  CE1  . TYR A 1 100 ? 1.607   -2.358  0.719   1.00 9.09  ? 100  TYR A CE1  1 
ATOM   774  C  CE2  . TYR A 1 100 ? 2.653   -1.999  2.849   1.00 10.05 ? 100  TYR A CE2  1 
ATOM   775  C  CZ   . TYR A 1 100 ? 1.812   -1.561  1.838   1.00 14.43 ? 100  TYR A CZ   1 
ATOM   776  O  OH   . TYR A 1 100 ? 1.175   -0.344  2.002   1.00 10.71 ? 100  TYR A OH   1 
ATOM   777  N  N    . GLU A 1 101 ? 4.488   -8.441  1.652   1.00 10.65 ? 101  GLU A N    1 
ATOM   778  C  CA   . GLU A 1 101 ? 5.451   -9.536  1.535   1.00 10.90 ? 101  GLU A CA   1 
ATOM   779  C  C    . GLU A 1 101 ? 5.019   -10.582 0.543   1.00 13.65 ? 101  GLU A C    1 
ATOM   780  O  O    . GLU A 1 101 ? 5.778   -10.948 -0.335  1.00 13.63 ? 101  GLU A O    1 
ATOM   781  C  CB   . GLU A 1 101 ? 5.679   -10.185 2.902   1.00 12.74 ? 101  GLU A CB   1 
ATOM   782  C  CG   . GLU A 1 101 ? 6.750   -9.520  3.738   1.00 26.33 ? 101  GLU A CG   1 
ATOM   783  C  CD   . GLU A 1 101 ? 6.903   -10.082 5.141   1.00 52.92 ? 101  GLU A CD   1 
ATOM   784  O  OE1  . GLU A 1 101 ? 6.530   -11.259 5.361   1.00 34.94 ? 101  GLU A OE1  1 
ATOM   785  O  OE2  . GLU A 1 101 ? 7.395   -9.340  6.023   1.00 46.59 ? 101  GLU A OE2  1 
ATOM   786  N  N    . GLN A 1 102 ? 3.780   -11.020 0.651   1.00 10.50 ? 102  GLN A N    1 
ATOM   787  C  CA   . GLN A 1 102 ? 3.185   -12.051 -0.188  1.00 10.89 ? 102  GLN A CA   1 
ATOM   788  C  C    . GLN A 1 102 ? 2.923   -11.618 -1.627  1.00 14.40 ? 102  GLN A C    1 
ATOM   789  O  O    . GLN A 1 102 ? 3.050   -12.440 -2.532  1.00 11.83 ? 102  GLN A O    1 
ATOM   790  C  CB   . GLN A 1 102 ? 1.874   -12.527 0.458   1.00 12.04 ? 102  GLN A CB   1 
ATOM   791  C  CG   . GLN A 1 102 ? 2.103   -13.235 1.778   1.00 17.03 ? 102  GLN A CG   1 
ATOM   792  C  CD   . GLN A 1 102 ? 0.794   -13.506 2.442   1.00 31.51 ? 102  GLN A CD   1 
ATOM   793  O  OE1  . GLN A 1 102 ? 0.203   -12.645 3.105   1.00 26.20 ? 102  GLN A OE1  1 
ATOM   794  N  NE2  . GLN A 1 102 ? 0.306   -14.703 2.244   1.00 25.59 ? 102  GLN A NE2  1 
ATOM   795  N  N    . PHE A 1 103 ? 2.527   -10.345 -1.833  1.00 11.07 ? 103  PHE A N    1 
ATOM   796  C  CA   . PHE A 1 103 ? 2.178   -9.829  -3.156  1.00 9.75  ? 103  PHE A CA   1 
ATOM   797  C  C    . PHE A 1 103 ? 3.365   -9.307  -3.962  1.00 13.60 ? 103  PHE A C    1 
ATOM   798  O  O    . PHE A 1 103 ? 3.264   -9.259  -5.197  1.00 12.59 ? 103  PHE A O    1 
ATOM   799  C  CB   . PHE A 1 103 ? 1.073   -8.788  -3.063  1.00 10.63 ? 103  PHE A CB   1 
ATOM   800  C  CG   . PHE A 1 103 ? -0.312  -9.372  -3.022  1.00 11.43 ? 103  PHE A CG   1 
ATOM   801  C  CD1  . PHE A 1 103 ? -0.999  -9.658  -4.199  1.00 12.97 ? 103  PHE A CD1  1 
ATOM   802  C  CD2  . PHE A 1 103 ? -0.945  -9.615  -1.809  1.00 12.28 ? 103  PHE A CD2  1 
ATOM   803  C  CE1  . PHE A 1 103 ? -2.280  -10.196 -4.156  1.00 13.19 ? 103  PHE A CE1  1 
ATOM   804  C  CE2  . PHE A 1 103 ? -2.214  -10.178 -1.773  1.00 14.12 ? 103  PHE A CE2  1 
ATOM   805  C  CZ   . PHE A 1 103 ? -2.879  -10.452 -2.947  1.00 11.60 ? 103  PHE A CZ   1 
ATOM   806  N  N    . LEU A 1 104 ? 4.490   -8.946  -3.274  1.00 8.70  ? 104  LEU A N    1 
ATOM   807  C  CA   . LEU A 1 104 ? 5.727   -8.473  -3.908  1.00 8.88  ? 104  LEU A CA   1 
ATOM   808  C  C    . LEU A 1 104 ? 6.213   -9.376  -5.060  1.00 15.15 ? 104  LEU A C    1 
ATOM   809  O  O    . LEU A 1 104 ? 6.462   -8.819  -6.136  1.00 13.49 ? 104  LEU A O    1 
ATOM   810  C  CB   . LEU A 1 104 ? 6.857   -8.203  -2.892  1.00 9.31  ? 104  LEU A CB   1 
ATOM   811  C  CG   . LEU A 1 104 ? 8.199   -7.663  -3.456  1.00 13.45 ? 104  LEU A CG   1 
ATOM   812  C  CD1  . LEU A 1 104 ? 8.066   -6.226  -3.936  1.00 13.37 ? 104  LEU A CD1  1 
ATOM   813  C  CD2  . LEU A 1 104 ? 9.295   -7.761  -2.422  1.00 14.34 ? 104  LEU A CD2  1 
ATOM   814  N  N    . PRO A 1 105 ? 6.361   -10.727 -4.905  1.00 13.41 ? 105  PRO A N    1 
ATOM   815  C  CA   . PRO A 1 105 ? 6.774   -11.544 -6.069  1.00 13.74 ? 105  PRO A CA   1 
ATOM   816  C  C    . PRO A 1 105 ? 5.817   -11.451 -7.266  1.00 18.32 ? 105  PRO A C    1 
ATOM   817  O  O    . PRO A 1 105 ? 6.234   -11.677 -8.392  1.00 19.03 ? 105  PRO A O    1 
ATOM   818  C  CB   . PRO A 1 105 ? 6.766   -12.996 -5.533  1.00 14.78 ? 105  PRO A CB   1 
ATOM   819  C  CG   . PRO A 1 105 ? 6.790   -12.882 -4.077  1.00 19.88 ? 105  PRO A CG   1 
ATOM   820  C  CD   . PRO A 1 105 ? 6.147   -11.575 -3.707  1.00 15.17 ? 105  PRO A CD   1 
ATOM   821  N  N    . LYS A 1 106 ? 4.540   -11.167 -7.023  1.00 15.48 ? 106  LYS A N    1 
ATOM   822  C  CA   . LYS A 1 106 ? 3.532   -11.111 -8.095  1.00 16.22 ? 106  LYS A CA   1 
ATOM   823  C  C    . LYS A 1 106 ? 3.376   -9.713  -8.696  1.00 19.79 ? 106  LYS A C    1 
ATOM   824  O  O    . LYS A 1 106 ? 2.770   -9.562  -9.764  1.00 19.69 ? 106  LYS A O    1 
ATOM   825  C  CB   . LYS A 1 106 ? 2.173   -11.664 -7.607  1.00 18.93 ? 106  LYS A CB   1 
ATOM   826  C  CG   . LYS A 1 106 ? 2.266   -13.083 -7.014  1.00 24.88 ? 106  LYS A CG   1 
ATOM   827  C  CD   . LYS A 1 106 ? 0.922   -13.776 -6.898  1.00 30.54 ? 106  LYS A CD   1 
ATOM   828  C  CE   . LYS A 1 106 ? 0.800   -15.008 -7.767  1.00 38.11 ? 106  LYS A CE   1 
ATOM   829  N  NZ   . LYS A 1 106 ? 1.661   -16.126 -7.289  1.00 46.82 ? 106  LYS A NZ   1 
ATOM   830  N  N    . ALA A 1 107 ? 3.966   -8.708  -8.041  1.00 14.68 ? 107  ALA A N    1 
ATOM   831  C  CA   . ALA A 1 107 ? 3.846   -7.308  -8.441  1.00 13.67 ? 107  ALA A CA   1 
ATOM   832  C  C    . ALA A 1 107 ? 4.761   -6.855  -9.582  1.00 14.21 ? 107  ALA A C    1 
ATOM   833  O  O    . ALA A 1 107 ? 5.915   -7.284  -9.691  1.00 11.03 ? 107  ALA A O    1 
ATOM   834  C  CB   . ALA A 1 107 ? 3.991   -6.387  -7.224  1.00 14.24 ? 107  ALA A CB   1 
ATOM   835  N  N    . GLN A 1 108 ? 4.222   -5.976  -10.440 1.00 10.76 ? 108  GLN A N    1 
ATOM   836  C  CA   . GLN A 1 108 ? 4.952   -5.423  -11.590 1.00 10.65 ? 108  GLN A CA   1 
ATOM   837  C  C    . GLN A 1 108 ? 5.324   -3.948  -11.372 1.00 12.29 ? 108  GLN A C    1 
ATOM   838  O  O    . GLN A 1 108 ? 6.141   -3.395  -12.106 1.00 9.30  ? 108  GLN A O    1 
ATOM   839  C  CB   . GLN A 1 108 ? 4.049   -5.508  -12.849 1.00 12.56 ? 108  GLN A CB   1 
ATOM   840  C  CG   . GLN A 1 108 ? 3.952   -6.900  -13.531 1.00 21.16 ? 108  GLN A CG   1 
ATOM   841  C  CD   . GLN A 1 108 ? 3.421   -8.010  -12.647 1.00 56.28 ? 108  GLN A CD   1 
ATOM   842  O  OE1  . GLN A 1 108 ? 4.153   -8.945  -12.293 1.00 56.00 ? 108  GLN A OE1  1 
ATOM   843  N  NE2  . GLN A 1 108 ? 2.150   -7.925  -12.250 1.00 48.71 ? 108  GLN A NE2  1 
ATOM   844  N  N    A LYS A 1 109 ? 4.696   -3.311  -10.371 0.50 9.32  ? 109  LYS A N    1 
ATOM   845  N  N    B LYS A 1 109 ? 4.698   -3.316  -10.367 0.50 9.47  ? 109  LYS A N    1 
ATOM   846  C  CA   A LYS A 1 109 ? 4.832   -1.887  -10.086 0.50 8.40  ? 109  LYS A CA   1 
ATOM   847  C  CA   B LYS A 1 109 ? 4.856   -1.902  -10.062 0.50 8.64  ? 109  LYS A CA   1 
ATOM   848  C  C    A LYS A 1 109 ? 4.775   -1.628  -8.572  0.50 11.76 ? 109  LYS A C    1 
ATOM   849  C  C    B LYS A 1 109 ? 4.811   -1.657  -8.555  0.50 11.88 ? 109  LYS A C    1 
ATOM   850  O  O    A LYS A 1 109 ? 4.081   -2.346  -7.852  0.50 10.09 ? 109  LYS A O    1 
ATOM   851  O  O    B LYS A 1 109 ? 4.144   -2.395  -7.826  0.50 10.17 ? 109  LYS A O    1 
ATOM   852  C  CB   A LYS A 1 109 ? 3.684   -1.153  -10.813 0.50 9.09  ? 109  LYS A CB   1 
ATOM   853  C  CB   B LYS A 1 109 ? 3.730   -1.116  -10.768 0.50 9.61  ? 109  LYS A CB   1 
ATOM   854  C  CG   A LYS A 1 109 ? 3.949   0.284   -11.207 0.50 12.42 ? 109  LYS A CG   1 
ATOM   855  C  CG   B LYS A 1 109 ? 4.050   0.342   -11.066 0.50 15.51 ? 109  LYS A CG   1 
ATOM   856  C  CD   A LYS A 1 109 ? 2.914   0.777   -12.240 0.50 9.80  ? 109  LYS A CD   1 
ATOM   857  C  CD   B LYS A 1 109 ? 2.963   1.055   -11.904 0.50 16.40 ? 109  LYS A CD   1 
ATOM   858  C  CE   A LYS A 1 109 ? 2.998   2.272   -12.435 0.50 11.11 ? 109  LYS A CE   1 
ATOM   859  C  CE   B LYS A 1 109 ? 2.855   0.561   -13.328 0.50 16.65 ? 109  LYS A CE   1 
ATOM   860  N  NZ   A LYS A 1 109 ? 2.013   2.805   -13.424 0.50 10.55 ? 109  LYS A NZ   1 
ATOM   861  N  NZ   B LYS A 1 109 ? 2.042   1.462   -14.183 0.50 14.61 ? 109  LYS A NZ   1 
ATOM   862  N  N    . LEU A 1 110 ? 5.548   -0.629  -8.093  1.00 8.63  ? 110  LEU A N    1 
ATOM   863  C  CA   . LEU A 1 110 ? 5.605   -0.222  -6.694  1.00 7.05  ? 110  LEU A CA   1 
ATOM   864  C  C    . LEU A 1 110 ? 5.455   1.280   -6.683  1.00 12.07 ? 110  LEU A C    1 
ATOM   865  O  O    . LEU A 1 110 ? 6.196   1.963   -7.380  1.00 12.23 ? 110  LEU A O    1 
ATOM   866  C  CB   . LEU A 1 110 ? 6.974   -0.562  -6.056  1.00 7.72  ? 110  LEU A CB   1 
ATOM   867  C  CG   . LEU A 1 110 ? 7.481   -2.019  -6.000  1.00 11.00 ? 110  LEU A CG   1 
ATOM   868  C  CD1  . LEU A 1 110 ? 8.835   -2.054  -5.322  1.00 11.35 ? 110  LEU A CD1  1 
ATOM   869  C  CD2  . LEU A 1 110 ? 6.546   -2.904  -5.248  1.00 11.97 ? 110  LEU A CD2  1 
ATOM   870  N  N    . TYR A 1 111 ? 4.497   1.806   -5.912  1.00 10.45 ? 111  TYR A N    1 
ATOM   871  C  CA   . TYR A 1 111 ? 4.290   3.250   -5.764  1.00 8.44  ? 111  TYR A CA   1 
ATOM   872  C  C    . TYR A 1 111 ? 4.764   3.505   -4.348  1.00 11.45 ? 111  TYR A C    1 
ATOM   873  O  O    . TYR A 1 111 ? 4.125   3.078   -3.387  1.00 8.32  ? 111  TYR A O    1 
ATOM   874  C  CB   . TYR A 1 111 ? 2.806   3.657   -5.896  1.00 8.92  ? 111  TYR A CB   1 
ATOM   875  C  CG   . TYR A 1 111 ? 2.156   3.417   -7.240  1.00 10.95 ? 111  TYR A CG   1 
ATOM   876  C  CD1  . TYR A 1 111 ? 1.849   4.479   -8.090  1.00 12.20 ? 111  TYR A CD1  1 
ATOM   877  C  CD2  . TYR A 1 111 ? 1.738   2.146   -7.615  1.00 11.99 ? 111  TYR A CD2  1 
ATOM   878  C  CE1  . TYR A 1 111 ? 1.196   4.269   -9.310  1.00 13.63 ? 111  TYR A CE1  1 
ATOM   879  C  CE2  . TYR A 1 111 ? 1.115   1.922   -8.843  1.00 12.28 ? 111  TYR A CE2  1 
ATOM   880  C  CZ   . TYR A 1 111 ? 0.787   2.992   -9.656  1.00 17.73 ? 111  TYR A CZ   1 
ATOM   881  O  OH   . TYR A 1 111 ? 0.137   2.747   -10.842 1.00 17.00 ? 111  TYR A OH   1 
ATOM   882  N  N    . LEU A 1 112 ? 5.937   4.132   -4.224  1.00 9.13  ? 112  LEU A N    1 
ATOM   883  C  CA   . LEU A 1 112 ? 6.534   4.345   -2.921  1.00 9.18  ? 112  LEU A CA   1 
ATOM   884  C  C    . LEU A 1 112 ? 6.635   5.798   -2.549  1.00 12.34 ? 112  LEU A C    1 
ATOM   885  O  O    . LEU A 1 112 ? 7.102   6.608   -3.351  1.00 13.14 ? 112  LEU A O    1 
ATOM   886  C  CB   . LEU A 1 112 ? 7.939   3.690   -2.872  1.00 9.12  ? 112  LEU A CB   1 
ATOM   887  C  CG   . LEU A 1 112 ? 8.018   2.137   -3.067  1.00 12.91 ? 112  LEU A CG   1 
ATOM   888  C  CD1  . LEU A 1 112 ? 9.438   1.598   -2.728  1.00 13.79 ? 112  LEU A CD1  1 
ATOM   889  C  CD2  . LEU A 1 112 ? 7.014   1.400   -2.170  1.00 11.51 ? 112  LEU A CD2  1 
ATOM   890  N  N    . THR A 1 113 ? 6.197   6.134   -1.337  1.00 8.01  ? 113  THR A N    1 
ATOM   891  C  CA   . THR A 1 113 ? 6.404   7.475   -0.809  1.00 8.98  ? 113  THR A CA   1 
ATOM   892  C  C    . THR A 1 113 ? 7.539   7.319   0.175   1.00 13.45 ? 113  THR A C    1 
ATOM   893  O  O    . THR A 1 113 ? 7.373   6.638   1.191   1.00 14.62 ? 113  THR A O    1 
ATOM   894  C  CB   . THR A 1 113 ? 5.157   8.056   -0.130  1.00 15.86 ? 113  THR A CB   1 
ATOM   895  O  OG1  . THR A 1 113 ? 4.065   8.002   -1.031  1.00 16.54 ? 113  THR A OG1  1 
ATOM   896  C  CG2  . THR A 1 113 ? 5.359   9.504   0.325   1.00 10.67 ? 113  THR A CG2  1 
ATOM   897  N  N    . HIS A 1 114 ? 8.699   7.911   -0.122  1.00 8.77  ? 114  HIS A N    1 
ATOM   898  C  CA   . HIS A 1 114 ? 9.822   7.822   0.822   1.00 8.66  ? 114  HIS A CA   1 
ATOM   899  C  C    . HIS A 1 114 ? 9.725   9.045   1.738   1.00 13.25 ? 114  HIS A C    1 
ATOM   900  O  O    . HIS A 1 114 ? 9.844   10.161  1.251   1.00 15.25 ? 114  HIS A O    1 
ATOM   901  C  CB   . HIS A 1 114 ? 11.181  7.759   0.063   1.00 8.38  ? 114  HIS A CB   1 
ATOM   902  C  CG   . HIS A 1 114 ? 11.293  6.566   -0.834  1.00 12.16 ? 114  HIS A CG   1 
ATOM   903  N  ND1  . HIS A 1 114 ? 11.594  5.315   -0.329  1.00 14.32 ? 114  HIS A ND1  1 
ATOM   904  C  CD2  . HIS A 1 114 ? 11.090  6.460   -2.170  1.00 15.36 ? 114  HIS A CD2  1 
ATOM   905  C  CE1  . HIS A 1 114 ? 11.605  4.490   -1.369  1.00 14.64 ? 114  HIS A CE1  1 
ATOM   906  N  NE2  . HIS A 1 114 ? 11.307  5.126   -2.503  1.00 15.19 ? 114  HIS A NE2  1 
ATOM   907  N  N    . ILE A 1 115 ? 9.476   8.841   3.039   1.00 10.72 ? 115  ILE A N    1 
ATOM   908  C  CA   . ILE A 1 115 ? 9.326   9.940   4.010   1.00 10.79 ? 115  ILE A CA   1 
ATOM   909  C  C    . ILE A 1 115 ? 10.610  10.148  4.818   1.00 13.54 ? 115  ILE A C    1 
ATOM   910  O  O    . ILE A 1 115 ? 11.160  9.176   5.339   1.00 13.52 ? 115  ILE A O    1 
ATOM   911  C  CB   . ILE A 1 115 ? 8.105   9.677   4.935   1.00 13.55 ? 115  ILE A CB   1 
ATOM   912  C  CG1  . ILE A 1 115 ? 6.870   9.301   4.100   1.00 14.24 ? 115  ILE A CG1  1 
ATOM   913  C  CG2  . ILE A 1 115 ? 7.844   10.874  5.891   1.00 12.33 ? 115  ILE A CG2  1 
ATOM   914  C  CD1  . ILE A 1 115 ? 5.689   8.698   4.856   1.00 10.61 ? 115  ILE A CD1  1 
ATOM   915  N  N    . ASP A 1 116 ? 11.083  11.396  4.933   1.00 9.65  ? 116  ASP A N    1 
ATOM   916  C  CA   . ASP A 1 116 ? 12.298  11.646  5.708   1.00 10.49 ? 116  ASP A CA   1 
ATOM   917  C  C    . ASP A 1 116 ? 11.887  11.902  7.143   1.00 16.83 ? 116  ASP A C    1 
ATOM   918  O  O    . ASP A 1 116 ? 11.781  13.048  7.574   1.00 14.95 ? 116  ASP A O    1 
ATOM   919  C  CB   . ASP A 1 116 ? 13.160  12.789  5.111   1.00 12.47 ? 116  ASP A CB   1 
ATOM   920  C  CG   . ASP A 1 116 ? 13.592  12.559  3.667   1.00 17.38 ? 116  ASP A CG   1 
ATOM   921  O  OD1  . ASP A 1 116 ? 14.194  11.501  3.388   1.00 18.60 ? 116  ASP A OD1  1 
ATOM   922  O  OD2  . ASP A 1 116 ? 13.273  13.410  2.809   1.00 15.26 ? 116  ASP A OD2  1 
ATOM   923  N  N    . ALA A 1 117 ? 11.576  10.807  7.854   1.00 16.10 ? 117  ALA A N    1 
ATOM   924  C  CA   . ALA A 1 117 ? 11.095  10.817  9.231   1.00 16.87 ? 117  ALA A CA   1 
ATOM   925  C  C    . ALA A 1 117 ? 11.669  9.648   9.982   1.00 21.47 ? 117  ALA A C    1 
ATOM   926  O  O    . ALA A 1 117 ? 11.639  8.526   9.483   1.00 21.87 ? 117  ALA A O    1 
ATOM   927  C  CB   . ALA A 1 117 ? 9.562   10.730  9.258   1.00 17.74 ? 117  ALA A CB   1 
ATOM   928  N  N    . GLU A 1 118 ? 12.178  9.904   11.187  1.00 19.50 ? 118  GLU A N    1 
ATOM   929  C  CA   . GLU A 1 118 ? 12.710  8.865   12.076  1.00 19.44 ? 118  GLU A CA   1 
ATOM   930  C  C    . GLU A 1 118 ? 11.536  8.391   12.911  1.00 23.18 ? 118  GLU A C    1 
ATOM   931  O  O    . GLU A 1 118 ? 10.998  9.157   13.702  1.00 19.99 ? 118  GLU A O    1 
ATOM   932  C  CB   . GLU A 1 118 ? 13.810  9.439   12.994  1.00 21.36 ? 118  GLU A CB   1 
ATOM   933  C  CG   . GLU A 1 118 ? 14.884  10.271  12.292  1.00 33.34 ? 118  GLU A CG   1 
ATOM   934  C  CD   . GLU A 1 118 ? 15.721  9.578   11.232  1.00 51.38 ? 118  GLU A CD   1 
ATOM   935  O  OE1  . GLU A 1 118 ? 15.916  8.346   11.333  1.00 35.42 ? 118  GLU A OE1  1 
ATOM   936  O  OE2  . GLU A 1 118 ? 16.191  10.271  10.303  1.00 50.83 ? 118  GLU A OE2  1 
ATOM   937  N  N    . VAL A 1 119 ? 11.077  7.169   12.693  1.00 23.80 ? 119  VAL A N    1 
ATOM   938  C  CA   . VAL A 1 119 ? 9.934   6.673   13.459  1.00 25.49 ? 119  VAL A CA   1 
ATOM   939  C  C    . VAL A 1 119 ? 10.210  5.292   13.991  1.00 31.12 ? 119  VAL A C    1 
ATOM   940  O  O    . VAL A 1 119 ? 10.855  4.484   13.316  1.00 31.12 ? 119  VAL A O    1 
ATOM   941  C  CB   . VAL A 1 119 ? 8.548   6.739   12.730  1.00 30.07 ? 119  VAL A CB   1 
ATOM   942  C  CG1  . VAL A 1 119 ? 8.016   8.164   12.615  1.00 29.97 ? 119  VAL A CG1  1 
ATOM   943  C  CG2  . VAL A 1 119 ? 8.591   6.062   11.370  1.00 30.13 ? 119  VAL A CG2  1 
ATOM   944  N  N    . GLU A 1 120 ? 9.707   5.025   15.206  1.00 28.36 ? 120  GLU A N    1 
ATOM   945  C  CA   . GLU A 1 120 ? 9.782   3.715   15.835  1.00 28.61 ? 120  GLU A CA   1 
ATOM   946  C  C    . GLU A 1 120 ? 8.613   2.946   15.227  1.00 31.75 ? 120  GLU A C    1 
ATOM   947  O  O    . GLU A 1 120 ? 7.470   3.425   15.235  1.00 29.43 ? 120  GLU A O    1 
ATOM   948  C  CB   . GLU A 1 120 ? 9.610   3.819   17.369  1.00 30.33 ? 120  GLU A CB   1 
ATOM   949  C  CG   . GLU A 1 120 ? 10.856  4.278   18.119  1.00 37.27 ? 120  GLU A CG   1 
ATOM   950  C  CD   . GLU A 1 120 ? 11.805  3.152   18.480  1.00 61.42 ? 120  GLU A CD   1 
ATOM   951  O  OE1  . GLU A 1 120 ? 11.546  2.457   19.490  1.00 69.06 ? 120  GLU A OE1  1 
ATOM   952  O  OE2  . GLU A 1 120 ? 12.802  2.957   17.748  1.00 48.70 ? 120  GLU A OE2  1 
ATOM   953  N  N    . GLY A 1 121 ? 8.922   1.810   14.622  1.00 28.42 ? 121  GLY A N    1 
ATOM   954  C  CA   . GLY A 1 121 ? 7.910   0.983   13.986  1.00 27.42 ? 121  GLY A CA   1 
ATOM   955  C  C    . GLY A 1 121 ? 8.074   -0.482  14.276  1.00 30.24 ? 121  GLY A C    1 
ATOM   956  O  O    . GLY A 1 121 ? 9.185   -0.939  14.547  1.00 31.06 ? 121  GLY A O    1 
ATOM   957  N  N    . ASP A 1 122 ? 6.965   -1.219  14.219  1.00 25.25 ? 122  ASP A N    1 
ATOM   958  C  CA   . ASP A 1 122 ? 6.938   -2.663  14.441  1.00 24.98 ? 122  ASP A CA   1 
ATOM   959  C  C    . ASP A 1 122 ? 6.674   -3.397  13.116  1.00 25.84 ? 122  ASP A C    1 
ATOM   960  O  O    . ASP A 1 122 ? 6.683   -4.624  13.079  1.00 26.19 ? 122  ASP A O    1 
ATOM   961  C  CB   . ASP A 1 122 ? 5.868   -3.018  15.502  1.00 27.51 ? 122  ASP A CB   1 
ATOM   962  C  CG   . ASP A 1 122 ? 4.469   -2.438  15.274  1.00 39.15 ? 122  ASP A CG   1 
ATOM   963  O  OD1  . ASP A 1 122 ? 4.122   -2.139  14.099  1.00 39.10 ? 122  ASP A OD1  1 
ATOM   964  O  OD2  . ASP A 1 122 ? 3.706   -2.330  16.257  1.00 45.44 ? 122  ASP A OD2  1 
ATOM   965  N  N    . THR A 1 123 ? 6.414   -2.636  12.047  1.00 17.98 ? 123  THR A N    1 
ATOM   966  C  CA   . THR A 1 123 ? 6.093   -3.165  10.723  1.00 16.49 ? 123  THR A CA   1 
ATOM   967  C  C    . THR A 1 123 ? 6.965   -2.459  9.696   1.00 17.71 ? 123  THR A C    1 
ATOM   968  O  O    . THR A 1 123 ? 7.176   -1.241  9.779   1.00 17.15 ? 123  THR A O    1 
ATOM   969  C  CB   . THR A 1 123 ? 4.570   -3.037  10.439  1.00 22.95 ? 123  THR A CB   1 
ATOM   970  O  OG1  . THR A 1 123 ? 3.830   -3.432  11.592  1.00 21.47 ? 123  THR A OG1  1 
ATOM   971  C  CG2  . THR A 1 123 ? 4.117   -3.897  9.285   1.00 22.28 ? 123  THR A CG2  1 
ATOM   972  N  N    . HIS A 1 124 ? 7.492   -3.237  8.747   1.00 12.66 ? 124  HIS A N    1 
ATOM   973  C  CA   . HIS A 1 124 ? 8.367   -2.764  7.692   1.00 11.69 ? 124  HIS A CA   1 
ATOM   974  C  C    . HIS A 1 124 ? 7.889   -3.210  6.311   1.00 15.96 ? 124  HIS A C    1 
ATOM   975  O  O    . HIS A 1 124 ? 7.256   -4.271  6.178   1.00 15.47 ? 124  HIS A O    1 
ATOM   976  C  CB   . HIS A 1 124 ? 9.804   -3.276  7.912   1.00 12.09 ? 124  HIS A CB   1 
ATOM   977  C  CG   . HIS A 1 124 ? 10.462  -2.741  9.143   1.00 14.77 ? 124  HIS A CG   1 
ATOM   978  N  ND1  . HIS A 1 124 ? 10.128  -3.208  10.400  1.00 15.72 ? 124  HIS A ND1  1 
ATOM   979  C  CD2  . HIS A 1 124 ? 11.387  -1.763  9.269   1.00 16.41 ? 124  HIS A CD2  1 
ATOM   980  C  CE1  . HIS A 1 124 ? 10.851  -2.496  11.247  1.00 15.30 ? 124  HIS A CE1  1 
ATOM   981  N  NE2  . HIS A 1 124 ? 11.635  -1.627  10.613  1.00 16.00 ? 124  HIS A NE2  1 
ATOM   982  N  N    . PHE A 1 125 ? 8.207   -2.399  5.276   1.00 9.95  ? 125  PHE A N    1 
ATOM   983  C  CA   . PHE A 1 125 ? 7.916   -2.780  3.903   1.00 9.09  ? 125  PHE A CA   1 
ATOM   984  C  C    . PHE A 1 125 ? 8.918   -3.904  3.547   1.00 10.64 ? 125  PHE A C    1 
ATOM   985  O  O    . PHE A 1 125 ? 10.033  -3.881  4.070   1.00 8.09  ? 125  PHE A O    1 
ATOM   986  C  CB   . PHE A 1 125 ? 8.107   -1.586  2.957   1.00 10.53 ? 125  PHE A CB   1 
ATOM   987  C  CG   . PHE A 1 125 ? 7.660   -1.841  1.528   1.00 12.17 ? 125  PHE A CG   1 
ATOM   988  C  CD1  . PHE A 1 125 ? 6.323   -1.738  1.171   1.00 14.98 ? 125  PHE A CD1  1 
ATOM   989  C  CD2  . PHE A 1 125 ? 8.587   -2.160  0.537   1.00 13.54 ? 125  PHE A CD2  1 
ATOM   990  C  CE1  . PHE A 1 125 ? 5.907   -1.989  -0.142  1.00 16.34 ? 125  PHE A CE1  1 
ATOM   991  C  CE2  . PHE A 1 125 ? 8.175   -2.389  -0.783  1.00 16.27 ? 125  PHE A CE2  1 
ATOM   992  C  CZ   . PHE A 1 125 ? 6.837   -2.298  -1.113  1.00 15.36 ? 125  PHE A CZ   1 
ATOM   993  N  N    . PRO A 1 126 ? 8.589   -4.884  2.675   1.00 10.49 ? 126  PRO A N    1 
ATOM   994  C  CA   . PRO A 1 126 ? 9.580   -5.925  2.356   1.00 11.12 ? 126  PRO A CA   1 
ATOM   995  C  C    . PRO A 1 126 ? 10.914  -5.377  1.863   1.00 16.72 ? 126  PRO A C    1 
ATOM   996  O  O    . PRO A 1 126 ? 10.995  -4.269  1.290   1.00 15.68 ? 126  PRO A O    1 
ATOM   997  C  CB   . PRO A 1 126 ? 8.901   -6.738  1.243   1.00 13.34 ? 126  PRO A CB   1 
ATOM   998  C  CG   . PRO A 1 126 ? 7.429   -6.509  1.464   1.00 16.51 ? 126  PRO A CG   1 
ATOM   999  C  CD   . PRO A 1 126 ? 7.313   -5.118  1.957   1.00 11.90 ? 126  PRO A CD   1 
ATOM   1000 N  N    . ASP A 1 127 ? 11.969  -6.172  2.089   1.00 14.07 ? 127  ASP A N    1 
ATOM   1001 C  CA   . ASP A 1 127 ? 13.308  -5.826  1.661   1.00 14.88 ? 127  ASP A CA   1 
ATOM   1002 C  C    . ASP A 1 127 ? 13.501  -6.208  0.178   1.00 20.05 ? 127  ASP A C    1 
ATOM   1003 O  O    . ASP A 1 127 ? 14.163  -7.200  -0.124  1.00 21.25 ? 127  ASP A O    1 
ATOM   1004 C  CB   . ASP A 1 127 ? 14.337  -6.494  2.583   1.00 16.69 ? 127  ASP A CB   1 
ATOM   1005 C  CG   . ASP A 1 127 ? 15.784  -6.103  2.311   1.00 24.80 ? 127  ASP A CG   1 
ATOM   1006 O  OD1  . ASP A 1 127 ? 16.014  -4.993  1.752   1.00 23.74 ? 127  ASP A OD1  1 
ATOM   1007 O  OD2  . ASP A 1 127 ? 16.687  -6.882  2.691   1.00 29.32 ? 127  ASP A OD2  1 
ATOM   1008 N  N    . TYR A 1 128 ? 12.924  -5.410  -0.740  1.00 16.49 ? 128  TYR A N    1 
ATOM   1009 C  CA   . TYR A 1 128 ? 12.974  -5.648  -2.194  1.00 15.91 ? 128  TYR A CA   1 
ATOM   1010 C  C    . TYR A 1 128 ? 14.359  -5.469  -2.823  1.00 20.29 ? 128  TYR A C    1 
ATOM   1011 O  O    . TYR A 1 128 ? 15.110  -4.569  -2.444  1.00 20.21 ? 128  TYR A O    1 
ATOM   1012 C  CB   . TYR A 1 128 ? 11.890  -4.854  -2.953  1.00 16.30 ? 128  TYR A CB   1 
ATOM   1013 C  CG   . TYR A 1 128 ? 12.102  -3.359  -2.955  1.00 19.04 ? 128  TYR A CG   1 
ATOM   1014 C  CD1  . TYR A 1 128 ? 12.731  -2.725  -4.026  1.00 20.83 ? 128  TYR A CD1  1 
ATOM   1015 C  CD2  . TYR A 1 128 ? 11.690  -2.571  -1.881  1.00 19.28 ? 128  TYR A CD2  1 
ATOM   1016 C  CE1  . TYR A 1 128 ? 12.935  -1.350  -4.033  1.00 19.64 ? 128  TYR A CE1  1 
ATOM   1017 C  CE2  . TYR A 1 128 ? 11.924  -1.200  -1.862  1.00 19.81 ? 128  TYR A CE2  1 
ATOM   1018 C  CZ   . TYR A 1 128 ? 12.544  -0.594  -2.944  1.00 25.71 ? 128  TYR A CZ   1 
ATOM   1019 O  OH   . TYR A 1 128 ? 12.772  0.760   -2.945  1.00 29.94 ? 128  TYR A OH   1 
ATOM   1020 N  N    . GLU A 1 129 ? 14.670  -6.310  -3.819  1.00 16.55 ? 129  GLU A N    1 
ATOM   1021 C  CA   . GLU A 1 129 ? 15.934  -6.291  -4.551  1.00 15.13 ? 129  GLU A CA   1 
ATOM   1022 C  C    . GLU A 1 129 ? 15.974  -5.066  -5.484  1.00 18.35 ? 129  GLU A C    1 
ATOM   1023 O  O    . GLU A 1 129 ? 15.198  -5.048  -6.436  1.00 17.77 ? 129  GLU A O    1 
ATOM   1024 C  CB   . GLU A 1 129 ? 16.121  -7.632  -5.327  1.00 16.05 ? 129  GLU A CB   1 
ATOM   1025 C  CG   . GLU A 1 129 ? 17.389  -7.705  -6.179  1.00 20.18 ? 129  GLU A CG   1 
ATOM   1026 C  CD   . GLU A 1 129 ? 18.658  -7.277  -5.465  1.00 33.06 ? 129  GLU A CD   1 
ATOM   1027 O  OE1  . GLU A 1 129 ? 19.024  -7.934  -4.463  1.00 27.25 ? 129  GLU A OE1  1 
ATOM   1028 O  OE2  . GLU A 1 129 ? 19.257  -6.254  -5.872  1.00 15.59 ? 129  GLU A OE2  1 
ATOM   1029 N  N    . PRO A 1 130 ? 16.847  -4.039  -5.239  1.00 15.88 ? 130  PRO A N    1 
ATOM   1030 C  CA   . PRO A 1 130 ? 16.860  -2.849  -6.121  1.00 16.05 ? 130  PRO A CA   1 
ATOM   1031 C  C    . PRO A 1 130 ? 17.215  -3.111  -7.580  1.00 17.39 ? 130  PRO A C    1 
ATOM   1032 O  O    . PRO A 1 130 ? 16.706  -2.390  -8.431  1.00 16.02 ? 130  PRO A O    1 
ATOM   1033 C  CB   . PRO A 1 130 ? 17.897  -1.907  -5.476  1.00 18.36 ? 130  PRO A CB   1 
ATOM   1034 C  CG   . PRO A 1 130 ? 18.732  -2.793  -4.609  1.00 22.96 ? 130  PRO A CG   1 
ATOM   1035 C  CD   . PRO A 1 130 ? 17.825  -3.895  -4.135  1.00 17.77 ? 130  PRO A CD   1 
ATOM   1036 N  N    . ASP A 1 131 ? 18.059  -4.132  -7.873  1.00 13.39 ? 131  ASP A N    1 
ATOM   1037 C  CA   . ASP A 1 131 ? 18.432  -4.494  -9.243  1.00 13.00 ? 131  ASP A CA   1 
ATOM   1038 C  C    . ASP A 1 131 ? 17.225  -4.969  -10.077 1.00 17.60 ? 131  ASP A C    1 
ATOM   1039 O  O    . ASP A 1 131 ? 17.287  -4.921  -11.301 1.00 18.21 ? 131  ASP A O    1 
ATOM   1040 C  CB   . ASP A 1 131 ? 19.532  -5.579  -9.265  1.00 13.79 ? 131  ASP A CB   1 
ATOM   1041 C  CG   . ASP A 1 131 ? 20.865  -5.181  -8.653  1.00 12.84 ? 131  ASP A CG   1 
ATOM   1042 O  OD1  . ASP A 1 131 ? 20.978  -4.043  -8.172  1.00 13.66 ? 131  ASP A OD1  1 
ATOM   1043 O  OD2  . ASP A 1 131 ? 21.781  -6.040  -8.609  1.00 11.19 ? 131  ASP A OD2  1 
ATOM   1044 N  N    . ASP A 1 132 ? 16.163  -5.465  -9.425  1.00 13.37 ? 132  ASP A N    1 
ATOM   1045 C  CA   . ASP A 1 132 ? 14.965  -5.966  -10.110 1.00 12.83 ? 132  ASP A CA   1 
ATOM   1046 C  C    . ASP A 1 132 ? 13.956  -4.875  -10.519 1.00 15.08 ? 132  ASP A C    1 
ATOM   1047 O  O    . ASP A 1 132 ? 13.043  -5.134  -11.304 1.00 13.66 ? 132  ASP A O    1 
ATOM   1048 C  CB   . ASP A 1 132 ? 14.281  -7.031  -9.230  1.00 14.43 ? 132  ASP A CB   1 
ATOM   1049 C  CG   . ASP A 1 132 ? 15.097  -8.320  -9.134  1.00 24.03 ? 132  ASP A CG   1 
ATOM   1050 O  OD1  . ASP A 1 132 ? 16.210  -8.367  -9.706  1.00 25.39 ? 132  ASP A OD1  1 
ATOM   1051 O  OD2  . ASP A 1 132 ? 14.636  -9.261  -8.472  1.00 24.63 ? 132  ASP A OD2  1 
ATOM   1052 N  N    . TRP A 1 133 ? 14.128  -3.677  -9.987  1.00 13.23 ? 133  TRP A N    1 
ATOM   1053 C  CA   . TRP A 1 133 ? 13.198  -2.571  -10.180 1.00 13.65 ? 133  TRP A CA   1 
ATOM   1054 C  C    . TRP A 1 133 ? 13.827  -1.346  -10.815 1.00 18.32 ? 133  TRP A C    1 
ATOM   1055 O  O    . TRP A 1 133 ? 14.946  -0.958  -10.475 1.00 17.68 ? 133  TRP A O    1 
ATOM   1056 C  CB   . TRP A 1 133 ? 12.554  -2.228  -8.835  1.00 11.96 ? 133  TRP A CB   1 
ATOM   1057 C  CG   . TRP A 1 133 ? 11.801  -3.384  -8.238  1.00 12.05 ? 133  TRP A CG   1 
ATOM   1058 C  CD1  . TRP A 1 133 ? 12.312  -4.388  -7.462  1.00 14.80 ? 133  TRP A CD1  1 
ATOM   1059 C  CD2  . TRP A 1 133 ? 10.420  -3.698  -8.446  1.00 11.36 ? 133  TRP A CD2  1 
ATOM   1060 N  NE1  . TRP A 1 133 ? 11.325  -5.301  -7.160  1.00 13.63 ? 133  TRP A NE1  1 
ATOM   1061 C  CE2  . TRP A 1 133 ? 10.151  -4.899  -7.748  1.00 14.20 ? 133  TRP A CE2  1 
ATOM   1062 C  CE3  . TRP A 1 133 ? 9.371   -3.075  -9.154  1.00 12.35 ? 133  TRP A CE3  1 
ATOM   1063 C  CZ2  . TRP A 1 133 ? 8.872   -5.465  -7.700  1.00 12.97 ? 133  TRP A CZ2  1 
ATOM   1064 C  CZ3  . TRP A 1 133 ? 8.111   -3.657  -9.131  1.00 13.18 ? 133  TRP A CZ3  1 
ATOM   1065 C  CH2  . TRP A 1 133 ? 7.871   -4.836  -8.412  1.00 13.68 ? 133  TRP A CH2  1 
ATOM   1066 N  N    . GLU A 1 134 ? 13.097  -0.730  -11.746 1.00 15.37 ? 134  GLU A N    1 
ATOM   1067 C  CA   . GLU A 1 134 ? 13.559  0.470   -12.430 1.00 14.52 ? 134  GLU A CA   1 
ATOM   1068 C  C    . GLU A 1 134 ? 12.719  1.641   -11.973 1.00 15.93 ? 134  GLU A C    1 
ATOM   1069 O  O    . GLU A 1 134 ? 11.497  1.597   -12.099 1.00 13.23 ? 134  GLU A O    1 
ATOM   1070 C  CB   . GLU A 1 134 ? 13.433  0.304   -13.954 1.00 15.69 ? 134  GLU A CB   1 
ATOM   1071 C  CG   . GLU A 1 134 ? 14.012  1.488   -14.713 1.00 21.15 ? 134  GLU A CG   1 
ATOM   1072 C  CD   . GLU A 1 134 ? 13.624  1.599   -16.173 1.00 36.26 ? 134  GLU A CD   1 
ATOM   1073 O  OE1  . GLU A 1 134 ? 13.109  0.609   -16.744 1.00 29.43 ? 134  GLU A OE1  1 
ATOM   1074 O  OE2  . GLU A 1 134 ? 13.858  2.682   -16.755 1.00 32.12 ? 134  GLU A OE2  1 
ATOM   1075 N  N    . SER A 1 135 ? 13.360  2.698   -11.476 1.00 13.90 ? 135  SER A N    1 
ATOM   1076 C  CA   . SER A 1 135 ? 12.621  3.907   -11.064 1.00 14.75 ? 135  SER A CA   1 
ATOM   1077 C  C    . SER A 1 135 ? 12.250  4.671   -12.326 1.00 19.06 ? 135  SER A C    1 
ATOM   1078 O  O    . SER A 1 135 ? 13.141  5.032   -13.083 1.00 20.46 ? 135  SER A O    1 
ATOM   1079 C  CB   . SER A 1 135 ? 13.471  4.772   -10.141 1.00 17.27 ? 135  SER A CB   1 
ATOM   1080 O  OG   . SER A 1 135 ? 12.831  6.003   -9.853  1.00 22.26 ? 135  SER A OG   1 
ATOM   1081 N  N    . VAL A 1 136 ? 10.944  4.825   -12.602 1.00 15.06 ? 136  VAL A N    1 
ATOM   1082 C  CA   . VAL A 1 136 ? 10.435  5.469   -13.817 1.00 14.30 ? 136  VAL A CA   1 
ATOM   1083 C  C    . VAL A 1 136 ? 9.824   6.867   -13.532 1.00 19.28 ? 136  VAL A C    1 
ATOM   1084 O  O    . VAL A 1 136 ? 9.585   7.650   -14.449 1.00 19.32 ? 136  VAL A O    1 
ATOM   1085 C  CB   . VAL A 1 136 ? 9.521   4.531   -14.667 1.00 17.98 ? 136  VAL A CB   1 
ATOM   1086 C  CG1  . VAL A 1 136 ? 10.240  3.218   -15.000 1.00 17.43 ? 136  VAL A CG1  1 
ATOM   1087 C  CG2  . VAL A 1 136 ? 8.175   4.249   -13.978 1.00 17.18 ? 136  VAL A CG2  1 
ATOM   1088 N  N    . PHE A 1 137 ? 9.560   7.146   -12.255 1.00 15.20 ? 137  PHE A N    1 
ATOM   1089 C  CA   . PHE A 1 137 ? 9.018   8.415   -11.763 1.00 14.35 ? 137  PHE A CA   1 
ATOM   1090 C  C    . PHE A 1 137 ? 9.621   8.655   -10.393 1.00 16.81 ? 137  PHE A C    1 
ATOM   1091 O  O    . PHE A 1 137 ? 9.652   7.739   -9.583  1.00 13.73 ? 137  PHE A O    1 
ATOM   1092 C  CB   . PHE A 1 137 ? 7.485   8.345   -11.664 1.00 15.38 ? 137  PHE A CB   1 
ATOM   1093 C  CG   . PHE A 1 137 ? 6.788   9.580   -11.134 1.00 16.02 ? 137  PHE A CG   1 
ATOM   1094 C  CD1  . PHE A 1 137 ? 6.203   10.493  -12.000 1.00 17.77 ? 137  PHE A CD1  1 
ATOM   1095 C  CD2  . PHE A 1 137 ? 6.637   9.782   -9.758  1.00 16.43 ? 137  PHE A CD2  1 
ATOM   1096 C  CE1  . PHE A 1 137 ? 5.506   11.606  -11.506 1.00 18.13 ? 137  PHE A CE1  1 
ATOM   1097 C  CE2  . PHE A 1 137 ? 5.924   10.877  -9.267  1.00 17.94 ? 137  PHE A CE2  1 
ATOM   1098 C  CZ   . PHE A 1 137 ? 5.357   11.780  -10.143 1.00 16.68 ? 137  PHE A CZ   1 
ATOM   1099 N  N    . SER A 1 138 ? 10.064  9.883   -10.118 1.00 16.14 ? 138  SER A N    1 
ATOM   1100 C  CA   . SER A 1 138 ? 10.643  10.261  -8.821  1.00 16.86 ? 138  SER A CA   1 
ATOM   1101 C  C    . SER A 1 138 ? 10.498  11.762  -8.605  1.00 20.04 ? 138  SER A C    1 
ATOM   1102 O  O    . SER A 1 138 ? 11.223  12.535  -9.224  1.00 19.56 ? 138  SER A O    1 
ATOM   1103 C  CB   . SER A 1 138 ? 12.107  9.838   -8.714  1.00 21.50 ? 138  SER A CB   1 
ATOM   1104 O  OG   . SER A 1 138 ? 12.568  9.994   -7.381  1.00 34.05 ? 138  SER A OG   1 
ATOM   1105 N  N    . GLU A 1 139 ? 9.550   12.177  -7.737  1.00 15.39 ? 139  GLU A N    1 
ATOM   1106 C  CA   . GLU A 1 139 ? 9.314   13.597  -7.461  1.00 15.72 ? 139  GLU A CA   1 
ATOM   1107 C  C    . GLU A 1 139 ? 9.459   13.918  -6.007  1.00 20.21 ? 139  GLU A C    1 
ATOM   1108 O  O    . GLU A 1 139 ? 8.588   13.546  -5.208  1.00 19.53 ? 139  GLU A O    1 
ATOM   1109 C  CB   . GLU A 1 139 ? 7.955   14.084  -8.018  1.00 17.29 ? 139  GLU A CB   1 
ATOM   1110 C  CG   . GLU A 1 139 ? 7.987   14.284  -9.528  1.00 30.00 ? 139  GLU A CG   1 
ATOM   1111 C  CD   . GLU A 1 139 ? 8.928   15.371  -10.021 1.00 46.52 ? 139  GLU A CD   1 
ATOM   1112 O  OE1  . GLU A 1 139 ? 8.956   16.465  -9.410  1.00 43.04 ? 139  GLU A OE1  1 
ATOM   1113 O  OE2  . GLU A 1 139 ? 9.627   15.136  -11.033 1.00 36.79 ? 139  GLU A OE2  1 
ATOM   1114 N  N    . PHE A 1 140 ? 10.601  14.579  -5.664  1.00 15.71 ? 140  PHE A N    1 
ATOM   1115 C  CA   . PHE A 1 140 ? 10.950  15.019  -4.322  1.00 15.72 ? 140  PHE A CA   1 
ATOM   1116 C  C    . PHE A 1 140 ? 10.201  16.309  -3.959  1.00 20.69 ? 140  PHE A C    1 
ATOM   1117 O  O    . PHE A 1 140 ? 10.001  17.167  -4.812  1.00 21.08 ? 140  PHE A O    1 
ATOM   1118 C  CB   . PHE A 1 140 ? 12.484  15.213  -4.183  1.00 17.12 ? 140  PHE A CB   1 
ATOM   1119 C  CG   . PHE A 1 140 ? 12.937  15.749  -2.845  1.00 17.98 ? 140  PHE A CG   1 
ATOM   1120 C  CD1  . PHE A 1 140 ? 12.974  14.928  -1.725  1.00 19.84 ? 140  PHE A CD1  1 
ATOM   1121 C  CD2  . PHE A 1 140 ? 13.306  17.087  -2.699  1.00 18.69 ? 140  PHE A CD2  1 
ATOM   1122 C  CE1  . PHE A 1 140 ? 13.331  15.441  -0.471  1.00 20.32 ? 140  PHE A CE1  1 
ATOM   1123 C  CE2  . PHE A 1 140 ? 13.675  17.597  -1.447  1.00 20.37 ? 140  PHE A CE2  1 
ATOM   1124 C  CZ   . PHE A 1 140 ? 13.700  16.770  -0.347  1.00 18.98 ? 140  PHE A CZ   1 
ATOM   1125 N  N    . HIS A 1 141 ? 9.776   16.419  -2.696  1.00 16.38 ? 141  HIS A N    1 
ATOM   1126 C  CA   . HIS A 1 141 ? 9.126   17.605  -2.182  1.00 16.46 ? 141  HIS A CA   1 
ATOM   1127 C  C    . HIS A 1 141 ? 9.706   17.926  -0.819  1.00 18.30 ? 141  HIS A C    1 
ATOM   1128 O  O    . HIS A 1 141 ? 9.812   17.050  0.051   1.00 16.27 ? 141  HIS A O    1 
ATOM   1129 C  CB   . HIS A 1 141 ? 7.597   17.441  -2.049  1.00 17.41 ? 141  HIS A CB   1 
ATOM   1130 C  CG   . HIS A 1 141 ? 6.866   17.257  -3.341  1.00 21.09 ? 141  HIS A CG   1 
ATOM   1131 N  ND1  . HIS A 1 141 ? 6.718   16.008  -3.913  1.00 23.23 ? 141  HIS A ND1  1 
ATOM   1132 C  CD2  . HIS A 1 141 ? 6.196   18.163  -4.091  1.00 23.44 ? 141  HIS A CD2  1 
ATOM   1133 C  CE1  . HIS A 1 141 ? 6.009   16.198  -5.014  1.00 22.59 ? 141  HIS A CE1  1 
ATOM   1134 N  NE2  . HIS A 1 141 ? 5.668   17.478  -5.162  1.00 23.20 ? 141  HIS A NE2  1 
ATOM   1135 N  N    . ASP A 1 142 ? 10.021  19.204  -0.616  1.00 13.50 ? 142  ASP A N    1 
ATOM   1136 C  CA   . ASP A 1 142 ? 10.481  19.714  0.660   1.00 13.76 ? 142  ASP A CA   1 
ATOM   1137 C  C    . ASP A 1 142 ? 9.279   19.826  1.582   1.00 19.53 ? 142  ASP A C    1 
ATOM   1138 O  O    . ASP A 1 142 ? 8.154   19.944  1.099   1.00 20.02 ? 142  ASP A O    1 
ATOM   1139 C  CB   . ASP A 1 142 ? 11.076  21.123  0.463   1.00 15.00 ? 142  ASP A CB   1 
ATOM   1140 C  CG   . ASP A 1 142 ? 12.503  21.097  0.003   1.00 20.10 ? 142  ASP A CG   1 
ATOM   1141 O  OD1  . ASP A 1 142 ? 13.338  20.470  0.701   1.00 21.29 ? 142  ASP A OD1  1 
ATOM   1142 O  OD2  . ASP A 1 142 ? 12.808  21.755  -1.020  1.00 26.68 ? 142  ASP A OD2  1 
ATOM   1143 N  N    . ALA A 1 143 ? 9.522   19.814  2.904   1.00 17.08 ? 143  ALA A N    1 
ATOM   1144 C  CA   . ALA A 1 143 ? 8.512   20.019  3.929   1.00 17.38 ? 143  ALA A CA   1 
ATOM   1145 C  C    . ALA A 1 143 ? 7.889   21.427  3.744   1.00 23.03 ? 143  ALA A C    1 
ATOM   1146 O  O    . ALA A 1 143 ? 8.568   22.355  3.282   1.00 23.00 ? 143  ALA A O    1 
ATOM   1147 C  CB   . ALA A 1 143 ? 9.161   19.945  5.302   1.00 17.74 ? 143  ALA A CB   1 
ATOM   1148 N  N    . ASP A 1 144 ? 6.617   21.582  4.128   1.00 18.60 ? 144  ASP A N    1 
ATOM   1149 C  CA   . ASP A 1 144 ? 5.919   22.874  4.075   1.00 18.51 ? 144  ASP A CA   1 
ATOM   1150 C  C    . ASP A 1 144 ? 4.999   23.021  5.291   1.00 20.77 ? 144  ASP A C    1 
ATOM   1151 O  O    . ASP A 1 144 ? 5.041   22.174  6.176   1.00 19.52 ? 144  ASP A O    1 
ATOM   1152 C  CB   . ASP A 1 144 ? 5.151   23.057  2.741   1.00 20.13 ? 144  ASP A CB   1 
ATOM   1153 C  CG   . ASP A 1 144 ? 4.088   22.012  2.416   1.00 24.42 ? 144  ASP A CG   1 
ATOM   1154 O  OD1  . ASP A 1 144 ? 3.507   21.435  3.357   1.00 26.15 ? 144  ASP A OD1  1 
ATOM   1155 O  OD2  . ASP A 1 144 ? 3.808   21.806  1.220   1.00 25.70 ? 144  ASP A OD2  1 
ATOM   1156 N  N    . ALA A 1 145 ? 4.155   24.077  5.325   1.00 19.08 ? 145  ALA A N    1 
ATOM   1157 C  CA   . ALA A 1 145 ? 3.191   24.324  6.397   1.00 18.76 ? 145  ALA A CA   1 
ATOM   1158 C  C    . ALA A 1 145 ? 2.203   23.160  6.618   1.00 21.80 ? 145  ALA A C    1 
ATOM   1159 O  O    . ALA A 1 145 ? 1.733   22.992  7.728   1.00 21.09 ? 145  ALA A O    1 
ATOM   1160 C  CB   . ALA A 1 145 ? 2.421   25.617  6.124   1.00 19.82 ? 145  ALA A CB   1 
ATOM   1161 N  N    . GLN A 1 146 ? 1.864   22.380  5.567   1.00 18.66 ? 146  GLN A N    1 
ATOM   1162 C  CA   . GLN A 1 146 ? 0.922   21.256  5.696   1.00 17.22 ? 146  GLN A CA   1 
ATOM   1163 C  C    . GLN A 1 146 ? 1.595   19.882  5.932   1.00 20.44 ? 146  GLN A C    1 
ATOM   1164 O  O    . GLN A 1 146 ? 0.985   19.007  6.528   1.00 19.50 ? 146  GLN A O    1 
ATOM   1165 C  CB   . GLN A 1 146 ? 0.027   21.176  4.455   1.00 18.16 ? 146  GLN A CB   1 
ATOM   1166 C  CG   . GLN A 1 146 ? -0.890  22.379  4.248   1.00 23.22 ? 146  GLN A CG   1 
ATOM   1167 C  CD   . GLN A 1 146 ? -1.704  22.215  2.986   1.00 39.44 ? 146  GLN A CD   1 
ATOM   1168 O  OE1  . GLN A 1 146 ? -1.636  23.038  2.062   1.00 28.96 ? 146  GLN A OE1  1 
ATOM   1169 N  NE2  . GLN A 1 146 ? -2.483  21.137  2.913   1.00 32.89 ? 146  GLN A NE2  1 
ATOM   1170 N  N    . ASN A 1 147 ? 2.819   19.687  5.420   1.00 17.85 ? 147  ASN A N    1 
ATOM   1171 C  CA   . ASN A 1 147 ? 3.579   18.432  5.508   1.00 17.82 ? 147  ASN A CA   1 
ATOM   1172 C  C    . ASN A 1 147 ? 4.853   18.658  6.321   1.00 22.49 ? 147  ASN A C    1 
ATOM   1173 O  O    . ASN A 1 147 ? 5.766   19.367  5.879   1.00 22.41 ? 147  ASN A O    1 
ATOM   1174 C  CB   . ASN A 1 147 ? 3.903   17.918  4.108   1.00 17.97 ? 147  ASN A CB   1 
ATOM   1175 C  CG   . ASN A 1 147 ? 2.675   17.680  3.255   1.00 28.54 ? 147  ASN A CG   1 
ATOM   1176 O  OD1  . ASN A 1 147 ? 2.080   16.590  3.287   1.00 14.85 ? 147  ASN A OD1  1 
ATOM   1177 N  ND2  . ASN A 1 147 ? 2.282   18.700  2.465   1.00 7.75  ? 147  ASN A ND2  1 
ATOM   1178 N  N    . SER A 1 148 ? 4.894   18.077  7.522   1.00 18.58 ? 148  SER A N    1 
ATOM   1179 C  CA   . SER A 1 148 ? 5.995   18.228  8.482   1.00 18.67 ? 148  SER A CA   1 
ATOM   1180 C  C    . SER A 1 148 ? 7.325   17.533  8.110   1.00 22.17 ? 148  SER A C    1 
ATOM   1181 O  O    . SER A 1 148 ? 8.308   17.666  8.851   1.00 22.94 ? 148  SER A O    1 
ATOM   1182 C  CB   . SER A 1 148 ? 5.535   17.803  9.872   1.00 20.40 ? 148  SER A CB   1 
ATOM   1183 O  OG   . SER A 1 148 ? 5.387   16.394  9.884   1.00 32.17 ? 148  SER A OG   1 
ATOM   1184 N  N    . HIS A 1 149 ? 7.354   16.786  6.991   1.00 16.66 ? 149  HIS A N    1 
ATOM   1185 C  CA   . HIS A 1 149 ? 8.555   16.089  6.521   1.00 16.07 ? 149  HIS A CA   1 
ATOM   1186 C  C    . HIS A 1 149 ? 8.760   16.288  5.032   1.00 18.34 ? 149  HIS A C    1 
ATOM   1187 O  O    . HIS A 1 149 ? 7.795   16.515  4.304   1.00 16.37 ? 149  HIS A O    1 
ATOM   1188 C  CB   . HIS A 1 149 ? 8.434   14.573  6.777   1.00 17.26 ? 149  HIS A CB   1 
ATOM   1189 C  CG   . HIS A 1 149 ? 8.317   14.218  8.220   1.00 19.78 ? 149  HIS A CG   1 
ATOM   1190 N  ND1  . HIS A 1 149 ? 9.418   14.237  9.054   1.00 20.69 ? 149  HIS A ND1  1 
ATOM   1191 C  CD2  . HIS A 1 149 ? 7.218   13.903  8.945   1.00 21.32 ? 149  HIS A CD2  1 
ATOM   1192 C  CE1  . HIS A 1 149 ? 8.955   13.941  10.258  1.00 20.54 ? 149  HIS A CE1  1 
ATOM   1193 N  NE2  . HIS A 1 149 ? 7.633   13.737  10.239  1.00 21.13 ? 149  HIS A NE2  1 
ATOM   1194 N  N    . SER A 1 150 ? 10.014  16.135  4.567   1.00 14.98 ? 150  SER A N    1 
ATOM   1195 C  CA   . SER A 1 150 ? 10.293  16.128  3.130   1.00 14.68 ? 150  SER A CA   1 
ATOM   1196 C  C    . SER A 1 150 ? 9.927   14.712  2.673   1.00 15.55 ? 150  SER A C    1 
ATOM   1197 O  O    . SER A 1 150 ? 9.989   13.778  3.482   1.00 14.11 ? 150  SER A O    1 
ATOM   1198 C  CB   . SER A 1 150 ? 11.761  16.437  2.850   1.00 16.63 ? 150  SER A CB   1 
ATOM   1199 O  OG   . SER A 1 150 ? 12.624  15.676  3.681   1.00 16.76 ? 150  SER A OG   1 
ATOM   1200 N  N    . TYR A 1 151 ? 9.470   14.547  1.424   1.00 11.70 ? 151  TYR A N    1 
ATOM   1201 C  CA   . TYR A 1 151 ? 9.020   13.229  0.950   1.00 11.27 ? 151  TYR A CA   1 
ATOM   1202 C  C    . TYR A 1 151 ? 9.215   13.115  -0.551  1.00 17.63 ? 151  TYR A C    1 
ATOM   1203 O  O    . TYR A 1 151 ? 9.335   14.128  -1.235  1.00 17.66 ? 151  TYR A O    1 
ATOM   1204 C  CB   . TYR A 1 151 ? 7.531   12.976  1.356   1.00 11.81 ? 151  TYR A CB   1 
ATOM   1205 C  CG   . TYR A 1 151 ? 6.620   14.096  0.892   1.00 13.96 ? 151  TYR A CG   1 
ATOM   1206 C  CD1  . TYR A 1 151 ? 5.980   14.032  -0.346  1.00 14.16 ? 151  TYR A CD1  1 
ATOM   1207 C  CD2  . TYR A 1 151 ? 6.503   15.277  1.622   1.00 15.09 ? 151  TYR A CD2  1 
ATOM   1208 C  CE1  . TYR A 1 151 ? 5.206   15.083  -0.814  1.00 14.49 ? 151  TYR A CE1  1 
ATOM   1209 C  CE2  . TYR A 1 151 ? 5.751   16.353  1.142   1.00 16.10 ? 151  TYR A CE2  1 
ATOM   1210 C  CZ   . TYR A 1 151 ? 5.089   16.241  -0.067  1.00 20.61 ? 151  TYR A CZ   1 
ATOM   1211 O  OH   . TYR A 1 151 ? 4.374   17.295  -0.579  1.00 25.93 ? 151  TYR A OH   1 
ATOM   1212 N  N    . CYS A 1 152 ? 9.330   11.884  -1.050  1.00 16.51 ? 152  CYS A N    1 
ATOM   1213 C  CA   . CYS A 1 152 ? 9.529   11.638  -2.477  1.00 16.57 ? 152  CYS A CA   1 
ATOM   1214 C  C    . CYS A 1 152 ? 8.572   10.576  -2.955  1.00 16.73 ? 152  CYS A C    1 
ATOM   1215 O  O    . CYS A 1 152 ? 8.602   9.472   -2.432  1.00 17.08 ? 152  CYS A O    1 
ATOM   1216 C  CB   . CYS A 1 152 ? 10.978  11.246  -2.766  1.00 17.72 ? 152  CYS A CB   1 
ATOM   1217 S  SG   . CYS A 1 152 ? 11.366  11.082  -4.531  1.00 22.24 ? 152  CYS A SG   1 
ATOM   1218 N  N    . PHE A 1 153 ? 7.744   10.890  -3.955  1.00 12.21 ? 153  PHE A N    1 
ATOM   1219 C  CA   . PHE A 1 153 ? 6.868   9.891   -4.567  1.00 11.31 ? 153  PHE A CA   1 
ATOM   1220 C  C    . PHE A 1 153 ? 7.720   9.218   -5.633  1.00 16.48 ? 153  PHE A C    1 
ATOM   1221 O  O    . PHE A 1 153 ? 8.341   9.894   -6.464  1.00 14.91 ? 153  PHE A O    1 
ATOM   1222 C  CB   . PHE A 1 153 ? 5.615   10.526  -5.222  1.00 11.93 ? 153  PHE A CB   1 
ATOM   1223 C  CG   . PHE A 1 153 ? 4.751   11.386  -4.330  1.00 13.05 ? 153  PHE A CG   1 
ATOM   1224 C  CD1  . PHE A 1 153 ? 4.220   10.878  -3.146  1.00 15.04 ? 153  PHE A CD1  1 
ATOM   1225 C  CD2  . PHE A 1 153 ? 4.478   12.707  -4.666  1.00 14.47 ? 153  PHE A CD2  1 
ATOM   1226 C  CE1  . PHE A 1 153 ? 3.451   11.681  -2.307  1.00 15.74 ? 153  PHE A CE1  1 
ATOM   1227 C  CE2  . PHE A 1 153 ? 3.668   13.501  -3.844  1.00 17.80 ? 153  PHE A CE2  1 
ATOM   1228 C  CZ   . PHE A 1 153 ? 3.145   12.977  -2.681  1.00 16.20 ? 153  PHE A CZ   1 
ATOM   1229 N  N    . GLU A 1 154 ? 7.770   7.887   -5.595  1.00 13.16 ? 154  GLU A N    1 
ATOM   1230 C  CA   . GLU A 1 154 ? 8.527   7.131   -6.579  1.00 10.75 ? 154  GLU A CA   1 
ATOM   1231 C  C    . GLU A 1 154 ? 7.663   6.030   -7.186  1.00 13.43 ? 154  GLU A C    1 
ATOM   1232 O  O    . GLU A 1 154 ? 6.833   5.434   -6.493  1.00 11.61 ? 154  GLU A O    1 
ATOM   1233 C  CB   . GLU A 1 154 ? 9.790   6.550   -5.935  1.00 11.78 ? 154  GLU A CB   1 
ATOM   1234 C  CG   . GLU A 1 154 ? 10.766  5.934   -6.932  1.00 19.88 ? 154  GLU A CG   1 
ATOM   1235 C  CD   . GLU A 1 154 ? 11.986  5.272   -6.323  1.00 21.42 ? 154  GLU A CD   1 
ATOM   1236 O  OE1  . GLU A 1 154 ? 11.875  4.693   -5.221  1.00 15.09 ? 154  GLU A OE1  1 
ATOM   1237 O  OE2  . GLU A 1 154 ? 13.055  5.315   -6.967  1.00 30.33 ? 154  GLU A OE2  1 
ATOM   1238 N  N    . ILE A 1 155 ? 7.834   5.796   -8.492  1.00 11.20 ? 155  ILE A N    1 
ATOM   1239 C  CA   . ILE A 1 155 ? 7.205   4.672   -9.185  1.00 10.63 ? 155  ILE A CA   1 
ATOM   1240 C  C    . ILE A 1 155 ? 8.324   3.799   -9.747  1.00 13.59 ? 155  ILE A C    1 
ATOM   1241 O  O    . ILE A 1 155 ? 9.189   4.295   -10.466 1.00 12.42 ? 155  ILE A O    1 
ATOM   1242 C  CB   . ILE A 1 155 ? 6.167   5.055   -10.254 1.00 13.34 ? 155  ILE A CB   1 
ATOM   1243 C  CG1  . ILE A 1 155 ? 5.022   5.932   -9.670  1.00 12.34 ? 155  ILE A CG1  1 
ATOM   1244 C  CG2  . ILE A 1 155 ? 5.629   3.775   -10.911 1.00 14.85 ? 155  ILE A CG2  1 
ATOM   1245 C  CD1  . ILE A 1 155 ? 3.911   6.404   -10.744 1.00 12.87 ? 155  ILE A CD1  1 
ATOM   1246 N  N    . LEU A 1 156 ? 8.323   2.510   -9.370  1.00 10.49 ? 156  LEU A N    1 
ATOM   1247 C  CA   . LEU A 1 156 ? 9.300   1.506   -9.803  1.00 9.92  ? 156  LEU A CA   1 
ATOM   1248 C  C    . LEU A 1 156 ? 8.586   0.411   -10.584 1.00 11.16 ? 156  LEU A C    1 
ATOM   1249 O  O    . LEU A 1 156 ? 7.516   -0.037  -10.188 1.00 11.10 ? 156  LEU A O    1 
ATOM   1250 C  CB   . LEU A 1 156 ? 10.030  0.891   -8.604  1.00 10.62 ? 156  LEU A CB   1 
ATOM   1251 C  CG   . LEU A 1 156 ? 10.773  1.884   -7.730  1.00 15.77 ? 156  LEU A CG   1 
ATOM   1252 C  CD1  . LEU A 1 156 ? 10.184  1.929   -6.334  1.00 16.21 ? 156  LEU A CD1  1 
ATOM   1253 C  CD2  . LEU A 1 156 ? 12.263  1.632   -7.738  1.00 16.77 ? 156  LEU A CD2  1 
ATOM   1254 N  N    . GLU A 1 157 ? 9.185   -0.028  -11.679 1.00 9.22  ? 157  GLU A N    1 
ATOM   1255 C  CA   . GLU A 1 157 ? 8.639   -1.083  -12.536 1.00 9.77  ? 157  GLU A CA   1 
ATOM   1256 C  C    . GLU A 1 157 ? 9.618   -2.217  -12.603 1.00 13.76 ? 157  GLU A C    1 
ATOM   1257 O  O    . GLU A 1 157 ? 10.823  -1.975  -12.763 1.00 13.78 ? 157  GLU A O    1 
ATOM   1258 C  CB   . GLU A 1 157 ? 8.316   -0.533  -13.937 1.00 11.40 ? 157  GLU A CB   1 
ATOM   1259 C  CG   . GLU A 1 157 ? 7.194   0.507   -13.880 1.00 17.11 ? 157  GLU A CG   1 
ATOM   1260 C  CD   . GLU A 1 157 ? 6.697   1.071   -15.195 1.00 28.06 ? 157  GLU A CD   1 
ATOM   1261 O  OE1  . GLU A 1 157 ? 7.506   1.206   -16.138 1.00 36.99 ? 157  GLU A OE1  1 
ATOM   1262 O  OE2  . GLU A 1 157 ? 5.523   1.499   -15.239 1.00 36.18 ? 157  GLU A OE2  1 
ATOM   1263 N  N    . ARG A 1 158 ? 9.113   -3.453  -12.446 1.00 9.74  ? 158  ARG A N    1 
ATOM   1264 C  CA   . ARG A 1 158 ? 9.935   -4.687  -12.464 1.00 10.00 ? 158  ARG A CA   1 
ATOM   1265 C  C    . ARG A 1 158 ? 10.597  -4.820  -13.824 1.00 13.75 ? 158  ARG A C    1 
ATOM   1266 O  O    . ARG A 1 158 ? 9.917   -4.747  -14.843 1.00 12.32 ? 158  ARG A O    1 
ATOM   1267 C  CB   . ARG A 1 158 ? 9.066   -5.915  -12.182 1.00 10.49 ? 158  ARG A CB   1 
ATOM   1268 C  CG   . ARG A 1 158 ? 9.861   -7.191  -12.018 1.00 23.44 ? 158  ARG A CG   1 
ATOM   1269 C  CD   . ARG A 1 158 ? 8.961   -8.388  -11.744 1.00 22.67 ? 158  ARG A CD   1 
ATOM   1270 N  NE   . ARG A 1 158 ? 8.414   -8.379  -10.392 1.00 21.26 ? 158  ARG A NE   1 
ATOM   1271 C  CZ   . ARG A 1 158 ? 9.063   -8.760  -9.292  1.00 33.16 ? 158  ARG A CZ   1 
ATOM   1272 N  NH1  . ARG A 1 158 ? 10.325  -9.174  -9.363  1.00 16.73 ? 158  ARG A NH1  1 
ATOM   1273 N  NH2  . ARG A 1 158 ? 8.460   -8.722  -8.113  1.00 20.46 ? 158  ARG A NH2  1 
ATOM   1274 N  N    . ARG A 1 159 ? 11.922  -4.946  -13.836 1.00 11.21 ? 159  ARG A N    1 
ATOM   1275 C  CA   . ARG A 1 159 ? 12.698  -5.023  -15.059 1.00 13.58 ? 159  ARG A CA   1 
ATOM   1276 C  C    . ARG A 1 159 ? 12.401  -6.306  -15.845 1.00 11.53 ? 159  ARG A C    1 
ATOM   1277 O  O    . ARG A 1 159 ? 12.295  -6.212  -17.080 1.00 14.87 ? 159  ARG A O    1 
ATOM   1278 C  CB   . ARG A 1 159 ? 14.200  -4.877  -14.757 1.00 11.73 ? 159  ARG A CB   1 
ATOM   1279 C  CG   . ARG A 1 159 ? 14.600  -3.475  -14.325 1.00 16.35 ? 159  ARG A CG   1 
ATOM   1280 C  CD   . ARG A 1 159 ? 16.099  -3.428  -14.063 1.00 24.30 ? 159  ARG A CD   1 
ATOM   1281 N  NE   . ARG A 1 159 ? 16.554  -2.120  -13.585 1.00 30.31 ? 159  ARG A NE   1 
ATOM   1282 C  CZ   . ARG A 1 159 ? 16.773  -1.068  -14.368 1.00 43.08 ? 159  ARG A CZ   1 
ATOM   1283 N  NH1  . ARG A 1 159 ? 16.538  -1.142  -15.673 1.00 25.54 ? 159  ARG A NH1  1 
ATOM   1284 N  NH2  . ARG A 1 159 ? 17.204  0.073   -13.850 1.00 42.27 ? 159  ARG A NH2  1 
ATOM   1285 O  OXT  . ARG A 1 159 ? 12.167  -7.357  -15.223 1.00 14.49 ? 159  ARG A OXT  1 
HETATM 1286 P  PA   . NDP B 2 .   ? -1.949  -6.819  7.630   1.00 19.00 ? 1160 NDP A PA   1 
HETATM 1287 O  O1A  . NDP B 2 .   ? -2.819  -5.608  7.380   1.00 5.96  ? 1160 NDP A O1A  1 
HETATM 1288 O  O2A  . NDP B 2 .   ? -0.906  -7.254  6.618   1.00 9.22  ? 1160 NDP A O2A  1 
HETATM 1289 O  O5B  . NDP B 2 .   ? -2.967  -8.050  7.896   1.00 24.44 ? 1160 NDP A O5B  1 
HETATM 1290 C  C5B  . NDP B 2 .   ? -2.518  -9.405  7.929   1.00 13.83 ? 1160 NDP A C5B  1 
HETATM 1291 C  C4B  . NDP B 2 .   ? -3.735  -10.283 8.172   1.00 21.62 ? 1160 NDP A C4B  1 
HETATM 1292 O  O4B  . NDP B 2 .   ? -4.452  -10.483 6.953   1.00 15.32 ? 1160 NDP A O4B  1 
HETATM 1293 C  C3B  . NDP B 2 .   ? -3.430  -11.673 8.713   1.00 50.29 ? 1160 NDP A C3B  1 
HETATM 1294 O  O3B  . NDP B 2 .   ? -3.375  -11.687 10.149  1.00 19.22 ? 1160 NDP A O3B  1 
HETATM 1295 C  C2B  . NDP B 2 .   ? -4.577  -12.506 8.142   1.00 21.58 ? 1160 NDP A C2B  1 
HETATM 1296 O  O2B  . NDP B 2 .   ? -5.796  -12.299 8.881   1.00 15.57 ? 1160 NDP A O2B  1 
HETATM 1297 C  C1B  . NDP B 2 .   ? -4.776  -11.862 6.782   1.00 23.18 ? 1160 NDP A C1B  1 
HETATM 1298 N  N9A  . NDP B 2 .   ? -3.901  -12.473 5.748   1.00 19.40 ? 1160 NDP A N9A  1 
HETATM 1299 C  C8A  . NDP B 2 .   ? -2.739  -11.991 5.285   1.00 21.75 ? 1160 NDP A C8A  1 
HETATM 1300 N  N7A  . NDP B 2 .   ? -2.281  -12.826 4.328   1.00 15.23 ? 1160 NDP A N7A  1 
HETATM 1301 C  C5A  . NDP B 2 .   ? -3.185  -13.824 4.173   1.00 17.89 ? 1160 NDP A C5A  1 
HETATM 1302 C  C6A  . NDP B 2 .   ? -3.290  -14.946 3.343   1.00 27.30 ? 1160 NDP A C6A  1 
HETATM 1303 N  N6A  . NDP B 2 .   ? -2.340  -15.242 2.425   1.00 14.80 ? 1160 NDP A N6A  1 
HETATM 1304 N  N1A  . NDP B 2 .   ? -4.356  -15.776 3.472   1.00 19.44 ? 1160 NDP A N1A  1 
HETATM 1305 C  C2A  . NDP B 2 .   ? -5.313  -15.538 4.378   1.00 18.09 ? 1160 NDP A C2A  1 
HETATM 1306 N  N3A  . NDP B 2 .   ? -5.256  -14.452 5.157   1.00 18.71 ? 1160 NDP A N3A  1 
HETATM 1307 C  C4A  . NDP B 2 .   ? -4.184  -13.607 5.104   1.00 20.75 ? 1160 NDP A C4A  1 
HETATM 1308 O  O3   . NDP B 2 .   ? -1.229  -6.722  9.087   1.00 17.73 ? 1160 NDP A O3   1 
HETATM 1309 P  PN   . NDP B 2 .   ? 0.261   -6.174  9.421   1.00 29.70 ? 1160 NDP A PN   1 
HETATM 1310 O  O1N  . NDP B 2 .   ? 1.304   -6.919  8.621   1.00 25.80 ? 1160 NDP A O1N  1 
HETATM 1311 O  O2N  . NDP B 2 .   ? 0.372   -6.157  10.928  1.00 27.71 ? 1160 NDP A O2N  1 
HETATM 1312 O  O5D  . NDP B 2 .   ? 0.213   -4.648  8.907   1.00 52.60 ? 1160 NDP A O5D  1 
HETATM 1313 P  P2B  . NDP B 2 .   ? -6.281  -13.468 9.877   1.00 27.73 ? 1160 NDP A P2B  1 
HETATM 1314 O  O1X  . NDP B 2 .   ? -5.894  -14.724 9.146   1.00 16.79 ? 1160 NDP A O1X  1 
HETATM 1315 O  O2X  . NDP B 2 .   ? -7.767  -13.245 9.983   1.00 34.07 ? 1160 NDP A O2X  1 
HETATM 1316 O  O3X  . NDP B 2 .   ? -5.481  -13.202 11.138  1.00 34.89 ? 1160 NDP A O3X  1 
HETATM 1317 C  C1   . JZM C 3 .   ? -1.400  6.212   2.347   1.00 61.43 ? 1162 JZM A C1   1 
HETATM 1318 C  C2   . JZM C 3 .   ? -1.646  4.779   2.363   1.00 61.39 ? 1162 JZM A C2   1 
HETATM 1319 C  C3   . JZM C 3 .   ? -0.720  4.009   1.525   1.00 61.52 ? 1162 JZM A C3   1 
HETATM 1320 N  N4   . JZM C 3 .   ? 0.212   4.677   0.832   1.00 61.60 ? 1162 JZM A N4   1 
HETATM 1321 C  C5   . JZM C 3 .   ? 0.357   6.037   0.873   1.00 61.98 ? 1162 JZM A C5   1 
HETATM 1322 N  N6   . JZM C 3 .   ? -0.445  6.769   1.647   1.00 61.87 ? 1162 JZM A N6   1 
HETATM 1323 N  N7   . JZM C 3 .   ? -0.708  2.658   1.317   1.00 61.12 ? 1162 JZM A N7   1 
HETATM 1324 C  C8   . JZM C 3 .   ? -2.153  7.082   3.056   1.00 61.36 ? 1162 JZM A C8   1 
HETATM 1325 C  C9   . JZM C 3 .   ? -3.227  6.623   3.822   1.00 61.11 ? 1162 JZM A C9   1 
HETATM 1326 C  C12  . JZM C 3 .   ? -3.514  5.285   3.891   1.00 60.81 ? 1162 JZM A C12  1 
HETATM 1327 C  C13  . JZM C 3 .   ? -2.779  4.323   3.193   1.00 60.83 ? 1162 JZM A C13  1 
HETATM 1328 N  N14  . JZM C 3 .   ? 1.268   6.676   0.176   1.00 62.09 ? 1162 JZM A N14  1 
HETATM 1329 S  S20  . JZM C 3 .   ? -3.473  2.812   3.512   1.00 60.14 ? 1162 JZM A S20  1 
HETATM 1330 C  C22  . JZM C 3 .   ? -2.109  1.810   3.981   1.00 58.78 ? 1162 JZM A C22  1 
HETATM 1331 C  C23  . JZM C 3 .   ? -1.161  2.119   4.999   1.00 57.95 ? 1162 JZM A C23  1 
HETATM 1332 C  C24  . JZM C 3 .   ? -0.061  1.283   5.325   1.00 56.92 ? 1162 JZM A C24  1 
HETATM 1333 C  C25  . JZM C 3 .   ? 0.114   0.079   4.588   1.00 56.04 ? 1162 JZM A C25  1 
HETATM 1334 CL CL25 . JZM C 3 .   ? 1.351   -1.128  4.786   1.00 53.64 ? 1162 JZM A CL25 1 
HETATM 1335 C  C26  . JZM C 3 .   ? -0.763  -0.212  3.600   1.00 57.20 ? 1162 JZM A C26  1 
HETATM 1336 C  C27  . JZM C 3 .   ? -1.854  0.586   3.300   1.00 57.97 ? 1162 JZM A C27  1 
HETATM 1337 CA CA   . CA  D 4 .   ? 11.912  14.967  9.036   1.00 26.29 2 1163 CA  A CA   1 
HETATM 1338 CA CA   . CA  E 4 .   ? -17.402 7.065   -5.758  1.00 55.93 2 1164 CA  A CA   1 
HETATM 1339 CA CA   . CA  F 4 .   ? 11.076  -12.079 -7.500  1.00 89.95 2 1165 CA  A CA   1 
HETATM 1340 O  O    . HOH G 5 .   ? 2.870   9.885   -11.330 1.00 21.18 ? 160  HOH A O    1 
HETATM 1341 O  O    . HOH G 5 .   ? 9.964   -9.990  -5.917  1.00 23.62 ? 161  HOH A O    1 
HETATM 1342 O  O    . HOH G 5 .   ? 0.638   8.331   -10.898 1.00 27.22 ? 162  HOH A O    1 
HETATM 1343 O  O    . HOH G 5 .   ? 7.128   -6.173  9.057   1.00 20.82 ? 163  HOH A O    1 
HETATM 1344 O  O    . HOH G 5 .   ? -1.444  5.395   -13.618 1.00 25.61 ? 164  HOH A O    1 
HETATM 1345 O  O    . HOH G 5 .   ? -4.404  4.552   -13.887 1.00 39.57 ? 165  HOH A O    1 
HETATM 1346 O  O    . HOH G 5 .   ? 12.173  -7.805  -5.273  1.00 5.50  ? 166  HOH A O    1 
HETATM 1347 O  O    . HOH G 5 .   ? -2.708  -18.195 -3.091  1.00 15.93 ? 167  HOH A O    1 
HETATM 1348 O  O    . HOH G 5 .   ? -17.478 -11.845 0.896   1.00 10.72 ? 168  HOH A O    1 
HETATM 1349 O  O    . HOH G 5 .   ? -13.010 -1.024  -8.229  1.00 10.61 ? 169  HOH A O    1 
HETATM 1350 O  O    . HOH G 5 .   ? 12.972  -0.306  12.490  1.00 27.99 ? 170  HOH A O    1 
HETATM 1351 O  O    . HOH G 5 .   ? -11.985 -14.193 4.798   1.00 9.92  ? 171  HOH A O    1 
HETATM 1352 O  O    . HOH G 5 .   ? 12.331  11.753  0.533   1.00 13.20 ? 172  HOH A O    1 
HETATM 1353 O  O    . HOH G 5 .   ? -12.977 -1.592  9.076   1.00 22.52 ? 173  HOH A O    1 
HETATM 1354 O  O    . HOH G 5 .   ? 11.987  -9.805  -11.459 1.00 21.79 ? 174  HOH A O    1 
HETATM 1355 O  O    . HOH G 5 .   ? 3.130   5.821   -2.313  1.00 13.32 ? 175  HOH A O    1 
HETATM 1356 O  O    . HOH G 5 .   ? -7.767  -1.289  -12.534 1.00 12.19 ? 176  HOH A O    1 
HETATM 1357 O  O    . HOH G 5 .   ? -7.721  -10.798 -11.687 1.00 18.35 ? 177  HOH A O    1 
HETATM 1358 O  O    . HOH G 5 .   ? 12.094  5.048   10.958  1.00 15.48 ? 178  HOH A O    1 
HETATM 1359 O  O    . HOH G 5 .   ? 9.620   -8.479  -15.120 1.00 15.59 ? 179  HOH A O    1 
HETATM 1360 O  O    . HOH G 5 .   ? -13.652 -15.594 3.140   1.00 15.71 ? 180  HOH A O    1 
HETATM 1361 O  O    . HOH G 5 .   ? 4.298   21.121  9.169   1.00 30.19 ? 181  HOH A O    1 
HETATM 1362 O  O    . HOH G 5 .   ? -17.388 -5.908  -2.099  1.00 26.01 ? 182  HOH A O    1 
HETATM 1363 O  O    . HOH G 5 .   ? -25.776 -8.840  5.033   1.00 27.81 ? 183  HOH A O    1 
HETATM 1364 O  O    . HOH G 5 .   ? 15.186  2.038   17.485  1.00 23.39 ? 184  HOH A O    1 
HETATM 1365 O  O    . HOH G 5 .   ? -8.971  3.346   -12.921 1.00 20.32 ? 185  HOH A O    1 
HETATM 1366 O  O    . HOH G 5 .   ? -0.145  14.950  -3.312  1.00 17.93 ? 186  HOH A O    1 
HETATM 1367 O  O    . HOH G 5 .   ? 13.352  -0.821  15.764  1.00 27.89 ? 187  HOH A O    1 
HETATM 1368 O  O    . HOH G 5 .   ? -19.844 -6.173  -1.019  1.00 23.87 ? 188  HOH A O    1 
HETATM 1369 O  O    . HOH G 5 .   ? 17.366  -5.520  -0.520  1.00 19.46 ? 189  HOH A O    1 
HETATM 1370 O  O    . HOH G 5 .   ? 16.287  -0.989  3.648   1.00 29.70 ? 190  HOH A O    1 
HETATM 1371 O  O    . HOH G 5 .   ? 15.705  0.138   -7.982  1.00 24.70 ? 191  HOH A O    1 
HETATM 1372 O  O    . HOH G 5 .   ? 8.825   -12.731 -8.492  1.00 29.12 ? 192  HOH A O    1 
HETATM 1373 O  O    . HOH G 5 .   ? -8.824  -19.210 -1.196  1.00 18.59 ? 193  HOH A O    1 
HETATM 1374 O  O    . HOH G 5 .   ? 12.606  7.358   4.018   1.00 21.63 ? 194  HOH A O    1 
HETATM 1375 O  O    . HOH G 5 .   ? -6.000  -15.937 -9.392  1.00 14.46 ? 195  HOH A O    1 
HETATM 1376 O  O    . HOH G 5 .   ? -18.985 -10.678 5.508   1.00 22.49 ? 196  HOH A O    1 
HETATM 1377 O  O    . HOH G 5 .   ? 15.315  -2.740  -0.476  1.00 32.03 ? 197  HOH A O    1 
HETATM 1378 O  O    . HOH G 5 .   ? -12.291 -12.546 9.257   1.00 22.07 ? 198  HOH A O    1 
HETATM 1379 O  O    . HOH G 5 .   ? 20.507  -1.302  -8.911  1.00 24.58 ? 199  HOH A O    1 
HETATM 1380 O  O    . HOH G 5 .   ? -8.161  11.689  -6.366  1.00 20.54 ? 200  HOH A O    1 
HETATM 1381 O  O    . HOH G 5 .   ? -0.303  19.363  0.974   1.00 27.51 ? 201  HOH A O    1 
HETATM 1382 O  O    . HOH G 5 .   ? -0.808  2.245   -13.794 1.00 20.46 ? 202  HOH A O    1 
HETATM 1383 O  O    . HOH G 5 .   ? 21.045  -8.605  -8.067  1.00 24.47 ? 203  HOH A O    1 
HETATM 1384 O  O    . HOH G 5 .   ? -7.754  5.776   -12.143 1.00 28.56 ? 204  HOH A O    1 
HETATM 1385 O  O    . HOH G 5 .   ? -16.570 -4.490  10.369  1.00 17.35 ? 205  HOH A O    1 
HETATM 1386 O  O    . HOH G 5 .   ? -5.961  -2.915  13.224  1.00 22.36 ? 206  HOH A O    1 
HETATM 1387 O  O    . HOH G 5 .   ? -7.034  1.068   -13.846 1.00 14.15 ? 207  HOH A O    1 
HETATM 1388 O  O    . HOH G 5 .   ? -18.934 -9.705  1.310   1.00 29.26 ? 208  HOH A O    1 
HETATM 1389 O  O    . HOH G 5 .   ? 10.732  16.788  9.911   1.00 14.18 ? 209  HOH A O    1 
HETATM 1390 O  O    . HOH G 5 .   ? -18.124 -13.020 3.305   1.00 19.50 ? 210  HOH A O    1 
HETATM 1391 O  O    . HOH G 5 .   ? 17.513  -0.986  -11.164 1.00 34.28 ? 211  HOH A O    1 
HETATM 1392 O  O    . HOH G 5 .   ? 12.401  15.539  -7.592  1.00 30.63 ? 212  HOH A O    1 
HETATM 1393 O  O    . HOH G 5 .   ? -10.042 7.809   -11.300 1.00 29.07 ? 213  HOH A O    1 
HETATM 1394 O  O    . HOH G 5 .   ? -15.914 -15.260 4.383   1.00 24.45 ? 214  HOH A O    1 
HETATM 1395 O  O    . HOH G 5 .   ? -11.898 -7.540  10.685  1.00 34.41 ? 215  HOH A O    1 
HETATM 1396 O  O    . HOH G 5 .   ? -14.920 -6.708  9.909   1.00 19.63 ? 216  HOH A O    1 
HETATM 1397 O  O    . HOH G 5 .   ? -10.429 -0.745  -12.348 1.00 20.27 ? 217  HOH A O    1 
HETATM 1398 O  O    . HOH G 5 .   ? 15.378  4.021   -6.215  1.00 35.04 ? 218  HOH A O    1 
HETATM 1399 O  O    . HOH G 5 .   ? -13.434 -9.915  -15.126 1.00 33.41 ? 219  HOH A O    1 
HETATM 1400 O  O    . HOH G 5 .   ? 17.643  1.188   -16.493 1.00 22.46 ? 220  HOH A O    1 
HETATM 1401 O  O    . HOH G 5 .   ? 9.116   7.448   17.009  1.00 26.51 ? 221  HOH A O    1 
HETATM 1402 O  O    . HOH G 5 .   ? 14.342  14.270  8.155   1.00 20.21 ? 222  HOH A O    1 
HETATM 1403 O  O    . HOH G 5 .   ? -6.386  -19.143 4.768   1.00 24.23 ? 223  HOH A O    1 
HETATM 1404 O  O    . HOH G 5 .   ? -19.651 -1.736  0.058   1.00 24.96 ? 224  HOH A O    1 
HETATM 1405 O  O    . HOH G 5 .   ? -3.479  19.987  5.245   1.00 33.66 ? 225  HOH A O    1 
HETATM 1406 O  O    . HOH G 5 .   ? 11.823  5.530   2.578   1.00 22.13 ? 226  HOH A O    1 
HETATM 1407 O  O    . HOH G 5 .   ? -6.279  -5.352  14.101  1.00 31.15 ? 227  HOH A O    1 
HETATM 1408 O  O    . HOH G 5 .   ? -4.551  -11.765 15.040  1.00 51.66 ? 228  HOH A O    1 
HETATM 1409 O  O    . HOH G 5 .   ? 21.304  -5.274  -4.546  1.00 15.92 ? 229  HOH A O    1 
HETATM 1410 O  O    . HOH G 5 .   ? 4.620   26.355  3.687   1.00 37.46 ? 230  HOH A O    1 
HETATM 1411 O  O    . HOH G 5 .   ? -11.399 6.782   -13.558 1.00 32.73 ? 231  HOH A O    1 
HETATM 1412 O  O    . HOH G 5 .   ? 20.977  -9.392  -5.550  1.00 32.64 ? 232  HOH A O    1 
HETATM 1413 O  O    . HOH G 5 .   ? -7.167  2.042   -16.326 1.00 27.75 ? 233  HOH A O    1 
HETATM 1414 O  O    . HOH G 5 .   ? -1.846  -11.509 13.263  1.00 23.75 ? 234  HOH A O    1 
HETATM 1415 O  O    . HOH G 5 .   ? -4.773  15.318  1.193   1.00 27.02 ? 235  HOH A O    1 
HETATM 1416 O  O    . HOH G 5 .   ? -16.235 -3.536  -2.007  1.00 19.30 ? 236  HOH A O    1 
HETATM 1417 O  O    . HOH G 5 .   ? -14.170 -18.593 -3.011  1.00 22.22 ? 237  HOH A O    1 
HETATM 1418 O  O    . HOH G 5 .   ? -4.562  -15.661 12.532  1.00 30.06 ? 238  HOH A O    1 
HETATM 1419 O  O    . HOH G 5 .   ? 12.976  3.311   3.569   1.00 23.03 ? 239  HOH A O    1 
HETATM 1420 O  O    . HOH G 5 .   ? 14.261  -0.435  -18.907 1.00 32.52 ? 240  HOH A O    1 
HETATM 1421 O  O    . HOH G 5 .   ? 16.395  -9.571  3.769   1.00 26.27 ? 241  HOH A O    1 
HETATM 1422 O  O    . HOH G 5 .   ? -16.553 -1.554  -0.530  1.00 41.35 ? 242  HOH A O    1 
HETATM 1423 O  O    . HOH G 5 .   ? -17.390 3.756   2.068   1.00 22.27 ? 243  HOH A O    1 
HETATM 1424 O  O    . HOH G 5 .   ? 10.481  -6.277  6.567   1.00 28.19 ? 244  HOH A O    1 
HETATM 1425 O  O    . HOH G 5 .   ? -18.087 -9.706  -2.700  1.00 33.35 ? 245  HOH A O    1 
HETATM 1426 O  O    . HOH G 5 .   ? 11.374  -8.601  3.255   1.00 28.53 ? 246  HOH A O    1 
HETATM 1427 O  O    . HOH G 5 .   ? -10.697 4.471   -14.791 1.00 30.66 ? 247  HOH A O    1 
HETATM 1428 O  O    . HOH G 5 .   ? -8.153  -20.932 0.853   1.00 20.87 ? 248  HOH A O    1 
HETATM 1429 O  O    . HOH G 5 .   ? -20.758 0.529   1.663   1.00 24.15 ? 249  HOH A O    1 
HETATM 1430 O  O    . HOH G 5 .   ? -9.610  5.409   5.123   1.00 27.57 ? 250  HOH A O    1 
HETATM 1431 O  O    . HOH G 5 .   ? 13.562  -3.238  -17.893 1.00 15.23 ? 251  HOH A O    1 
HETATM 1432 O  O    . HOH G 5 .   ? 9.525   -10.299 2.100   1.00 34.63 ? 252  HOH A O    1 
HETATM 1433 O  O    . HOH G 5 .   ? 13.280  -7.916  -12.650 1.00 12.89 ? 253  HOH A O    1 
HETATM 1434 O  O    . HOH G 5 .   ? -15.658 -13.204 -1.207  1.00 19.97 ? 254  HOH A O    1 
HETATM 1435 O  O    . HOH G 5 .   ? 13.345  9.230   2.156   1.00 23.24 ? 255  HOH A O    1 
HETATM 1436 O  O    . HOH G 5 .   ? -13.110 -10.381 10.595  1.00 28.40 ? 256  HOH A O    1 
HETATM 1437 O  O    . HOH G 5 .   ? -8.299  7.538   -0.157  1.00 18.98 ? 257  HOH A O    1 
HETATM 1438 O  O    . HOH G 5 .   ? 7.126   -6.545  5.000   1.00 45.80 ? 258  HOH A O    1 
HETATM 1439 O  O    . HOH G 5 .   ? -2.209  -14.732 11.649  1.00 45.72 ? 259  HOH A O    1 
HETATM 1440 O  O    . HOH G 5 .   ? -13.623 -6.935  -12.451 1.00 24.27 ? 260  HOH A O    1 
HETATM 1441 O  O    . HOH G 5 .   ? 14.419  16.397  5.435   1.00 26.30 ? 261  HOH A O    1 
HETATM 1442 O  O    . HOH G 5 .   ? 0.576   9.172   4.984   1.00 22.98 ? 262  HOH A O    1 
HETATM 1443 O  O    . HOH G 5 .   ? -10.845 1.810   12.954  1.00 29.55 ? 263  HOH A O    1 
HETATM 1444 O  O    . HOH G 5 .   ? 12.563  -9.510  -7.118  1.00 33.37 ? 264  HOH A O    1 
HETATM 1445 O  O    . HOH G 5 .   ? 15.223  6.977   4.292   1.00 32.02 ? 265  HOH A O    1 
HETATM 1446 O  O    . HOH G 5 .   ? -12.875 -10.884 13.433  1.00 24.83 ? 266  HOH A O    1 
HETATM 1447 O  O    . HOH G 5 .   ? -6.823  6.044   -9.898  1.00 37.11 ? 267  HOH A O    1 
HETATM 1448 O  O    . HOH G 5 .   ? 7.960   16.632  11.789  1.00 35.14 ? 268  HOH A O    1 
HETATM 1449 O  O    . HOH G 5 .   ? 13.314  -12.675 -5.607  1.00 31.95 ? 269  HOH A O    1 
HETATM 1450 O  O    . HOH G 5 .   ? 13.327  1.721   0.303   1.00 20.72 ? 270  HOH A O    1 
HETATM 1451 O  O    . HOH G 5 .   ? 15.690  4.851   -13.514 1.00 32.75 ? 271  HOH A O    1 
HETATM 1452 O  O    . HOH G 5 .   ? 13.138  2.488   21.847  1.00 29.02 ? 272  HOH A O    1 
HETATM 1453 O  O    . HOH G 5 .   ? -8.463  -4.841  -18.001 1.00 30.39 ? 273  HOH A O    1 
HETATM 1454 O  O    . HOH G 5 .   ? 1.839   20.325  9.649   1.00 59.41 ? 274  HOH A O    1 
HETATM 1455 O  O    . HOH G 5 .   ? 6.883   -6.762  11.761  1.00 22.97 ? 275  HOH A O    1 
HETATM 1456 O  O    . HOH G 5 .   ? 9.281   -0.029  -17.472 1.00 36.49 ? 276  HOH A O    1 
HETATM 1457 O  O    . HOH G 5 .   ? 15.539  0.273   11.923  1.00 38.32 ? 277  HOH A O    1 
HETATM 1458 O  O    . HOH G 5 .   ? 19.463  -6.488  3.404   1.00 26.61 ? 278  HOH A O    1 
HETATM 1459 O  O    . HOH G 5 .   ? 13.827  2.984   -4.128  1.00 24.49 ? 279  HOH A O    1 
HETATM 1460 O  O    . HOH G 5 .   ? -2.244  17.861  -0.216  1.00 40.81 ? 280  HOH A O    1 
HETATM 1461 O  O    . HOH G 5 .   ? -9.116  -13.751 12.184  1.00 21.65 ? 281  HOH A O    1 
HETATM 1462 O  O    . HOH G 5 .   ? 16.542  2.542   -12.435 1.00 28.84 ? 282  HOH A O    1 
HETATM 1463 O  O    . HOH G 5 .   ? -0.166  10.234  7.217   1.00 34.29 ? 283  HOH A O    1 
HETATM 1464 O  O    . HOH G 5 .   ? -13.626 -7.873  -18.934 1.00 35.26 ? 284  HOH A O    1 
HETATM 1465 O  O    . HOH G 5 .   ? -8.390  -20.376 5.898   1.00 28.63 ? 285  HOH A O    1 
HETATM 1466 O  O    . HOH G 5 .   ? -24.377 -12.442 5.250   1.00 47.01 ? 286  HOH A O    1 
HETATM 1467 O  O    . HOH G 5 .   ? 2.606   17.574  -3.032  1.00 34.26 ? 287  HOH A O    1 
HETATM 1468 O  O    . HOH G 5 .   ? 16.118  4.582   5.175   1.00 41.75 ? 288  HOH A O    1 
HETATM 1469 O  O    . HOH G 5 .   ? 0.734   6.409   -12.799 1.00 31.63 ? 289  HOH A O    1 
HETATM 1470 O  O    . HOH G 5 .   ? 15.389  1.275   -5.569  1.00 21.80 ? 290  HOH A O    1 
HETATM 1471 O  O    . HOH G 5 .   ? 12.857  2.052   13.772  1.00 27.40 ? 291  HOH A O    1 
HETATM 1472 O  O    . HOH G 5 .   ? -6.013  -20.243 -3.503  1.00 20.55 ? 292  HOH A O    1 
HETATM 1473 O  O    . HOH G 5 .   ? 18.555  -9.215  -8.968  1.00 30.18 ? 293  HOH A O    1 
HETATM 1474 O  O    . HOH G 5 .   ? 14.216  18.907  3.164   1.00 35.55 ? 294  HOH A O    1 
HETATM 1475 O  O    . HOH G 5 .   ? -7.704  -19.805 -5.662  1.00 28.23 ? 295  HOH A O    1 
# 
loop_
_pdbx_poly_seq_scheme.asym_id 
_pdbx_poly_seq_scheme.entity_id 
_pdbx_poly_seq_scheme.seq_id 
_pdbx_poly_seq_scheme.mon_id 
_pdbx_poly_seq_scheme.ndb_seq_num 
_pdbx_poly_seq_scheme.pdb_seq_num 
_pdbx_poly_seq_scheme.auth_seq_num 
_pdbx_poly_seq_scheme.pdb_mon_id 
_pdbx_poly_seq_scheme.auth_mon_id 
_pdbx_poly_seq_scheme.pdb_strand_id 
_pdbx_poly_seq_scheme.pdb_ins_code 
_pdbx_poly_seq_scheme.hetero 
A 1 1   MET 1   1   1   MET MET A . n 
A 1 2   ILE 2   2   2   ILE ILE A . n 
A 1 3   SER 3   3   3   SER SER A . n 
A 1 4   LEU 4   4   4   LEU LEU A . n 
A 1 5   ILE 5   5   5   ILE ILE A . n 
A 1 6   ALA 6   6   6   ALA ALA A . n 
A 1 7   ALA 7   7   7   ALA ALA A . n 
A 1 8   LEU 8   8   8   LEU LEU A . n 
A 1 9   ALA 9   9   9   ALA ALA A . n 
A 1 10  VAL 10  10  10  VAL VAL A . n 
A 1 11  ASP 11  11  11  ASP ASP A . n 
A 1 12  ARG 12  12  12  ARG ARG A . n 
A 1 13  VAL 13  13  13  VAL VAL A . n 
A 1 14  ILE 14  14  14  ILE ILE A . n 
A 1 15  GLY 15  15  15  GLY GLY A . n 
A 1 16  MET 16  16  16  MET MET A . n 
A 1 17  GLU 17  17  17  GLU GLU A . n 
A 1 18  ASN 18  18  18  ASN ASN A . n 
A 1 19  ALA 19  19  19  ALA ALA A . n 
A 1 20  MET 20  20  20  MET MET A . n 
A 1 21  PRO 21  21  21  PRO PRO A . n 
A 1 22  TRP 22  22  22  TRP TRP A . n 
A 1 23  ASN 23  23  23  ASN ASN A . n 
A 1 24  LEU 24  24  24  LEU LEU A . n 
A 1 25  PRO 25  25  25  PRO PRO A . n 
A 1 26  ALA 26  26  26  ALA ALA A . n 
A 1 27  ASP 27  27  27  ASP ASP A . n 
A 1 28  LEU 28  28  28  LEU LEU A . n 
A 1 29  ALA 29  29  29  ALA ALA A . n 
A 1 30  TRP 30  30  30  TRP TRP A . n 
A 1 31  PHE 31  31  31  PHE PHE A . n 
A 1 32  LYS 32  32  32  LYS LYS A . n 
A 1 33  ARG 33  33  33  ARG ARG A . n 
A 1 34  ASN 34  34  34  ASN ASN A . n 
A 1 35  THR 35  35  35  THR THR A . n 
A 1 36  LEU 36  36  36  LEU LEU A . n 
A 1 37  ASP 37  37  37  ASP ASP A . n 
A 1 38  LYS 38  38  38  LYS LYS A . n 
A 1 39  PRO 39  39  39  PRO PRO A . n 
A 1 40  VAL 40  40  40  VAL VAL A . n 
A 1 41  ILE 41  41  41  ILE ILE A . n 
A 1 42  MET 42  42  42  MET MET A . n 
A 1 43  GLY 43  43  43  GLY GLY A . n 
A 1 44  ARG 44  44  44  ARG ARG A . n 
A 1 45  HIS 45  45  45  HIS HIS A . n 
A 1 46  THR 46  46  46  THR THR A . n 
A 1 47  TRP 47  47  47  TRP TRP A . n 
A 1 48  GLU 48  48  48  GLU GLU A . n 
A 1 49  SER 49  49  49  SER SER A . n 
A 1 50  ILE 50  50  50  ILE ILE A . n 
A 1 51  GLY 51  51  51  GLY GLY A . n 
A 1 52  ARG 52  52  52  ARG ARG A . n 
A 1 53  PRO 53  53  53  PRO PRO A . n 
A 1 54  LEU 54  54  54  LEU LEU A . n 
A 1 55  PRO 55  55  55  PRO PRO A . n 
A 1 56  GLY 56  56  56  GLY GLY A . n 
A 1 57  ARG 57  57  57  ARG ARG A . n 
A 1 58  LYS 58  58  58  LYS LYS A . n 
A 1 59  ASN 59  59  59  ASN ASN A . n 
A 1 60  ILE 60  60  60  ILE ILE A . n 
A 1 61  ILE 61  61  61  ILE ILE A . n 
A 1 62  LEU 62  62  62  LEU LEU A . n 
A 1 63  SER 63  63  63  SER SER A . n 
A 1 64  SER 64  64  64  SER SER A . n 
A 1 65  GLN 65  65  65  GLN GLN A . n 
A 1 66  PRO 66  66  66  PRO PRO A . n 
A 1 67  GLY 67  67  67  GLY GLY A . n 
A 1 68  THR 68  68  68  THR THR A . n 
A 1 69  ASP 69  69  69  ASP ASP A . n 
A 1 70  ASP 70  70  70  ASP ASP A . n 
A 1 71  ARG 71  71  71  ARG ARG A . n 
A 1 72  VAL 72  72  72  VAL VAL A . n 
A 1 73  THR 73  73  73  THR THR A . n 
A 1 74  TRP 74  74  74  TRP TRP A . n 
A 1 75  VAL 75  75  75  VAL VAL A . n 
A 1 76  LYS 76  76  76  LYS LYS A . n 
A 1 77  SER 77  77  77  SER SER A . n 
A 1 78  VAL 78  78  78  VAL VAL A . n 
A 1 79  ASP 79  79  79  ASP ASP A . n 
A 1 80  GLU 80  80  80  GLU GLU A . n 
A 1 81  ALA 81  81  81  ALA ALA A . n 
A 1 82  ILE 82  82  82  ILE ILE A . n 
A 1 83  ALA 83  83  83  ALA ALA A . n 
A 1 84  ALA 84  84  84  ALA ALA A . n 
A 1 85  CYS 85  85  85  CYS CYS A . n 
A 1 86  GLY 86  86  86  GLY GLY A . n 
A 1 87  ASP 87  87  87  ASP ASP A . n 
A 1 88  VAL 88  88  88  VAL VAL A . n 
A 1 89  PRO 89  89  89  PRO PRO A . n 
A 1 90  GLU 90  90  90  GLU GLU A . n 
A 1 91  ILE 91  91  91  ILE ILE A . n 
A 1 92  MET 92  92  92  MET MET A . n 
A 1 93  VAL 93  93  93  VAL VAL A . n 
A 1 94  ILE 94  94  94  ILE ILE A . n 
A 1 95  GLY 95  95  95  GLY GLY A . n 
A 1 96  GLY 96  96  96  GLY GLY A . n 
A 1 97  GLY 97  97  97  GLY GLY A . n 
A 1 98  ARG 98  98  98  ARG ARG A . n 
A 1 99  VAL 99  99  99  VAL VAL A . n 
A 1 100 TYR 100 100 100 TYR TYR A . n 
A 1 101 GLU 101 101 101 GLU GLU A . n 
A 1 102 GLN 102 102 102 GLN GLN A . n 
A 1 103 PHE 103 103 103 PHE PHE A . n 
A 1 104 LEU 104 104 104 LEU LEU A . n 
A 1 105 PRO 105 105 105 PRO PRO A . n 
A 1 106 LYS 106 106 106 LYS LYS A . n 
A 1 107 ALA 107 107 107 ALA ALA A . n 
A 1 108 GLN 108 108 108 GLN GLN A . n 
A 1 109 LYS 109 109 109 LYS LYS A . n 
A 1 110 LEU 110 110 110 LEU LEU A . n 
A 1 111 TYR 111 111 111 TYR TYR A . n 
A 1 112 LEU 112 112 112 LEU LEU A . n 
A 1 113 THR 113 113 113 THR THR A . n 
A 1 114 HIS 114 114 114 HIS HIS A . n 
A 1 115 ILE 115 115 115 ILE ILE A . n 
A 1 116 ASP 116 116 116 ASP ASP A . n 
A 1 117 ALA 117 117 117 ALA ALA A . n 
A 1 118 GLU 118 118 118 GLU GLU A . n 
A 1 119 VAL 119 119 119 VAL VAL A . n 
A 1 120 GLU 120 120 120 GLU GLU A . n 
A 1 121 GLY 121 121 121 GLY GLY A . n 
A 1 122 ASP 122 122 122 ASP ASP A . n 
A 1 123 THR 123 123 123 THR THR A . n 
A 1 124 HIS 124 124 124 HIS HIS A . n 
A 1 125 PHE 125 125 125 PHE PHE A . n 
A 1 126 PRO 126 126 126 PRO PRO A . n 
A 1 127 ASP 127 127 127 ASP ASP A . n 
A 1 128 TYR 128 128 128 TYR TYR A . n 
A 1 129 GLU 129 129 129 GLU GLU A . n 
A 1 130 PRO 130 130 130 PRO PRO A . n 
A 1 131 ASP 131 131 131 ASP ASP A . n 
A 1 132 ASP 132 132 132 ASP ASP A . n 
A 1 133 TRP 133 133 133 TRP TRP A . n 
A 1 134 GLU 134 134 134 GLU GLU A . n 
A 1 135 SER 135 135 135 SER SER A . n 
A 1 136 VAL 136 136 136 VAL VAL A . n 
A 1 137 PHE 137 137 137 PHE PHE A . n 
A 1 138 SER 138 138 138 SER SER A . n 
A 1 139 GLU 139 139 139 GLU GLU A . n 
A 1 140 PHE 140 140 140 PHE PHE A . n 
A 1 141 HIS 141 141 141 HIS HIS A . n 
A 1 142 ASP 142 142 142 ASP ASP A . n 
A 1 143 ALA 143 143 143 ALA ALA A . n 
A 1 144 ASP 144 144 144 ASP ASP A . n 
A 1 145 ALA 145 145 145 ALA ALA A . n 
A 1 146 GLN 146 146 146 GLN GLN A . n 
A 1 147 ASN 147 147 147 ASN ASN A . n 
A 1 148 SER 148 148 148 SER SER A . n 
A 1 149 HIS 149 149 149 HIS HIS A . n 
A 1 150 SER 150 150 150 SER SER A . n 
A 1 151 TYR 151 151 151 TYR TYR A . n 
A 1 152 CYS 152 152 152 CYS CYS A . n 
A 1 153 PHE 153 153 153 PHE PHE A . n 
A 1 154 GLU 154 154 154 GLU GLU A . n 
A 1 155 ILE 155 155 155 ILE ILE A . n 
A 1 156 LEU 156 156 156 LEU LEU A . n 
A 1 157 GLU 157 157 157 GLU GLU A . n 
A 1 158 ARG 158 158 158 ARG ARG A . n 
A 1 159 ARG 159 159 159 ARG ARG A . n 
# 
loop_
_pdbx_nonpoly_scheme.asym_id 
_pdbx_nonpoly_scheme.entity_id 
_pdbx_nonpoly_scheme.mon_id 
_pdbx_nonpoly_scheme.ndb_seq_num 
_pdbx_nonpoly_scheme.pdb_seq_num 
_pdbx_nonpoly_scheme.auth_seq_num 
_pdbx_nonpoly_scheme.pdb_mon_id 
_pdbx_nonpoly_scheme.auth_mon_id 
_pdbx_nonpoly_scheme.pdb_strand_id 
_pdbx_nonpoly_scheme.pdb_ins_code 
B 2 NDP 1   1160 1160 NDP NDP A . 
C 3 JZM 1   1162 1162 JZM JZM A . 
D 4 CA  1   1163 1163 CA  CA  A . 
E 4 CA  1   1164 1164 CA  CA  A . 
F 4 CA  1   1165 1165 CA  CA  A . 
G 5 HOH 1   160  160  HOH HOH A . 
G 5 HOH 2   161  161  HOH HOH A . 
G 5 HOH 3   162  162  HOH HOH A . 
G 5 HOH 4   163  163  HOH HOH A . 
G 5 HOH 5   164  164  HOH HOH A . 
G 5 HOH 6   165  165  HOH HOH A . 
G 5 HOH 7   166  166  HOH HOH A . 
G 5 HOH 8   167  167  HOH HOH A . 
G 5 HOH 9   168  168  HOH HOH A . 
G 5 HOH 10  169  169  HOH HOH A . 
G 5 HOH 11  170  170  HOH HOH A . 
G 5 HOH 12  171  171  HOH HOH A . 
G 5 HOH 13  172  172  HOH HOH A . 
G 5 HOH 14  173  173  HOH HOH A . 
G 5 HOH 15  174  174  HOH HOH A . 
G 5 HOH 16  175  175  HOH HOH A . 
G 5 HOH 17  176  176  HOH HOH A . 
G 5 HOH 18  177  177  HOH HOH A . 
G 5 HOH 19  178  178  HOH HOH A . 
G 5 HOH 20  179  179  HOH HOH A . 
G 5 HOH 21  180  180  HOH HOH A . 
G 5 HOH 22  181  181  HOH HOH A . 
G 5 HOH 23  182  182  HOH HOH A . 
G 5 HOH 24  183  183  HOH HOH A . 
G 5 HOH 25  184  184  HOH HOH A . 
G 5 HOH 26  185  185  HOH HOH A . 
G 5 HOH 27  186  186  HOH HOH A . 
G 5 HOH 28  187  187  HOH HOH A . 
G 5 HOH 29  188  188  HOH HOH A . 
G 5 HOH 30  189  189  HOH HOH A . 
G 5 HOH 31  190  190  HOH HOH A . 
G 5 HOH 32  191  191  HOH HOH A . 
G 5 HOH 33  192  192  HOH HOH A . 
G 5 HOH 34  193  193  HOH HOH A . 
G 5 HOH 35  194  194  HOH HOH A . 
G 5 HOH 36  195  195  HOH HOH A . 
G 5 HOH 37  196  196  HOH HOH A . 
G 5 HOH 38  197  197  HOH HOH A . 
G 5 HOH 39  198  198  HOH HOH A . 
G 5 HOH 40  199  199  HOH HOH A . 
G 5 HOH 41  200  200  HOH HOH A . 
G 5 HOH 42  201  201  HOH HOH A . 
G 5 HOH 43  202  202  HOH HOH A . 
G 5 HOH 44  203  203  HOH HOH A . 
G 5 HOH 45  204  204  HOH HOH A . 
G 5 HOH 46  205  205  HOH HOH A . 
G 5 HOH 47  206  206  HOH HOH A . 
G 5 HOH 48  207  207  HOH HOH A . 
G 5 HOH 49  208  208  HOH HOH A . 
G 5 HOH 50  209  209  HOH HOH A . 
G 5 HOH 51  210  210  HOH HOH A . 
G 5 HOH 52  211  211  HOH HOH A . 
G 5 HOH 53  212  212  HOH HOH A . 
G 5 HOH 54  213  213  HOH HOH A . 
G 5 HOH 55  214  214  HOH HOH A . 
G 5 HOH 56  215  215  HOH HOH A . 
G 5 HOH 57  216  216  HOH HOH A . 
G 5 HOH 58  217  217  HOH HOH A . 
G 5 HOH 59  218  218  HOH HOH A . 
G 5 HOH 60  219  219  HOH HOH A . 
G 5 HOH 61  220  220  HOH HOH A . 
G 5 HOH 62  221  221  HOH HOH A . 
G 5 HOH 63  222  222  HOH HOH A . 
G 5 HOH 64  223  223  HOH HOH A . 
G 5 HOH 65  224  224  HOH HOH A . 
G 5 HOH 66  225  225  HOH HOH A . 
G 5 HOH 67  226  226  HOH HOH A . 
G 5 HOH 68  227  227  HOH HOH A . 
G 5 HOH 69  228  228  HOH HOH A . 
G 5 HOH 70  229  229  HOH HOH A . 
G 5 HOH 71  230  230  HOH HOH A . 
G 5 HOH 72  231  231  HOH HOH A . 
G 5 HOH 73  232  232  HOH HOH A . 
G 5 HOH 74  233  233  HOH HOH A . 
G 5 HOH 75  234  234  HOH HOH A . 
G 5 HOH 76  235  235  HOH HOH A . 
G 5 HOH 77  236  236  HOH HOH A . 
G 5 HOH 78  237  237  HOH HOH A . 
G 5 HOH 79  238  238  HOH HOH A . 
G 5 HOH 80  239  239  HOH HOH A . 
G 5 HOH 81  240  240  HOH HOH A . 
G 5 HOH 82  241  241  HOH HOH A . 
G 5 HOH 83  242  242  HOH HOH A . 
G 5 HOH 84  243  243  HOH HOH A . 
G 5 HOH 85  244  244  HOH HOH A . 
G 5 HOH 86  245  245  HOH HOH A . 
G 5 HOH 87  246  246  HOH HOH A . 
G 5 HOH 88  247  247  HOH HOH A . 
G 5 HOH 89  248  248  HOH HOH A . 
G 5 HOH 90  249  249  HOH HOH A . 
G 5 HOH 91  250  250  HOH HOH A . 
G 5 HOH 92  251  251  HOH HOH A . 
G 5 HOH 93  252  252  HOH HOH A . 
G 5 HOH 94  253  253  HOH HOH A . 
G 5 HOH 95  254  254  HOH HOH A . 
G 5 HOH 96  255  255  HOH HOH A . 
G 5 HOH 97  256  256  HOH HOH A . 
G 5 HOH 98  257  257  HOH HOH A . 
G 5 HOH 99  258  258  HOH HOH A . 
G 5 HOH 100 259  259  HOH HOH A . 
G 5 HOH 101 260  260  HOH HOH A . 
G 5 HOH 102 261  261  HOH HOH A . 
G 5 HOH 103 262  262  HOH HOH A . 
G 5 HOH 104 263  263  HOH HOH A . 
G 5 HOH 105 264  264  HOH HOH A . 
G 5 HOH 106 265  265  HOH HOH A . 
G 5 HOH 107 266  266  HOH HOH A . 
G 5 HOH 108 267  267  HOH HOH A . 
G 5 HOH 109 268  268  HOH HOH A . 
G 5 HOH 110 269  269  HOH HOH A . 
G 5 HOH 111 270  270  HOH HOH A . 
G 5 HOH 112 271  271  HOH HOH A . 
G 5 HOH 113 272  272  HOH HOH A . 
G 5 HOH 114 273  273  HOH HOH A . 
G 5 HOH 115 274  274  HOH HOH A . 
G 5 HOH 116 275  275  HOH HOH A . 
G 5 HOH 117 276  276  HOH HOH A . 
G 5 HOH 118 277  277  HOH HOH A . 
G 5 HOH 119 278  278  HOH HOH A . 
G 5 HOH 120 279  279  HOH HOH A . 
G 5 HOH 121 280  280  HOH HOH A . 
G 5 HOH 122 281  281  HOH HOH A . 
G 5 HOH 123 282  282  HOH HOH A . 
G 5 HOH 124 283  283  HOH HOH A . 
G 5 HOH 125 284  284  HOH HOH A . 
G 5 HOH 126 285  285  HOH HOH A . 
G 5 HOH 127 286  286  HOH HOH A . 
G 5 HOH 128 287  287  HOH HOH A . 
G 5 HOH 129 288  288  HOH HOH A . 
G 5 HOH 130 289  289  HOH HOH A . 
G 5 HOH 131 290  290  HOH HOH A . 
G 5 HOH 132 291  291  HOH HOH A . 
G 5 HOH 133 292  292  HOH HOH A . 
G 5 HOH 134 293  293  HOH HOH A . 
G 5 HOH 135 294  294  HOH HOH A . 
G 5 HOH 136 295  295  HOH HOH A . 
# 
_pdbx_struct_assembly.id                   1 
_pdbx_struct_assembly.details              author_and_software_defined_assembly 
_pdbx_struct_assembly.method_details       PISA 
_pdbx_struct_assembly.oligomeric_details   monomeric 
_pdbx_struct_assembly.oligomeric_count     1 
# 
_pdbx_struct_assembly_gen.assembly_id       1 
_pdbx_struct_assembly_gen.oper_expression   1 
_pdbx_struct_assembly_gen.asym_id_list      A,B,C,D,E,F,G 
# 
_pdbx_struct_oper_list.id                   1 
_pdbx_struct_oper_list.type                 'identity operation' 
_pdbx_struct_oper_list.name                 1_555 
_pdbx_struct_oper_list.symmetry_operation   x,y,z 
_pdbx_struct_oper_list.matrix[1][1]         1.0000000000 
_pdbx_struct_oper_list.matrix[1][2]         0.0000000000 
_pdbx_struct_oper_list.matrix[1][3]         0.0000000000 
_pdbx_struct_oper_list.vector[1]            0.0000000000 
_pdbx_struct_oper_list.matrix[2][1]         0.0000000000 
_pdbx_struct_oper_list.matrix[2][2]         1.0000000000 
_pdbx_struct_oper_list.matrix[2][3]         0.0000000000 
_pdbx_struct_oper_list.vector[2]            0.0000000000 
_pdbx_struct_oper_list.matrix[3][1]         0.0000000000 
_pdbx_struct_oper_list.matrix[3][2]         0.0000000000 
_pdbx_struct_oper_list.matrix[3][3]         1.0000000000 
_pdbx_struct_oper_list.vector[3]            0.0000000000 
# 
loop_
_pdbx_audit_revision_history.ordinal 
_pdbx_audit_revision_history.data_content_type 
_pdbx_audit_revision_history.major_revision 
_pdbx_audit_revision_history.minor_revision 
_pdbx_audit_revision_history.revision_date 
1 'Structure model' 1 0 2010-12-08 
2 'Structure model' 1 1 2011-07-13 
3 'Structure model' 1 2 2023-09-06 
# 
_pdbx_audit_revision_details.ordinal             1 
_pdbx_audit_revision_details.revision_ordinal    1 
_pdbx_audit_revision_details.data_content_type   'Structure model' 
_pdbx_audit_revision_details.provider            repository 
_pdbx_audit_revision_details.type                'Initial release' 
_pdbx_audit_revision_details.description         ? 
_pdbx_audit_revision_details.details             ? 
# 
loop_
_pdbx_audit_revision_group.ordinal 
_pdbx_audit_revision_group.revision_ordinal 
_pdbx_audit_revision_group.data_content_type 
_pdbx_audit_revision_group.group 
1 2 'Structure model' 'Version format compliance' 
2 3 'Structure model' 'Data collection'           
3 3 'Structure model' 'Database references'       
4 3 'Structure model' 'Derived calculations'      
5 3 'Structure model' 'Refinement description'    
# 
loop_
_pdbx_audit_revision_category.ordinal 
_pdbx_audit_revision_category.revision_ordinal 
_pdbx_audit_revision_category.data_content_type 
_pdbx_audit_revision_category.category 
1 3 'Structure model' chem_comp_atom                
2 3 'Structure model' chem_comp_bond                
3 3 'Structure model' database_2                    
4 3 'Structure model' pdbx_initial_refinement_model 
5 3 'Structure model' struct_ref_seq_dif            
6 3 'Structure model' struct_site                   
# 
loop_
_pdbx_audit_revision_item.ordinal 
_pdbx_audit_revision_item.revision_ordinal 
_pdbx_audit_revision_item.data_content_type 
_pdbx_audit_revision_item.item 
1 3 'Structure model' '_database_2.pdbx_DOI'                
2 3 'Structure model' '_database_2.pdbx_database_accession' 
3 3 'Structure model' '_struct_ref_seq_dif.details'         
4 3 'Structure model' '_struct_site.pdbx_auth_asym_id'      
5 3 'Structure model' '_struct_site.pdbx_auth_comp_id'      
6 3 'Structure model' '_struct_site.pdbx_auth_seq_id'       
# 
loop_
_software.name 
_software.classification 
_software.version 
_software.citation_id 
_software.pdbx_ordinal 
StructureStudio 'data collection' .     ? 1 
PHASER          phasing           .     ? 2 
BUSTER          refinement        2.8.0 ? 3 
d*TREK          'data reduction'  .     ? 4 
# 
loop_
_pdbx_validate_close_contact.id 
_pdbx_validate_close_contact.PDB_model_num 
_pdbx_validate_close_contact.auth_atom_id_1 
_pdbx_validate_close_contact.auth_asym_id_1 
_pdbx_validate_close_contact.auth_comp_id_1 
_pdbx_validate_close_contact.auth_seq_id_1 
_pdbx_validate_close_contact.PDB_ins_code_1 
_pdbx_validate_close_contact.label_alt_id_1 
_pdbx_validate_close_contact.auth_atom_id_2 
_pdbx_validate_close_contact.auth_asym_id_2 
_pdbx_validate_close_contact.auth_comp_id_2 
_pdbx_validate_close_contact.auth_seq_id_2 
_pdbx_validate_close_contact.PDB_ins_code_2 
_pdbx_validate_close_contact.label_alt_id_2 
_pdbx_validate_close_contact.dist 
1 1 O   A ILE 94 ? ? C27 A JZM 1162 ? ? 1.72 
2 1 O   A ILE 94 ? ? C26 A JZM 1162 ? ? 1.74 
3 1 OD1 A ASP 27 ? ? N14 A JZM 1162 ? ? 2.19 
# 
_pdbx_validate_torsion.id              1 
_pdbx_validate_torsion.PDB_model_num   1 
_pdbx_validate_torsion.auth_comp_id    ASP 
_pdbx_validate_torsion.auth_asym_id    A 
_pdbx_validate_torsion.auth_seq_id     69 
_pdbx_validate_torsion.PDB_ins_code    ? 
_pdbx_validate_torsion.label_alt_id    ? 
_pdbx_validate_torsion.phi             -162.26 
_pdbx_validate_torsion.psi             117.33 
# 
loop_
_pdbx_unobs_or_zero_occ_atoms.id 
_pdbx_unobs_or_zero_occ_atoms.PDB_model_num 
_pdbx_unobs_or_zero_occ_atoms.polymer_flag 
_pdbx_unobs_or_zero_occ_atoms.occupancy_flag 
_pdbx_unobs_or_zero_occ_atoms.auth_asym_id 
_pdbx_unobs_or_zero_occ_atoms.auth_comp_id 
_pdbx_unobs_or_zero_occ_atoms.auth_seq_id 
_pdbx_unobs_or_zero_occ_atoms.PDB_ins_code 
_pdbx_unobs_or_zero_occ_atoms.auth_atom_id 
_pdbx_unobs_or_zero_occ_atoms.label_alt_id 
_pdbx_unobs_or_zero_occ_atoms.label_asym_id 
_pdbx_unobs_or_zero_occ_atoms.label_comp_id 
_pdbx_unobs_or_zero_occ_atoms.label_seq_id 
_pdbx_unobs_or_zero_occ_atoms.label_atom_id 
1  1 N 1 A NDP 1160 ? C5D ? B NDP 1 C5D 
2  1 N 1 A NDP 1160 ? C4D ? B NDP 1 C4D 
3  1 N 1 A NDP 1160 ? O4D ? B NDP 1 O4D 
4  1 N 1 A NDP 1160 ? C3D ? B NDP 1 C3D 
5  1 N 1 A NDP 1160 ? O3D ? B NDP 1 O3D 
6  1 N 1 A NDP 1160 ? C2D ? B NDP 1 C2D 
7  1 N 1 A NDP 1160 ? O2D ? B NDP 1 O2D 
8  1 N 1 A NDP 1160 ? C1D ? B NDP 1 C1D 
9  1 N 1 A NDP 1160 ? N1N ? B NDP 1 N1N 
10 1 N 1 A NDP 1160 ? C2N ? B NDP 1 C2N 
11 1 N 1 A NDP 1160 ? C3N ? B NDP 1 C3N 
12 1 N 1 A NDP 1160 ? C7N ? B NDP 1 C7N 
13 1 N 1 A NDP 1160 ? O7N ? B NDP 1 O7N 
14 1 N 1 A NDP 1160 ? N7N ? B NDP 1 N7N 
15 1 N 1 A NDP 1160 ? C4N ? B NDP 1 C4N 
16 1 N 1 A NDP 1160 ? C5N ? B NDP 1 C5N 
17 1 N 1 A NDP 1160 ? C6N ? B NDP 1 C6N 
# 
loop_
_chem_comp_atom.comp_id 
_chem_comp_atom.atom_id 
_chem_comp_atom.type_symbol 
_chem_comp_atom.pdbx_aromatic_flag 
_chem_comp_atom.pdbx_stereo_config 
_chem_comp_atom.pdbx_ordinal 
ALA N    N  N N 1   
ALA CA   C  N S 2   
ALA C    C  N N 3   
ALA O    O  N N 4   
ALA CB   C  N N 5   
ALA OXT  O  N N 6   
ALA H    H  N N 7   
ALA H2   H  N N 8   
ALA HA   H  N N 9   
ALA HB1  H  N N 10  
ALA HB2  H  N N 11  
ALA HB3  H  N N 12  
ALA HXT  H  N N 13  
ARG N    N  N N 14  
ARG CA   C  N S 15  
ARG C    C  N N 16  
ARG O    O  N N 17  
ARG CB   C  N N 18  
ARG CG   C  N N 19  
ARG CD   C  N N 20  
ARG NE   N  N N 21  
ARG CZ   C  N N 22  
ARG NH1  N  N N 23  
ARG NH2  N  N N 24  
ARG OXT  O  N N 25  
ARG H    H  N N 26  
ARG H2   H  N N 27  
ARG HA   H  N N 28  
ARG HB2  H  N N 29  
ARG HB3  H  N N 30  
ARG HG2  H  N N 31  
ARG HG3  H  N N 32  
ARG HD2  H  N N 33  
ARG HD3  H  N N 34  
ARG HE   H  N N 35  
ARG HH11 H  N N 36  
ARG HH12 H  N N 37  
ARG HH21 H  N N 38  
ARG HH22 H  N N 39  
ARG HXT  H  N N 40  
ASN N    N  N N 41  
ASN CA   C  N S 42  
ASN C    C  N N 43  
ASN O    O  N N 44  
ASN CB   C  N N 45  
ASN CG   C  N N 46  
ASN OD1  O  N N 47  
ASN ND2  N  N N 48  
ASN OXT  O  N N 49  
ASN H    H  N N 50  
ASN H2   H  N N 51  
ASN HA   H  N N 52  
ASN HB2  H  N N 53  
ASN HB3  H  N N 54  
ASN HD21 H  N N 55  
ASN HD22 H  N N 56  
ASN HXT  H  N N 57  
ASP N    N  N N 58  
ASP CA   C  N S 59  
ASP C    C  N N 60  
ASP O    O  N N 61  
ASP CB   C  N N 62  
ASP CG   C  N N 63  
ASP OD1  O  N N 64  
ASP OD2  O  N N 65  
ASP OXT  O  N N 66  
ASP H    H  N N 67  
ASP H2   H  N N 68  
ASP HA   H  N N 69  
ASP HB2  H  N N 70  
ASP HB3  H  N N 71  
ASP HD2  H  N N 72  
ASP HXT  H  N N 73  
CA  CA   CA N N 74  
CYS N    N  N N 75  
CYS CA   C  N R 76  
CYS C    C  N N 77  
CYS O    O  N N 78  
CYS CB   C  N N 79  
CYS SG   S  N N 80  
CYS OXT  O  N N 81  
CYS H    H  N N 82  
CYS H2   H  N N 83  
CYS HA   H  N N 84  
CYS HB2  H  N N 85  
CYS HB3  H  N N 86  
CYS HG   H  N N 87  
CYS HXT  H  N N 88  
GLN N    N  N N 89  
GLN CA   C  N S 90  
GLN C    C  N N 91  
GLN O    O  N N 92  
GLN CB   C  N N 93  
GLN CG   C  N N 94  
GLN CD   C  N N 95  
GLN OE1  O  N N 96  
GLN NE2  N  N N 97  
GLN OXT  O  N N 98  
GLN H    H  N N 99  
GLN H2   H  N N 100 
GLN HA   H  N N 101 
GLN HB2  H  N N 102 
GLN HB3  H  N N 103 
GLN HG2  H  N N 104 
GLN HG3  H  N N 105 
GLN HE21 H  N N 106 
GLN HE22 H  N N 107 
GLN HXT  H  N N 108 
GLU N    N  N N 109 
GLU CA   C  N S 110 
GLU C    C  N N 111 
GLU O    O  N N 112 
GLU CB   C  N N 113 
GLU CG   C  N N 114 
GLU CD   C  N N 115 
GLU OE1  O  N N 116 
GLU OE2  O  N N 117 
GLU OXT  O  N N 118 
GLU H    H  N N 119 
GLU H2   H  N N 120 
GLU HA   H  N N 121 
GLU HB2  H  N N 122 
GLU HB3  H  N N 123 
GLU HG2  H  N N 124 
GLU HG3  H  N N 125 
GLU HE2  H  N N 126 
GLU HXT  H  N N 127 
GLY N    N  N N 128 
GLY CA   C  N N 129 
GLY C    C  N N 130 
GLY O    O  N N 131 
GLY OXT  O  N N 132 
GLY H    H  N N 133 
GLY H2   H  N N 134 
GLY HA2  H  N N 135 
GLY HA3  H  N N 136 
GLY HXT  H  N N 137 
HIS N    N  N N 138 
HIS CA   C  N S 139 
HIS C    C  N N 140 
HIS O    O  N N 141 
HIS CB   C  N N 142 
HIS CG   C  Y N 143 
HIS ND1  N  Y N 144 
HIS CD2  C  Y N 145 
HIS CE1  C  Y N 146 
HIS NE2  N  Y N 147 
HIS OXT  O  N N 148 
HIS H    H  N N 149 
HIS H2   H  N N 150 
HIS HA   H  N N 151 
HIS HB2  H  N N 152 
HIS HB3  H  N N 153 
HIS HD1  H  N N 154 
HIS HD2  H  N N 155 
HIS HE1  H  N N 156 
HIS HE2  H  N N 157 
HIS HXT  H  N N 158 
HOH O    O  N N 159 
HOH H1   H  N N 160 
HOH H2   H  N N 161 
ILE N    N  N N 162 
ILE CA   C  N S 163 
ILE C    C  N N 164 
ILE O    O  N N 165 
ILE CB   C  N S 166 
ILE CG1  C  N N 167 
ILE CG2  C  N N 168 
ILE CD1  C  N N 169 
ILE OXT  O  N N 170 
ILE H    H  N N 171 
ILE H2   H  N N 172 
ILE HA   H  N N 173 
ILE HB   H  N N 174 
ILE HG12 H  N N 175 
ILE HG13 H  N N 176 
ILE HG21 H  N N 177 
ILE HG22 H  N N 178 
ILE HG23 H  N N 179 
ILE HD11 H  N N 180 
ILE HD12 H  N N 181 
ILE HD13 H  N N 182 
ILE HXT  H  N N 183 
JZM C1   C  Y N 184 
JZM C2   C  Y N 185 
JZM C3   C  Y N 186 
JZM N4   N  Y N 187 
JZM C5   C  Y N 188 
JZM N6   N  Y N 189 
JZM N7   N  N N 190 
JZM C8   C  Y N 191 
JZM C9   C  Y N 192 
JZM C12  C  Y N 193 
JZM C13  C  Y N 194 
JZM N14  N  N N 195 
JZM S20  S  N N 196 
JZM C22  C  Y N 197 
JZM C23  C  Y N 198 
JZM C24  C  Y N 199 
JZM C25  C  Y N 200 
JZM CL25 CL N N 201 
JZM C26  C  Y N 202 
JZM C27  C  Y N 203 
JZM HN7  H  N N 204 
JZM HN7A H  N N 205 
JZM H8   H  N N 206 
JZM H9   H  N N 207 
JZM H12  H  N N 208 
JZM HN14 H  N N 209 
JZM HN1A H  N N 210 
JZM H23  H  N N 211 
JZM H24  H  N N 212 
JZM H26  H  N N 213 
JZM H27  H  N N 214 
LEU N    N  N N 215 
LEU CA   C  N S 216 
LEU C    C  N N 217 
LEU O    O  N N 218 
LEU CB   C  N N 219 
LEU CG   C  N N 220 
LEU CD1  C  N N 221 
LEU CD2  C  N N 222 
LEU OXT  O  N N 223 
LEU H    H  N N 224 
LEU H2   H  N N 225 
LEU HA   H  N N 226 
LEU HB2  H  N N 227 
LEU HB3  H  N N 228 
LEU HG   H  N N 229 
LEU HD11 H  N N 230 
LEU HD12 H  N N 231 
LEU HD13 H  N N 232 
LEU HD21 H  N N 233 
LEU HD22 H  N N 234 
LEU HD23 H  N N 235 
LEU HXT  H  N N 236 
LYS N    N  N N 237 
LYS CA   C  N S 238 
LYS C    C  N N 239 
LYS O    O  N N 240 
LYS CB   C  N N 241 
LYS CG   C  N N 242 
LYS CD   C  N N 243 
LYS CE   C  N N 244 
LYS NZ   N  N N 245 
LYS OXT  O  N N 246 
LYS H    H  N N 247 
LYS H2   H  N N 248 
LYS HA   H  N N 249 
LYS HB2  H  N N 250 
LYS HB3  H  N N 251 
LYS HG2  H  N N 252 
LYS HG3  H  N N 253 
LYS HD2  H  N N 254 
LYS HD3  H  N N 255 
LYS HE2  H  N N 256 
LYS HE3  H  N N 257 
LYS HZ1  H  N N 258 
LYS HZ2  H  N N 259 
LYS HZ3  H  N N 260 
LYS HXT  H  N N 261 
MET N    N  N N 262 
MET CA   C  N S 263 
MET C    C  N N 264 
MET O    O  N N 265 
MET CB   C  N N 266 
MET CG   C  N N 267 
MET SD   S  N N 268 
MET CE   C  N N 269 
MET OXT  O  N N 270 
MET H    H  N N 271 
MET H2   H  N N 272 
MET HA   H  N N 273 
MET HB2  H  N N 274 
MET HB3  H  N N 275 
MET HG2  H  N N 276 
MET HG3  H  N N 277 
MET HE1  H  N N 278 
MET HE2  H  N N 279 
MET HE3  H  N N 280 
MET HXT  H  N N 281 
NDP PA   P  N S 282 
NDP O1A  O  N N 283 
NDP O2A  O  N N 284 
NDP O5B  O  N N 285 
NDP C5B  C  N N 286 
NDP C4B  C  N R 287 
NDP O4B  O  N N 288 
NDP C3B  C  N R 289 
NDP O3B  O  N N 290 
NDP C2B  C  N R 291 
NDP O2B  O  N N 292 
NDP C1B  C  N R 293 
NDP N9A  N  Y N 294 
NDP C8A  C  Y N 295 
NDP N7A  N  Y N 296 
NDP C5A  C  Y N 297 
NDP C6A  C  Y N 298 
NDP N6A  N  N N 299 
NDP N1A  N  Y N 300 
NDP C2A  C  Y N 301 
NDP N3A  N  Y N 302 
NDP C4A  C  Y N 303 
NDP O3   O  N N 304 
NDP PN   P  N S 305 
NDP O1N  O  N N 306 
NDP O2N  O  N N 307 
NDP O5D  O  N N 308 
NDP C5D  C  N N 309 
NDP C4D  C  N R 310 
NDP O4D  O  N N 311 
NDP C3D  C  N S 312 
NDP O3D  O  N N 313 
NDP C2D  C  N R 314 
NDP O2D  O  N N 315 
NDP C1D  C  N R 316 
NDP N1N  N  N N 317 
NDP C2N  C  N N 318 
NDP C3N  C  N N 319 
NDP C7N  C  N N 320 
NDP O7N  O  N N 321 
NDP N7N  N  N N 322 
NDP C4N  C  N N 323 
NDP C5N  C  N N 324 
NDP C6N  C  N N 325 
NDP P2B  P  N N 326 
NDP O1X  O  N N 327 
NDP O2X  O  N N 328 
NDP O3X  O  N N 329 
NDP HOA2 H  N N 330 
NDP H51A H  N N 331 
NDP H52A H  N N 332 
NDP H4B  H  N N 333 
NDP H3B  H  N N 334 
NDP HO3A H  N N 335 
NDP H2B  H  N N 336 
NDP H1B  H  N N 337 
NDP H8A  H  N N 338 
NDP H61A H  N N 339 
NDP H62A H  N N 340 
NDP H2A  H  N N 341 
NDP H21N H  N N 342 
NDP H51N H  N N 343 
NDP H52N H  N N 344 
NDP H4D  H  N N 345 
NDP H3D  H  N N 346 
NDP HO3N H  N N 347 
NDP H2D  H  N N 348 
NDP HO2N H  N N 349 
NDP H1D  H  N N 350 
NDP H2N  H  N N 351 
NDP H71N H  N N 352 
NDP H72N H  N N 353 
NDP H41N H  N N 354 
NDP H42N H  N N 355 
NDP H5N  H  N N 356 
NDP H6N  H  N N 357 
NDP HOP2 H  N N 358 
NDP HOP3 H  N N 359 
PHE N    N  N N 360 
PHE CA   C  N S 361 
PHE C    C  N N 362 
PHE O    O  N N 363 
PHE CB   C  N N 364 
PHE CG   C  Y N 365 
PHE CD1  C  Y N 366 
PHE CD2  C  Y N 367 
PHE CE1  C  Y N 368 
PHE CE2  C  Y N 369 
PHE CZ   C  Y N 370 
PHE OXT  O  N N 371 
PHE H    H  N N 372 
PHE H2   H  N N 373 
PHE HA   H  N N 374 
PHE HB2  H  N N 375 
PHE HB3  H  N N 376 
PHE HD1  H  N N 377 
PHE HD2  H  N N 378 
PHE HE1  H  N N 379 
PHE HE2  H  N N 380 
PHE HZ   H  N N 381 
PHE HXT  H  N N 382 
PRO N    N  N N 383 
PRO CA   C  N S 384 
PRO C    C  N N 385 
PRO O    O  N N 386 
PRO CB   C  N N 387 
PRO CG   C  N N 388 
PRO CD   C  N N 389 
PRO OXT  O  N N 390 
PRO H    H  N N 391 
PRO HA   H  N N 392 
PRO HB2  H  N N 393 
PRO HB3  H  N N 394 
PRO HG2  H  N N 395 
PRO HG3  H  N N 396 
PRO HD2  H  N N 397 
PRO HD3  H  N N 398 
PRO HXT  H  N N 399 
SER N    N  N N 400 
SER CA   C  N S 401 
SER C    C  N N 402 
SER O    O  N N 403 
SER CB   C  N N 404 
SER OG   O  N N 405 
SER OXT  O  N N 406 
SER H    H  N N 407 
SER H2   H  N N 408 
SER HA   H  N N 409 
SER HB2  H  N N 410 
SER HB3  H  N N 411 
SER HG   H  N N 412 
SER HXT  H  N N 413 
THR N    N  N N 414 
THR CA   C  N S 415 
THR C    C  N N 416 
THR O    O  N N 417 
THR CB   C  N R 418 
THR OG1  O  N N 419 
THR CG2  C  N N 420 
THR OXT  O  N N 421 
THR H    H  N N 422 
THR H2   H  N N 423 
THR HA   H  N N 424 
THR HB   H  N N 425 
THR HG1  H  N N 426 
THR HG21 H  N N 427 
THR HG22 H  N N 428 
THR HG23 H  N N 429 
THR HXT  H  N N 430 
TRP N    N  N N 431 
TRP CA   C  N S 432 
TRP C    C  N N 433 
TRP O    O  N N 434 
TRP CB   C  N N 435 
TRP CG   C  Y N 436 
TRP CD1  C  Y N 437 
TRP CD2  C  Y N 438 
TRP NE1  N  Y N 439 
TRP CE2  C  Y N 440 
TRP CE3  C  Y N 441 
TRP CZ2  C  Y N 442 
TRP CZ3  C  Y N 443 
TRP CH2  C  Y N 444 
TRP OXT  O  N N 445 
TRP H    H  N N 446 
TRP H2   H  N N 447 
TRP HA   H  N N 448 
TRP HB2  H  N N 449 
TRP HB3  H  N N 450 
TRP HD1  H  N N 451 
TRP HE1  H  N N 452 
TRP HE3  H  N N 453 
TRP HZ2  H  N N 454 
TRP HZ3  H  N N 455 
TRP HH2  H  N N 456 
TRP HXT  H  N N 457 
TYR N    N  N N 458 
TYR CA   C  N S 459 
TYR C    C  N N 460 
TYR O    O  N N 461 
TYR CB   C  N N 462 
TYR CG   C  Y N 463 
TYR CD1  C  Y N 464 
TYR CD2  C  Y N 465 
TYR CE1  C  Y N 466 
TYR CE2  C  Y N 467 
TYR CZ   C  Y N 468 
TYR OH   O  N N 469 
TYR OXT  O  N N 470 
TYR H    H  N N 471 
TYR H2   H  N N 472 
TYR HA   H  N N 473 
TYR HB2  H  N N 474 
TYR HB3  H  N N 475 
TYR HD1  H  N N 476 
TYR HD2  H  N N 477 
TYR HE1  H  N N 478 
TYR HE2  H  N N 479 
TYR HH   H  N N 480 
TYR HXT  H  N N 481 
VAL N    N  N N 482 
VAL CA   C  N S 483 
VAL C    C  N N 484 
VAL O    O  N N 485 
VAL CB   C  N N 486 
VAL CG1  C  N N 487 
VAL CG2  C  N N 488 
VAL OXT  O  N N 489 
VAL H    H  N N 490 
VAL H2   H  N N 491 
VAL HA   H  N N 492 
VAL HB   H  N N 493 
VAL HG11 H  N N 494 
VAL HG12 H  N N 495 
VAL HG13 H  N N 496 
VAL HG21 H  N N 497 
VAL HG22 H  N N 498 
VAL HG23 H  N N 499 
VAL HXT  H  N N 500 
# 
loop_
_chem_comp_bond.comp_id 
_chem_comp_bond.atom_id_1 
_chem_comp_bond.atom_id_2 
_chem_comp_bond.value_order 
_chem_comp_bond.pdbx_aromatic_flag 
_chem_comp_bond.pdbx_stereo_config 
_chem_comp_bond.pdbx_ordinal 
ALA N   CA   sing N N 1   
ALA N   H    sing N N 2   
ALA N   H2   sing N N 3   
ALA CA  C    sing N N 4   
ALA CA  CB   sing N N 5   
ALA CA  HA   sing N N 6   
ALA C   O    doub N N 7   
ALA C   OXT  sing N N 8   
ALA CB  HB1  sing N N 9   
ALA CB  HB2  sing N N 10  
ALA CB  HB3  sing N N 11  
ALA OXT HXT  sing N N 12  
ARG N   CA   sing N N 13  
ARG N   H    sing N N 14  
ARG N   H2   sing N N 15  
ARG CA  C    sing N N 16  
ARG CA  CB   sing N N 17  
ARG CA  HA   sing N N 18  
ARG C   O    doub N N 19  
ARG C   OXT  sing N N 20  
ARG CB  CG   sing N N 21  
ARG CB  HB2  sing N N 22  
ARG CB  HB3  sing N N 23  
ARG CG  CD   sing N N 24  
ARG CG  HG2  sing N N 25  
ARG CG  HG3  sing N N 26  
ARG CD  NE   sing N N 27  
ARG CD  HD2  sing N N 28  
ARG CD  HD3  sing N N 29  
ARG NE  CZ   sing N N 30  
ARG NE  HE   sing N N 31  
ARG CZ  NH1  sing N N 32  
ARG CZ  NH2  doub N N 33  
ARG NH1 HH11 sing N N 34  
ARG NH1 HH12 sing N N 35  
ARG NH2 HH21 sing N N 36  
ARG NH2 HH22 sing N N 37  
ARG OXT HXT  sing N N 38  
ASN N   CA   sing N N 39  
ASN N   H    sing N N 40  
ASN N   H2   sing N N 41  
ASN CA  C    sing N N 42  
ASN CA  CB   sing N N 43  
ASN CA  HA   sing N N 44  
ASN C   O    doub N N 45  
ASN C   OXT  sing N N 46  
ASN CB  CG   sing N N 47  
ASN CB  HB2  sing N N 48  
ASN CB  HB3  sing N N 49  
ASN CG  OD1  doub N N 50  
ASN CG  ND2  sing N N 51  
ASN ND2 HD21 sing N N 52  
ASN ND2 HD22 sing N N 53  
ASN OXT HXT  sing N N 54  
ASP N   CA   sing N N 55  
ASP N   H    sing N N 56  
ASP N   H2   sing N N 57  
ASP CA  C    sing N N 58  
ASP CA  CB   sing N N 59  
ASP CA  HA   sing N N 60  
ASP C   O    doub N N 61  
ASP C   OXT  sing N N 62  
ASP CB  CG   sing N N 63  
ASP CB  HB2  sing N N 64  
ASP CB  HB3  sing N N 65  
ASP CG  OD1  doub N N 66  
ASP CG  OD2  sing N N 67  
ASP OD2 HD2  sing N N 68  
ASP OXT HXT  sing N N 69  
CYS N   CA   sing N N 70  
CYS N   H    sing N N 71  
CYS N   H2   sing N N 72  
CYS CA  C    sing N N 73  
CYS CA  CB   sing N N 74  
CYS CA  HA   sing N N 75  
CYS C   O    doub N N 76  
CYS C   OXT  sing N N 77  
CYS CB  SG   sing N N 78  
CYS CB  HB2  sing N N 79  
CYS CB  HB3  sing N N 80  
CYS SG  HG   sing N N 81  
CYS OXT HXT  sing N N 82  
GLN N   CA   sing N N 83  
GLN N   H    sing N N 84  
GLN N   H2   sing N N 85  
GLN CA  C    sing N N 86  
GLN CA  CB   sing N N 87  
GLN CA  HA   sing N N 88  
GLN C   O    doub N N 89  
GLN C   OXT  sing N N 90  
GLN CB  CG   sing N N 91  
GLN CB  HB2  sing N N 92  
GLN CB  HB3  sing N N 93  
GLN CG  CD   sing N N 94  
GLN CG  HG2  sing N N 95  
GLN CG  HG3  sing N N 96  
GLN CD  OE1  doub N N 97  
GLN CD  NE2  sing N N 98  
GLN NE2 HE21 sing N N 99  
GLN NE2 HE22 sing N N 100 
GLN OXT HXT  sing N N 101 
GLU N   CA   sing N N 102 
GLU N   H    sing N N 103 
GLU N   H2   sing N N 104 
GLU CA  C    sing N N 105 
GLU CA  CB   sing N N 106 
GLU CA  HA   sing N N 107 
GLU C   O    doub N N 108 
GLU C   OXT  sing N N 109 
GLU CB  CG   sing N N 110 
GLU CB  HB2  sing N N 111 
GLU CB  HB3  sing N N 112 
GLU CG  CD   sing N N 113 
GLU CG  HG2  sing N N 114 
GLU CG  HG3  sing N N 115 
GLU CD  OE1  doub N N 116 
GLU CD  OE2  sing N N 117 
GLU OE2 HE2  sing N N 118 
GLU OXT HXT  sing N N 119 
GLY N   CA   sing N N 120 
GLY N   H    sing N N 121 
GLY N   H2   sing N N 122 
GLY CA  C    sing N N 123 
GLY CA  HA2  sing N N 124 
GLY CA  HA3  sing N N 125 
GLY C   O    doub N N 126 
GLY C   OXT  sing N N 127 
GLY OXT HXT  sing N N 128 
HIS N   CA   sing N N 129 
HIS N   H    sing N N 130 
HIS N   H2   sing N N 131 
HIS CA  C    sing N N 132 
HIS CA  CB   sing N N 133 
HIS CA  HA   sing N N 134 
HIS C   O    doub N N 135 
HIS C   OXT  sing N N 136 
HIS CB  CG   sing N N 137 
HIS CB  HB2  sing N N 138 
HIS CB  HB3  sing N N 139 
HIS CG  ND1  sing Y N 140 
HIS CG  CD2  doub Y N 141 
HIS ND1 CE1  doub Y N 142 
HIS ND1 HD1  sing N N 143 
HIS CD2 NE2  sing Y N 144 
HIS CD2 HD2  sing N N 145 
HIS CE1 NE2  sing Y N 146 
HIS CE1 HE1  sing N N 147 
HIS NE2 HE2  sing N N 148 
HIS OXT HXT  sing N N 149 
HOH O   H1   sing N N 150 
HOH O   H2   sing N N 151 
ILE N   CA   sing N N 152 
ILE N   H    sing N N 153 
ILE N   H2   sing N N 154 
ILE CA  C    sing N N 155 
ILE CA  CB   sing N N 156 
ILE CA  HA   sing N N 157 
ILE C   O    doub N N 158 
ILE C   OXT  sing N N 159 
ILE CB  CG1  sing N N 160 
ILE CB  CG2  sing N N 161 
ILE CB  HB   sing N N 162 
ILE CG1 CD1  sing N N 163 
ILE CG1 HG12 sing N N 164 
ILE CG1 HG13 sing N N 165 
ILE CG2 HG21 sing N N 166 
ILE CG2 HG22 sing N N 167 
ILE CG2 HG23 sing N N 168 
ILE CD1 HD11 sing N N 169 
ILE CD1 HD12 sing N N 170 
ILE CD1 HD13 sing N N 171 
ILE OXT HXT  sing N N 172 
JZM C1  C2   doub Y N 173 
JZM C1  N6   sing Y N 174 
JZM C1  C8   sing Y N 175 
JZM C2  C3   sing Y N 176 
JZM C2  C13  sing Y N 177 
JZM C3  N4   doub Y N 178 
JZM C3  N7   sing N N 179 
JZM N4  C5   sing Y N 180 
JZM C5  N6   doub Y N 181 
JZM C5  N14  sing N N 182 
JZM C8  C9   doub Y N 183 
JZM C9  C12  sing Y N 184 
JZM C12 C13  doub Y N 185 
JZM C13 S20  sing N N 186 
JZM S20 C22  sing N N 187 
JZM C22 C23  doub Y N 188 
JZM C22 C27  sing Y N 189 
JZM C23 C24  sing Y N 190 
JZM C24 C25  doub Y N 191 
JZM C25 CL25 sing N N 192 
JZM C25 C26  sing Y N 193 
JZM C26 C27  doub Y N 194 
JZM N7  HN7  sing N N 195 
JZM N7  HN7A sing N N 196 
JZM C8  H8   sing N N 197 
JZM C9  H9   sing N N 198 
JZM C12 H12  sing N N 199 
JZM N14 HN14 sing N N 200 
JZM N14 HN1A sing N N 201 
JZM C23 H23  sing N N 202 
JZM C24 H24  sing N N 203 
JZM C26 H26  sing N N 204 
JZM C27 H27  sing N N 205 
LEU N   CA   sing N N 206 
LEU N   H    sing N N 207 
LEU N   H2   sing N N 208 
LEU CA  C    sing N N 209 
LEU CA  CB   sing N N 210 
LEU CA  HA   sing N N 211 
LEU C   O    doub N N 212 
LEU C   OXT  sing N N 213 
LEU CB  CG   sing N N 214 
LEU CB  HB2  sing N N 215 
LEU CB  HB3  sing N N 216 
LEU CG  CD1  sing N N 217 
LEU CG  CD2  sing N N 218 
LEU CG  HG   sing N N 219 
LEU CD1 HD11 sing N N 220 
LEU CD1 HD12 sing N N 221 
LEU CD1 HD13 sing N N 222 
LEU CD2 HD21 sing N N 223 
LEU CD2 HD22 sing N N 224 
LEU CD2 HD23 sing N N 225 
LEU OXT HXT  sing N N 226 
LYS N   CA   sing N N 227 
LYS N   H    sing N N 228 
LYS N   H2   sing N N 229 
LYS CA  C    sing N N 230 
LYS CA  CB   sing N N 231 
LYS CA  HA   sing N N 232 
LYS C   O    doub N N 233 
LYS C   OXT  sing N N 234 
LYS CB  CG   sing N N 235 
LYS CB  HB2  sing N N 236 
LYS CB  HB3  sing N N 237 
LYS CG  CD   sing N N 238 
LYS CG  HG2  sing N N 239 
LYS CG  HG3  sing N N 240 
LYS CD  CE   sing N N 241 
LYS CD  HD2  sing N N 242 
LYS CD  HD3  sing N N 243 
LYS CE  NZ   sing N N 244 
LYS CE  HE2  sing N N 245 
LYS CE  HE3  sing N N 246 
LYS NZ  HZ1  sing N N 247 
LYS NZ  HZ2  sing N N 248 
LYS NZ  HZ3  sing N N 249 
LYS OXT HXT  sing N N 250 
MET N   CA   sing N N 251 
MET N   H    sing N N 252 
MET N   H2   sing N N 253 
MET CA  C    sing N N 254 
MET CA  CB   sing N N 255 
MET CA  HA   sing N N 256 
MET C   O    doub N N 257 
MET C   OXT  sing N N 258 
MET CB  CG   sing N N 259 
MET CB  HB2  sing N N 260 
MET CB  HB3  sing N N 261 
MET CG  SD   sing N N 262 
MET CG  HG2  sing N N 263 
MET CG  HG3  sing N N 264 
MET SD  CE   sing N N 265 
MET CE  HE1  sing N N 266 
MET CE  HE2  sing N N 267 
MET CE  HE3  sing N N 268 
MET OXT HXT  sing N N 269 
NDP PA  O1A  doub N N 270 
NDP PA  O2A  sing N N 271 
NDP PA  O5B  sing N N 272 
NDP PA  O3   sing N N 273 
NDP O2A HOA2 sing N N 274 
NDP O5B C5B  sing N N 275 
NDP C5B C4B  sing N N 276 
NDP C5B H51A sing N N 277 
NDP C5B H52A sing N N 278 
NDP C4B O4B  sing N N 279 
NDP C4B C3B  sing N N 280 
NDP C4B H4B  sing N N 281 
NDP O4B C1B  sing N N 282 
NDP C3B O3B  sing N N 283 
NDP C3B C2B  sing N N 284 
NDP C3B H3B  sing N N 285 
NDP O3B HO3A sing N N 286 
NDP C2B O2B  sing N N 287 
NDP C2B C1B  sing N N 288 
NDP C2B H2B  sing N N 289 
NDP O2B P2B  sing N N 290 
NDP C1B N9A  sing N N 291 
NDP C1B H1B  sing N N 292 
NDP N9A C8A  sing Y N 293 
NDP N9A C4A  sing Y N 294 
NDP C8A N7A  doub Y N 295 
NDP C8A H8A  sing N N 296 
NDP N7A C5A  sing Y N 297 
NDP C5A C6A  sing Y N 298 
NDP C5A C4A  doub Y N 299 
NDP C6A N6A  sing N N 300 
NDP C6A N1A  doub Y N 301 
NDP N6A H61A sing N N 302 
NDP N6A H62A sing N N 303 
NDP N1A C2A  sing Y N 304 
NDP C2A N3A  doub Y N 305 
NDP C2A H2A  sing N N 306 
NDP N3A C4A  sing Y N 307 
NDP O3  PN   sing N N 308 
NDP PN  O1N  doub N N 309 
NDP PN  O2N  sing N N 310 
NDP PN  O5D  sing N N 311 
NDP O2N H21N sing N N 312 
NDP O5D C5D  sing N N 313 
NDP C5D C4D  sing N N 314 
NDP C5D H51N sing N N 315 
NDP C5D H52N sing N N 316 
NDP C4D O4D  sing N N 317 
NDP C4D C3D  sing N N 318 
NDP C4D H4D  sing N N 319 
NDP O4D C1D  sing N N 320 
NDP C3D O3D  sing N N 321 
NDP C3D C2D  sing N N 322 
NDP C3D H3D  sing N N 323 
NDP O3D HO3N sing N N 324 
NDP C2D O2D  sing N N 325 
NDP C2D C1D  sing N N 326 
NDP C2D H2D  sing N N 327 
NDP O2D HO2N sing N N 328 
NDP C1D N1N  sing N N 329 
NDP C1D H1D  sing N N 330 
NDP N1N C2N  sing N N 331 
NDP N1N C6N  sing N N 332 
NDP C2N C3N  doub N N 333 
NDP C2N H2N  sing N N 334 
NDP C3N C7N  sing N N 335 
NDP C3N C4N  sing N N 336 
NDP C7N O7N  doub N N 337 
NDP C7N N7N  sing N N 338 
NDP N7N H71N sing N N 339 
NDP N7N H72N sing N N 340 
NDP C4N C5N  sing N N 341 
NDP C4N H41N sing N N 342 
NDP C4N H42N sing N N 343 
NDP C5N C6N  doub N N 344 
NDP C5N H5N  sing N N 345 
NDP C6N H6N  sing N N 346 
NDP P2B O1X  doub N N 347 
NDP P2B O2X  sing N N 348 
NDP P2B O3X  sing N N 349 
NDP O2X HOP2 sing N N 350 
NDP O3X HOP3 sing N N 351 
PHE N   CA   sing N N 352 
PHE N   H    sing N N 353 
PHE N   H2   sing N N 354 
PHE CA  C    sing N N 355 
PHE CA  CB   sing N N 356 
PHE CA  HA   sing N N 357 
PHE C   O    doub N N 358 
PHE C   OXT  sing N N 359 
PHE CB  CG   sing N N 360 
PHE CB  HB2  sing N N 361 
PHE CB  HB3  sing N N 362 
PHE CG  CD1  doub Y N 363 
PHE CG  CD2  sing Y N 364 
PHE CD1 CE1  sing Y N 365 
PHE CD1 HD1  sing N N 366 
PHE CD2 CE2  doub Y N 367 
PHE CD2 HD2  sing N N 368 
PHE CE1 CZ   doub Y N 369 
PHE CE1 HE1  sing N N 370 
PHE CE2 CZ   sing Y N 371 
PHE CE2 HE2  sing N N 372 
PHE CZ  HZ   sing N N 373 
PHE OXT HXT  sing N N 374 
PRO N   CA   sing N N 375 
PRO N   CD   sing N N 376 
PRO N   H    sing N N 377 
PRO CA  C    sing N N 378 
PRO CA  CB   sing N N 379 
PRO CA  HA   sing N N 380 
PRO C   O    doub N N 381 
PRO C   OXT  sing N N 382 
PRO CB  CG   sing N N 383 
PRO CB  HB2  sing N N 384 
PRO CB  HB3  sing N N 385 
PRO CG  CD   sing N N 386 
PRO CG  HG2  sing N N 387 
PRO CG  HG3  sing N N 388 
PRO CD  HD2  sing N N 389 
PRO CD  HD3  sing N N 390 
PRO OXT HXT  sing N N 391 
SER N   CA   sing N N 392 
SER N   H    sing N N 393 
SER N   H2   sing N N 394 
SER CA  C    sing N N 395 
SER CA  CB   sing N N 396 
SER CA  HA   sing N N 397 
SER C   O    doub N N 398 
SER C   OXT  sing N N 399 
SER CB  OG   sing N N 400 
SER CB  HB2  sing N N 401 
SER CB  HB3  sing N N 402 
SER OG  HG   sing N N 403 
SER OXT HXT  sing N N 404 
THR N   CA   sing N N 405 
THR N   H    sing N N 406 
THR N   H2   sing N N 407 
THR CA  C    sing N N 408 
THR CA  CB   sing N N 409 
THR CA  HA   sing N N 410 
THR C   O    doub N N 411 
THR C   OXT  sing N N 412 
THR CB  OG1  sing N N 413 
THR CB  CG2  sing N N 414 
THR CB  HB   sing N N 415 
THR OG1 HG1  sing N N 416 
THR CG2 HG21 sing N N 417 
THR CG2 HG22 sing N N 418 
THR CG2 HG23 sing N N 419 
THR OXT HXT  sing N N 420 
TRP N   CA   sing N N 421 
TRP N   H    sing N N 422 
TRP N   H2   sing N N 423 
TRP CA  C    sing N N 424 
TRP CA  CB   sing N N 425 
TRP CA  HA   sing N N 426 
TRP C   O    doub N N 427 
TRP C   OXT  sing N N 428 
TRP CB  CG   sing N N 429 
TRP CB  HB2  sing N N 430 
TRP CB  HB3  sing N N 431 
TRP CG  CD1  doub Y N 432 
TRP CG  CD2  sing Y N 433 
TRP CD1 NE1  sing Y N 434 
TRP CD1 HD1  sing N N 435 
TRP CD2 CE2  doub Y N 436 
TRP CD2 CE3  sing Y N 437 
TRP NE1 CE2  sing Y N 438 
TRP NE1 HE1  sing N N 439 
TRP CE2 CZ2  sing Y N 440 
TRP CE3 CZ3  doub Y N 441 
TRP CE3 HE3  sing N N 442 
TRP CZ2 CH2  doub Y N 443 
TRP CZ2 HZ2  sing N N 444 
TRP CZ3 CH2  sing Y N 445 
TRP CZ3 HZ3  sing N N 446 
TRP CH2 HH2  sing N N 447 
TRP OXT HXT  sing N N 448 
TYR N   CA   sing N N 449 
TYR N   H    sing N N 450 
TYR N   H2   sing N N 451 
TYR CA  C    sing N N 452 
TYR CA  CB   sing N N 453 
TYR CA  HA   sing N N 454 
TYR C   O    doub N N 455 
TYR C   OXT  sing N N 456 
TYR CB  CG   sing N N 457 
TYR CB  HB2  sing N N 458 
TYR CB  HB3  sing N N 459 
TYR CG  CD1  doub Y N 460 
TYR CG  CD2  sing Y N 461 
TYR CD1 CE1  sing Y N 462 
TYR CD1 HD1  sing N N 463 
TYR CD2 CE2  doub Y N 464 
TYR CD2 HD2  sing N N 465 
TYR CE1 CZ   doub Y N 466 
TYR CE1 HE1  sing N N 467 
TYR CE2 CZ   sing Y N 468 
TYR CE2 HE2  sing N N 469 
TYR CZ  OH   sing N N 470 
TYR OH  HH   sing N N 471 
TYR OXT HXT  sing N N 472 
VAL N   CA   sing N N 473 
VAL N   H    sing N N 474 
VAL N   H2   sing N N 475 
VAL CA  C    sing N N 476 
VAL CA  CB   sing N N 477 
VAL CA  HA   sing N N 478 
VAL C   O    doub N N 479 
VAL C   OXT  sing N N 480 
VAL CB  CG1  sing N N 481 
VAL CB  CG2  sing N N 482 
VAL CB  HB   sing N N 483 
VAL CG1 HG11 sing N N 484 
VAL CG1 HG12 sing N N 485 
VAL CG1 HG13 sing N N 486 
VAL CG2 HG21 sing N N 487 
VAL CG2 HG22 sing N N 488 
VAL CG2 HG23 sing N N 489 
VAL OXT HXT  sing N N 490 
# 
loop_
_pdbx_entity_nonpoly.entity_id 
_pdbx_entity_nonpoly.name 
_pdbx_entity_nonpoly.comp_id 
2 'NADPH DIHYDRO-NICOTINAMIDE-ADENINE-DINUCLEOTIDE PHOSPHATE' NDP 
3 '5-[(4-chlorophenyl)sulfanyl]quinazoline-2,4-diamine'       JZM 
4 'CALCIUM ION'                                               CA  
5 water                                                       HOH 
# 
_pdbx_initial_refinement_model.id               1 
_pdbx_initial_refinement_model.entity_id_list   ? 
_pdbx_initial_refinement_model.type             'experimental model' 
_pdbx_initial_refinement_model.source_name      PDB 
_pdbx_initial_refinement_model.accession_code   1RX5 
_pdbx_initial_refinement_model.details          'PDB ENTRY 1RX5' 
# 
